data_5T11
#
_entry.id   5T11
#
_cell.length_a   141.279
_cell.length_b   167.197
_cell.length_c   94.182
_cell.angle_alpha   90.00
_cell.angle_beta   104.15
_cell.angle_gamma   90.00
#
_symmetry.space_group_name_H-M   'C 1 2 1'
#
loop_
_entity.id
_entity.type
_entity.pdbx_description
1 polymer 'Uncharacterized protein'
2 water water
#
_entity_poly.entity_id   1
_entity_poly.type   'polypeptide(L)'
_entity_poly.pdbx_seq_one_letter_code
;GSH(MSE)GTVRQTSGPALARGDKVAVVSIANYTETPDAGHSAESIAANTLRAGGIADVRIAPADSNRNSLFDTTQRADS
DKA(MSE)EWARSQNARYVLSGAVEEWRYKTGVDGEPVVGVTFELIDVSNGAVVWSATGTRTGWSRSGLSSVATSLIAKV
LSPLQARQ
;
_entity_poly.pdbx_strand_id   A,B,C,D,E,F,G,H,I,J,K,L
#
# COMPACT_ATOMS: atom_id res chain seq x y z
N MSE A 4 34.09 -7.80 13.27
CA MSE A 4 33.95 -7.06 14.51
C MSE A 4 32.93 -7.72 15.43
O MSE A 4 31.91 -8.22 14.99
CB MSE A 4 33.56 -5.61 14.24
N GLY A 5 33.23 -7.67 16.72
CA GLY A 5 32.51 -8.38 17.76
C GLY A 5 33.53 -8.93 18.74
N THR A 6 33.08 -9.56 19.82
CA THR A 6 34.01 -10.15 20.78
C THR A 6 33.54 -11.55 21.17
N VAL A 7 34.46 -12.30 21.76
CA VAL A 7 34.20 -13.59 22.37
C VAL A 7 34.72 -13.57 23.79
N ARG A 8 33.90 -13.97 24.74
CA ARG A 8 34.27 -14.04 26.15
C ARG A 8 33.89 -15.43 26.65
N GLN A 9 34.88 -16.18 27.15
CA GLN A 9 34.76 -17.57 27.56
C GLN A 9 35.28 -17.74 28.99
N THR A 10 34.60 -18.57 29.77
CA THR A 10 35.08 -18.90 31.11
C THR A 10 36.12 -20.02 31.01
N SER A 11 36.70 -20.37 32.15
CA SER A 11 37.47 -21.60 32.22
C SER A 11 36.55 -22.80 32.07
N GLY A 12 37.13 -23.93 31.69
CA GLY A 12 36.37 -25.13 31.50
C GLY A 12 37.26 -26.35 31.55
N PRO A 13 36.65 -27.52 31.59
CA PRO A 13 37.43 -28.75 31.65
C PRO A 13 38.10 -29.03 30.31
N ALA A 14 39.08 -29.92 30.34
CA ALA A 14 39.66 -30.41 29.09
C ALA A 14 38.78 -31.53 28.56
N LEU A 15 38.14 -31.30 27.40
CA LEU A 15 37.24 -32.30 26.84
C LEU A 15 38.01 -33.46 26.23
N ALA A 16 37.56 -34.67 26.50
CA ALA A 16 38.11 -35.87 25.90
C ALA A 16 37.34 -36.23 24.64
N ARG A 17 38.02 -36.95 23.74
CA ARG A 17 37.38 -37.37 22.51
C ARG A 17 36.16 -38.24 22.78
N GLY A 18 36.26 -39.12 23.79
CA GLY A 18 35.20 -40.03 24.17
C GLY A 18 34.13 -39.46 25.06
N ASP A 19 34.17 -38.16 25.36
CA ASP A 19 33.14 -37.53 26.17
C ASP A 19 31.86 -37.39 25.34
N LYS A 20 30.78 -38.03 25.79
CA LYS A 20 29.50 -37.96 25.08
C LYS A 20 28.85 -36.60 25.33
N VAL A 21 28.48 -35.89 24.26
CA VAL A 21 27.90 -34.56 24.41
C VAL A 21 26.56 -34.51 23.69
N ALA A 22 25.52 -34.11 24.42
CA ALA A 22 24.21 -33.85 23.83
C ALA A 22 23.99 -32.34 23.67
N VAL A 23 23.62 -31.92 22.46
CA VAL A 23 23.25 -30.52 22.21
C VAL A 23 21.74 -30.43 22.43
N VAL A 24 21.33 -29.60 23.38
CA VAL A 24 19.94 -29.52 23.80
C VAL A 24 19.45 -28.09 23.66
N SER A 25 18.33 -27.92 22.95
CA SER A 25 17.45 -26.76 22.95
C SER A 25 18.15 -25.43 23.08
N ILE A 26 18.68 -24.92 21.97
CA ILE A 26 19.27 -23.59 21.90
C ILE A 26 18.14 -22.61 21.59
N ALA A 27 17.81 -21.78 22.57
CA ALA A 27 16.64 -20.92 22.43
C ALA A 27 16.85 -19.88 21.32
N ASN A 28 15.73 -19.43 20.76
CA ASN A 28 15.73 -18.47 19.67
C ASN A 28 15.07 -17.19 20.18
N TYR A 29 15.88 -16.18 20.46
CA TYR A 29 15.34 -14.89 20.89
C TYR A 29 15.28 -13.88 19.76
N THR A 30 15.30 -14.34 18.51
CA THR A 30 15.24 -13.48 17.34
C THR A 30 13.94 -13.69 16.59
N GLU A 31 13.71 -12.83 15.62
CA GLU A 31 12.59 -12.98 14.71
C GLU A 31 12.97 -13.66 13.41
N THR A 32 14.15 -14.29 13.34
CA THR A 32 14.46 -15.19 12.23
C THR A 32 13.97 -16.58 12.59
N PRO A 33 12.96 -17.12 11.90
CA PRO A 33 12.52 -18.48 12.20
C PRO A 33 13.66 -19.50 12.16
N ASP A 34 13.64 -20.44 13.11
CA ASP A 34 14.53 -21.59 13.14
C ASP A 34 16.00 -21.23 13.41
N ALA A 35 16.31 -19.99 13.77
CA ALA A 35 17.71 -19.63 14.02
C ALA A 35 18.31 -20.49 15.14
N GLY A 36 17.51 -20.80 16.16
CA GLY A 36 18.01 -21.66 17.22
C GLY A 36 18.35 -23.05 16.73
N HIS A 37 17.55 -23.59 15.80
CA HIS A 37 17.83 -24.91 15.27
C HIS A 37 19.05 -24.90 14.38
N SER A 38 19.21 -23.84 13.57
CA SER A 38 20.44 -23.68 12.81
C SER A 38 21.65 -23.61 13.72
N ALA A 39 21.54 -22.90 14.85
CA ALA A 39 22.66 -22.85 15.80
C ALA A 39 22.95 -24.21 16.40
N GLU A 40 21.91 -25.03 16.62
CA GLU A 40 22.14 -26.38 17.14
C GLU A 40 22.92 -27.23 16.14
N SER A 41 22.52 -27.19 14.86
CA SER A 41 23.16 -28.03 13.84
C SER A 41 24.61 -27.61 13.65
N ILE A 42 24.83 -26.30 13.52
CA ILE A 42 26.18 -25.77 13.38
C ILE A 42 27.01 -26.10 14.61
N ALA A 43 26.44 -25.94 15.80
CA ALA A 43 27.21 -26.19 17.02
C ALA A 43 27.57 -27.67 17.14
N ALA A 44 26.64 -28.57 16.81
CA ALA A 44 26.94 -29.99 16.91
C ALA A 44 28.09 -30.38 15.98
N ASN A 45 28.05 -29.88 14.73
CA ASN A 45 29.14 -30.15 13.80
C ASN A 45 30.46 -29.52 14.27
N THR A 46 30.39 -28.36 14.92
CA THR A 46 31.60 -27.73 15.44
C THR A 46 32.26 -28.61 16.50
N LEU A 47 31.48 -29.07 17.47
CA LEU A 47 32.03 -29.94 18.51
C LEU A 47 32.63 -31.18 17.89
N ARG A 48 31.97 -31.75 16.87
CA ARG A 48 32.50 -32.93 16.20
C ARG A 48 33.81 -32.61 15.49
N ALA A 49 33.85 -31.50 14.76
CA ALA A 49 35.06 -31.12 14.04
C ALA A 49 36.19 -30.79 15.01
N GLY A 50 35.86 -30.35 16.23
CA GLY A 50 36.84 -30.10 17.25
C GLY A 50 37.43 -31.37 17.85
N GLY A 51 36.84 -32.53 17.57
CA GLY A 51 37.44 -33.78 17.98
C GLY A 51 36.58 -34.60 18.92
N ILE A 52 35.38 -34.14 19.21
CA ILE A 52 34.47 -34.94 20.03
C ILE A 52 33.76 -35.95 19.13
N ALA A 53 34.01 -37.24 19.40
CA ALA A 53 33.54 -38.30 18.51
C ALA A 53 32.01 -38.42 18.52
N ASP A 54 31.39 -38.31 19.69
CA ASP A 54 30.00 -38.68 19.88
C ASP A 54 29.22 -37.44 20.30
N VAL A 55 28.56 -36.80 19.32
CA VAL A 55 27.71 -35.64 19.57
C VAL A 55 26.34 -35.90 18.95
N ARG A 56 25.27 -35.67 19.72
CA ARG A 56 23.92 -35.85 19.25
C ARG A 56 23.08 -34.64 19.64
N ILE A 57 22.08 -34.32 18.82
CA ILE A 57 21.12 -33.26 19.10
C ILE A 57 19.86 -33.90 19.65
N ALA A 58 19.35 -33.37 20.76
CA ALA A 58 18.11 -33.87 21.32
C ALA A 58 16.93 -33.56 20.39
N PRO A 59 15.88 -34.40 20.39
CA PRO A 59 14.74 -34.13 19.52
C PRO A 59 13.74 -33.14 20.12
N GLU A 81 16.69 -36.72 33.02
CA GLU A 81 16.93 -35.98 31.78
C GLU A 81 16.98 -36.92 30.59
N TRP A 82 16.70 -36.39 29.40
CA TRP A 82 16.88 -37.18 28.19
C TRP A 82 18.37 -37.50 27.97
N ALA A 83 19.24 -36.54 28.28
CA ALA A 83 20.67 -36.78 28.09
C ALA A 83 21.17 -37.91 28.98
N ARG A 84 20.71 -37.96 30.23
CA ARG A 84 21.16 -39.01 31.13
C ARG A 84 20.75 -40.39 30.65
N SER A 85 19.65 -40.49 29.90
CA SER A 85 19.29 -41.76 29.27
C SER A 85 20.21 -42.10 28.11
N GLN A 86 20.67 -41.08 27.37
CA GLN A 86 21.62 -41.29 26.29
C GLN A 86 23.06 -41.48 26.79
N ASN A 87 23.26 -41.49 28.12
CA ASN A 87 24.57 -41.64 28.73
C ASN A 87 25.52 -40.49 28.41
N ALA A 88 24.97 -39.28 28.18
CA ALA A 88 25.82 -38.13 27.87
C ALA A 88 26.59 -37.68 29.10
N ARG A 89 27.88 -37.38 28.92
CA ARG A 89 28.65 -36.78 29.99
C ARG A 89 28.34 -35.29 30.14
N TYR A 90 28.17 -34.59 29.02
CA TYR A 90 27.90 -33.15 29.04
C TYR A 90 26.73 -32.81 28.14
N VAL A 91 26.07 -31.70 28.48
CA VAL A 91 25.04 -31.09 27.66
C VAL A 91 25.51 -29.70 27.27
N LEU A 92 25.36 -29.37 26.00
CA LEU A 92 25.62 -28.02 25.52
C LEU A 92 24.27 -27.37 25.21
N SER A 93 24.01 -26.24 25.84
CA SER A 93 22.81 -25.46 25.56
C SER A 93 23.23 -24.01 25.33
N GLY A 94 22.23 -23.14 25.14
CA GLY A 94 22.52 -21.74 24.89
C GLY A 94 21.32 -21.02 24.26
N ALA A 95 21.62 -19.87 23.64
CA ALA A 95 20.54 -19.04 23.11
C ALA A 95 21.08 -18.16 22.00
N VAL A 96 20.26 -17.90 20.99
CA VAL A 96 20.61 -16.96 19.95
C VAL A 96 19.96 -15.61 20.28
N GLU A 97 20.78 -14.60 20.49
CA GLU A 97 20.27 -13.26 20.76
C GLU A 97 20.12 -12.41 19.51
N GLU A 98 20.86 -12.75 18.44
CA GLU A 98 20.76 -11.97 17.22
C GLU A 98 21.19 -12.86 16.07
N TRP A 99 20.46 -12.77 14.97
CA TRP A 99 20.71 -13.63 13.82
C TRP A 99 19.94 -13.08 12.63
N ARG A 100 20.44 -12.03 11.99
CA ARG A 100 19.70 -11.36 10.93
C ARG A 100 20.68 -10.59 10.07
N TYR A 101 20.20 -10.15 8.90
CA TYR A 101 20.83 -9.04 8.21
C TYR A 101 20.21 -7.77 8.76
N LYS A 102 21.02 -6.74 8.96
CA LYS A 102 20.44 -5.45 9.28
C LYS A 102 19.64 -4.93 8.09
N THR A 103 18.75 -3.98 8.35
CA THR A 103 17.76 -3.63 7.36
C THR A 103 18.40 -2.89 6.18
N GLY A 104 17.79 -3.03 5.01
CA GLY A 104 18.21 -2.32 3.83
C GLY A 104 19.10 -3.15 2.92
N VAL A 105 19.19 -2.70 1.67
CA VAL A 105 20.12 -3.27 0.71
C VAL A 105 21.52 -3.17 1.28
N ASP A 106 22.29 -4.27 1.19
CA ASP A 106 23.64 -4.32 1.75
C ASP A 106 23.65 -4.17 3.28
N GLY A 107 22.53 -4.39 3.94
CA GLY A 107 22.57 -4.51 5.39
C GLY A 107 23.40 -5.72 5.78
N GLU A 108 24.33 -5.54 6.74
CA GLU A 108 25.33 -6.53 7.08
C GLU A 108 24.75 -7.63 8.00
N PRO A 109 25.28 -8.85 7.91
CA PRO A 109 24.85 -9.89 8.85
C PRO A 109 25.41 -9.63 10.26
N VAL A 110 24.55 -9.86 11.27
CA VAL A 110 24.94 -9.74 12.67
C VAL A 110 24.49 -10.99 13.43
N VAL A 111 25.35 -11.50 14.30
CA VAL A 111 25.05 -12.73 15.04
C VAL A 111 25.43 -12.52 16.50
N GLY A 112 24.55 -12.94 17.41
CA GLY A 112 24.89 -13.03 18.82
C GLY A 112 24.38 -14.32 19.45
N VAL A 113 25.25 -15.04 20.16
CA VAL A 113 24.96 -16.35 20.75
C VAL A 113 25.58 -16.43 22.15
N THR A 114 24.91 -17.15 23.04
CA THR A 114 25.46 -17.60 24.31
C THR A 114 25.40 -19.12 24.38
N PHE A 115 26.42 -19.74 24.98
CA PHE A 115 26.46 -21.18 25.18
C PHE A 115 26.75 -21.51 26.64
N GLU A 116 26.21 -22.64 27.12
CA GLU A 116 26.58 -23.17 28.43
C GLU A 116 26.85 -24.66 28.30
N LEU A 117 27.84 -25.17 29.04
CA LEU A 117 28.13 -26.60 29.06
C LEU A 117 27.81 -27.16 30.45
N ILE A 118 26.89 -28.13 30.49
CA ILE A 118 26.36 -28.66 31.74
C ILE A 118 26.97 -30.03 32.01
N ASP A 119 27.48 -30.23 33.22
CA ASP A 119 27.85 -31.55 33.72
C ASP A 119 26.56 -32.29 34.07
N VAL A 120 26.28 -33.36 33.32
CA VAL A 120 25.03 -34.10 33.48
C VAL A 120 24.93 -34.76 34.87
N SER A 121 26.04 -35.15 35.47
CA SER A 121 25.95 -35.86 36.74
C SER A 121 25.47 -34.99 37.90
N ASN A 122 25.66 -33.67 37.82
CA ASN A 122 25.23 -32.79 38.89
C ASN A 122 24.56 -31.51 38.41
N GLY A 123 24.39 -31.30 37.10
CA GLY A 123 23.63 -30.18 36.60
C GLY A 123 24.32 -28.84 36.63
N ALA A 124 25.58 -28.77 37.04
CA ALA A 124 26.28 -27.51 37.14
C ALA A 124 26.85 -27.08 35.80
N VAL A 125 26.79 -25.77 35.53
CA VAL A 125 27.48 -25.20 34.39
C VAL A 125 28.97 -25.25 34.66
N VAL A 126 29.72 -25.95 33.80
CA VAL A 126 31.16 -26.06 33.97
C VAL A 126 31.93 -25.18 33.00
N TRP A 127 31.24 -24.56 32.05
CA TRP A 127 31.85 -23.70 31.05
C TRP A 127 30.72 -22.93 30.37
N SER A 128 30.98 -21.68 30.04
CA SER A 128 30.00 -20.88 29.31
C SER A 128 30.73 -19.80 28.54
N ALA A 129 30.07 -19.29 27.49
CA ALA A 129 30.70 -18.33 26.59
C ALA A 129 29.62 -17.51 25.90
N THR A 130 30.00 -16.28 25.56
CA THR A 130 29.18 -15.36 24.79
C THR A 130 29.98 -14.86 23.61
N GLY A 131 29.35 -14.84 22.43
CA GLY A 131 30.03 -14.31 21.27
C GLY A 131 29.11 -13.47 20.39
N THR A 132 29.66 -12.42 19.78
CA THR A 132 28.92 -11.61 18.83
C THR A 132 29.83 -11.31 17.65
N ARG A 133 29.24 -11.17 16.48
CA ARG A 133 30.00 -10.71 15.32
C ARG A 133 29.11 -9.89 14.40
N THR A 134 29.71 -8.89 13.76
CA THR A 134 29.08 -8.13 12.70
C THR A 134 29.91 -8.34 11.44
N GLY A 135 29.27 -8.80 10.36
CA GLY A 135 29.95 -9.01 9.10
C GLY A 135 30.02 -7.74 8.25
N TRP A 136 30.65 -7.88 7.09
CA TRP A 136 30.68 -6.81 6.11
C TRP A 136 29.40 -6.85 5.25
N SER A 137 29.16 -5.81 4.48
CA SER A 137 27.93 -5.76 3.68
C SER A 137 27.86 -6.91 2.69
N ARG A 138 29.01 -7.46 2.28
CA ARG A 138 29.08 -8.51 1.29
C ARG A 138 29.02 -9.89 1.90
N SER A 139 28.91 -9.99 3.22
CA SER A 139 29.04 -11.27 3.91
C SER A 139 27.71 -12.01 3.95
N GLY A 140 27.79 -13.33 4.02
CA GLY A 140 26.60 -14.16 4.23
C GLY A 140 26.38 -14.39 5.71
N LEU A 141 25.11 -14.38 6.11
CA LEU A 141 24.78 -14.58 7.52
C LEU A 141 25.26 -15.95 8.01
N SER A 142 25.08 -17.00 7.20
CA SER A 142 25.49 -18.33 7.66
C SER A 142 27.01 -18.44 7.80
N SER A 143 27.77 -17.78 6.92
CA SER A 143 29.23 -17.75 7.05
C SER A 143 29.65 -17.08 8.36
N VAL A 144 29.06 -15.92 8.67
CA VAL A 144 29.36 -15.26 9.94
C VAL A 144 28.98 -16.16 11.12
N ALA A 145 27.79 -16.74 11.07
CA ALA A 145 27.33 -17.60 12.16
C ALA A 145 28.23 -18.80 12.36
N THR A 146 28.62 -19.45 11.26
CA THR A 146 29.44 -20.66 11.38
C THR A 146 30.83 -20.33 11.89
N SER A 147 31.42 -19.22 11.43
CA SER A 147 32.73 -18.81 11.92
C SER A 147 32.68 -18.43 13.40
N LEU A 148 31.64 -17.71 13.82
CA LEU A 148 31.56 -17.26 15.20
C LEU A 148 31.38 -18.45 16.13
N ILE A 149 30.49 -19.37 15.77
CA ILE A 149 30.24 -20.52 16.62
C ILE A 149 31.50 -21.36 16.74
N ALA A 150 32.23 -21.55 15.63
CA ALA A 150 33.52 -22.26 15.70
C ALA A 150 34.45 -21.59 16.71
N LYS A 151 34.61 -20.27 16.59
CA LYS A 151 35.48 -19.55 17.51
C LYS A 151 34.98 -19.67 18.95
N VAL A 152 33.67 -19.53 19.16
CA VAL A 152 33.13 -19.50 20.52
C VAL A 152 33.35 -20.85 21.20
N LEU A 153 33.14 -21.95 20.48
CA LEU A 153 33.21 -23.29 21.06
C LEU A 153 34.61 -23.88 21.01
N SER A 154 35.59 -23.10 20.55
CA SER A 154 36.94 -23.62 20.38
C SER A 154 37.58 -24.14 21.67
N PRO A 155 37.29 -23.63 22.88
CA PRO A 155 37.85 -24.28 24.07
C PRO A 155 37.27 -25.65 24.34
N LEU A 156 36.27 -26.09 23.57
CA LEU A 156 35.70 -27.42 23.73
C LEU A 156 36.30 -28.44 22.76
N GLN A 157 37.41 -28.10 22.12
CA GLN A 157 38.12 -29.04 21.27
C GLN A 157 38.73 -30.17 22.09
N ALA A 158 38.91 -31.31 21.44
CA ALA A 158 39.43 -32.49 22.11
C ALA A 158 40.94 -32.34 22.33
N ARG A 159 41.36 -32.28 23.59
CA ARG A 159 42.77 -32.16 23.92
C ARG A 159 43.33 -33.49 24.40
N MSE B 4 28.27 7.32 22.92
CA MSE B 4 28.39 6.26 23.91
C MSE B 4 27.13 6.17 24.76
O MSE B 4 26.06 5.82 24.28
CB MSE B 4 29.63 6.49 24.81
N GLY B 5 27.25 6.49 26.06
CA GLY B 5 26.14 6.38 26.97
C GLY B 5 26.58 6.66 28.40
N THR B 6 25.92 6.07 29.38
CA THR B 6 26.23 6.28 30.78
C THR B 6 26.04 4.98 31.55
N VAL B 7 26.84 4.81 32.61
CA VAL B 7 26.66 3.76 33.60
C VAL B 7 26.63 4.41 34.97
N ARG B 8 25.67 4.01 35.80
CA ARG B 8 25.59 4.45 37.20
C ARG B 8 25.34 3.22 38.06
N GLN B 9 26.26 2.96 39.00
CA GLN B 9 26.18 1.82 39.91
C GLN B 9 26.28 2.29 41.35
N THR B 10 25.33 1.86 42.18
CA THR B 10 25.47 2.04 43.62
C THR B 10 26.65 1.23 44.15
N SER B 11 26.87 1.31 45.45
CA SER B 11 27.81 0.40 46.08
C SER B 11 27.10 -0.92 46.39
N GLY B 12 27.90 -1.95 46.65
CA GLY B 12 27.34 -3.26 46.90
C GLY B 12 28.33 -4.20 47.57
N PRO B 13 27.85 -5.35 48.03
CA PRO B 13 28.74 -6.29 48.72
C PRO B 13 29.73 -6.90 47.76
N ALA B 14 30.85 -7.36 48.31
CA ALA B 14 31.81 -8.12 47.52
C ALA B 14 31.25 -9.52 47.32
N LEU B 15 31.05 -9.91 46.08
CA LEU B 15 30.59 -11.27 45.83
C LEU B 15 31.77 -12.24 45.95
N ALA B 16 31.46 -13.46 46.35
CA ALA B 16 32.42 -14.54 46.39
C ALA B 16 32.09 -15.57 45.32
N ARG B 17 33.11 -16.36 44.95
CA ARG B 17 32.94 -17.43 43.97
C ARG B 17 31.74 -18.32 44.29
N GLY B 18 31.59 -18.69 45.56
CA GLY B 18 30.58 -19.64 45.97
C GLY B 18 29.20 -19.08 46.28
N ASP B 19 28.97 -17.79 46.06
CA ASP B 19 27.65 -17.20 46.25
C ASP B 19 26.75 -17.62 45.08
N LYS B 20 25.68 -18.36 45.39
CA LYS B 20 24.75 -18.79 44.35
C LYS B 20 23.82 -17.65 43.98
N VAL B 21 23.77 -17.31 42.70
CA VAL B 21 22.96 -16.21 42.18
C VAL B 21 21.95 -16.78 41.19
N ALA B 22 20.69 -16.44 41.39
CA ALA B 22 19.65 -16.74 40.42
C ALA B 22 19.34 -15.49 39.62
N VAL B 23 19.28 -15.62 38.30
CA VAL B 23 18.83 -14.55 37.41
C VAL B 23 17.34 -14.74 37.17
N VAL B 24 16.55 -13.73 37.51
CA VAL B 24 15.11 -13.82 37.54
C VAL B 24 14.51 -12.73 36.64
N SER B 25 13.62 -13.14 35.75
CA SER B 25 12.70 -12.30 34.98
C SER B 25 13.14 -10.86 34.81
N ILE B 26 13.94 -10.61 33.78
CA ILE B 26 14.25 -9.26 33.37
C ILE B 26 13.13 -8.76 32.49
N ALA B 27 12.45 -7.69 32.92
CA ALA B 27 11.26 -7.20 32.23
C ALA B 27 11.64 -6.60 30.88
N ASN B 28 10.71 -6.70 29.93
CA ASN B 28 10.96 -6.19 28.58
C ASN B 28 10.04 -5.01 28.35
N TYR B 29 10.59 -3.81 28.37
CA TYR B 29 9.82 -2.61 28.11
C TYR B 29 10.01 -2.09 26.69
N THR B 30 10.60 -2.89 25.81
CA THR B 30 10.79 -2.52 24.43
C THR B 30 9.80 -3.28 23.57
N GLU B 31 9.80 -2.94 22.31
CA GLU B 31 9.02 -3.64 21.30
C GLU B 31 9.86 -4.66 20.55
N THR B 32 11.05 -4.99 21.04
CA THR B 32 11.83 -6.10 20.49
C THR B 32 11.46 -7.37 21.25
N PRO B 33 10.81 -8.34 20.62
CA PRO B 33 10.44 -9.57 21.34
C PRO B 33 11.66 -10.24 21.96
N ASP B 34 11.48 -10.74 23.17
CA ASP B 34 12.46 -11.55 23.90
C ASP B 34 13.68 -10.78 24.36
N ALA B 35 13.67 -9.45 24.29
CA ALA B 35 14.87 -8.70 24.70
C ALA B 35 15.19 -8.92 26.17
N GLY B 36 14.18 -9.10 27.02
CA GLY B 36 14.49 -9.41 28.42
C GLY B 36 15.15 -10.77 28.57
N HIS B 37 14.72 -11.75 27.77
CA HIS B 37 15.33 -13.08 27.85
C HIS B 37 16.76 -13.05 27.33
N SER B 38 17.01 -12.26 26.27
CA SER B 38 18.38 -12.08 25.80
C SER B 38 19.24 -11.45 26.88
N ALA B 39 18.72 -10.43 27.58
CA ALA B 39 19.49 -9.81 28.65
C ALA B 39 19.76 -10.80 29.77
N GLU B 40 18.79 -11.68 30.07
CA GLU B 40 19.01 -12.68 31.12
C GLU B 40 20.16 -13.61 30.75
N SER B 41 20.18 -14.11 29.52
CA SER B 41 21.24 -15.02 29.08
C SER B 41 22.59 -14.34 29.07
N ILE B 42 22.66 -13.14 28.50
CA ILE B 42 23.93 -12.41 28.50
C ILE B 42 24.36 -12.13 29.93
N ALA B 43 23.42 -11.74 30.79
CA ALA B 43 23.77 -11.39 32.17
C ALA B 43 24.28 -12.60 32.93
N ALA B 44 23.61 -13.76 32.75
CA ALA B 44 24.06 -14.98 33.41
C ALA B 44 25.49 -15.31 33.03
N ASN B 45 25.81 -15.28 31.73
CA ASN B 45 27.16 -15.59 31.29
C ASN B 45 28.17 -14.56 31.81
N THR B 46 27.76 -13.29 31.88
CA THR B 46 28.66 -12.25 32.37
C THR B 46 29.04 -12.49 33.83
N LEU B 47 28.03 -12.71 34.68
CA LEU B 47 28.29 -13.06 36.08
C LEU B 47 29.22 -14.26 36.19
N ARG B 48 29.05 -15.24 35.30
CA ARG B 48 29.94 -16.41 35.30
C ARG B 48 31.34 -16.03 34.83
N ALA B 49 31.42 -15.23 33.76
CA ALA B 49 32.71 -14.72 33.32
C ALA B 49 33.43 -13.97 34.44
N GLY B 50 32.67 -13.32 35.31
CA GLY B 50 33.18 -12.57 36.44
C GLY B 50 33.63 -13.39 37.63
N GLY B 51 33.54 -14.72 37.57
CA GLY B 51 34.06 -15.56 38.63
C GLY B 51 33.03 -16.09 39.59
N ILE B 52 31.74 -15.89 39.34
CA ILE B 52 30.69 -16.53 40.12
C ILE B 52 30.46 -17.91 39.52
N ALA B 53 30.61 -18.96 40.35
CA ALA B 53 30.56 -20.34 39.83
C ALA B 53 29.14 -20.80 39.53
N ASP B 54 28.23 -20.71 40.51
CA ASP B 54 26.87 -21.25 40.39
C ASP B 54 25.91 -20.09 40.09
N VAL B 55 25.53 -19.98 38.82
CA VAL B 55 24.59 -18.97 38.33
C VAL B 55 23.54 -19.67 37.48
N ARG B 56 22.26 -19.47 37.80
CA ARG B 56 21.17 -20.15 37.10
C ARG B 56 20.07 -19.17 36.76
N ILE B 57 19.46 -19.36 35.58
CA ILE B 57 18.33 -18.57 35.13
C ILE B 57 17.03 -19.28 35.52
N ALA B 58 16.15 -18.57 36.23
CA ALA B 58 14.85 -19.13 36.56
C ALA B 58 14.05 -19.41 35.28
N PRO B 59 13.27 -20.49 35.26
CA PRO B 59 12.51 -20.83 34.05
C PRO B 59 11.32 -19.91 33.83
N ALA B 60 10.72 -20.03 32.65
CA ALA B 60 9.55 -19.23 32.28
C ALA B 60 8.30 -19.66 33.04
N SER B 76 6.02 -14.58 37.90
CA SER B 76 6.06 -13.33 38.64
C SER B 76 6.86 -13.49 39.93
N ASP B 77 6.16 -13.57 41.06
CA ASP B 77 6.81 -13.87 42.32
C ASP B 77 7.02 -15.37 42.53
N LYS B 78 6.69 -16.20 41.54
CA LYS B 78 7.02 -17.61 41.61
C LYS B 78 8.46 -17.88 41.16
N ALA B 79 9.07 -16.96 40.42
CA ALA B 79 10.51 -17.05 40.18
C ALA B 79 11.29 -16.79 41.47
N MSE B 80 10.76 -15.94 42.34
CA MSE B 80 11.33 -15.75 43.68
C MSE B 80 11.28 -17.02 44.51
O MSE B 80 12.26 -17.39 45.15
CB MSE B 80 10.60 -14.62 44.42
CG MSE B 80 10.84 -13.26 43.82
SE MSE B 80 12.75 -12.86 43.76
CE MSE B 80 12.70 -11.31 42.56
N GLU B 81 10.12 -17.68 44.51
CA GLU B 81 10.01 -18.96 45.19
C GLU B 81 11.00 -19.96 44.62
N TRP B 82 11.14 -19.99 43.29
CA TRP B 82 12.13 -20.87 42.65
C TRP B 82 13.54 -20.57 43.16
N ALA B 83 13.89 -19.29 43.24
CA ALA B 83 15.21 -18.91 43.74
C ALA B 83 15.44 -19.42 45.15
N ARG B 84 14.42 -19.31 46.01
CA ARG B 84 14.56 -19.82 47.36
C ARG B 84 14.71 -21.34 47.36
N SER B 85 14.03 -22.04 46.46
CA SER B 85 14.17 -23.49 46.40
C SER B 85 15.56 -23.89 45.90
N GLN B 86 16.21 -23.04 45.10
CA GLN B 86 17.57 -23.29 44.64
C GLN B 86 18.62 -22.92 45.66
N ASN B 87 18.24 -22.35 46.81
CA ASN B 87 19.16 -21.87 47.84
C ASN B 87 20.13 -20.82 47.29
N ALA B 88 19.65 -20.00 46.36
CA ALA B 88 20.42 -18.84 45.91
C ALA B 88 20.64 -17.87 47.06
N ARG B 89 21.84 -17.30 47.12
CA ARG B 89 22.07 -16.24 48.09
C ARG B 89 21.57 -14.88 47.57
N TYR B 90 21.66 -14.64 46.25
CA TYR B 90 21.19 -13.39 45.66
C TYR B 90 20.36 -13.67 44.41
N VAL B 91 19.48 -12.72 44.07
CA VAL B 91 18.72 -12.71 42.84
C VAL B 91 19.12 -11.47 42.04
N LEU B 92 19.43 -11.67 40.76
CA LEU B 92 19.64 -10.56 39.83
C LEU B 92 18.38 -10.42 38.99
N SER B 93 17.76 -9.25 39.07
CA SER B 93 16.60 -8.91 38.28
C SER B 93 16.88 -7.58 37.58
N GLY B 94 15.89 -7.06 36.89
CA GLY B 94 16.05 -5.77 36.23
C GLY B 94 15.02 -5.60 35.12
N ALA B 95 15.35 -4.70 34.19
CA ALA B 95 14.46 -4.39 33.07
C ALA B 95 15.26 -3.85 31.90
N VAL B 96 14.73 -4.10 30.70
CA VAL B 96 15.27 -3.55 29.47
C VAL B 96 14.38 -2.37 29.05
N GLU B 97 14.97 -1.17 29.03
CA GLU B 97 14.27 0.04 28.62
C GLU B 97 14.40 0.32 27.13
N GLU B 98 15.43 -0.21 26.48
CA GLU B 98 15.64 0.02 25.07
C GLU B 98 16.57 -1.05 24.53
N TRP B 99 16.26 -1.51 23.32
CA TRP B 99 16.98 -2.63 22.72
C TRP B 99 16.57 -2.73 21.26
N ARG B 100 17.09 -1.85 20.41
CA ARG B 100 16.61 -1.78 19.02
C ARG B 100 17.71 -1.15 18.18
N TYR B 101 17.55 -1.26 16.86
CA TYR B 101 18.23 -0.34 15.96
C TYR B 101 17.33 0.87 15.78
N LYS B 102 17.92 2.07 15.79
CA LYS B 102 17.13 3.22 15.41
C LYS B 102 16.71 3.08 13.95
N THR B 103 15.72 3.87 13.56
CA THR B 103 15.05 3.65 12.29
C THR B 103 15.92 4.10 11.13
N GLY B 104 15.75 3.42 10.00
CA GLY B 104 16.46 3.77 8.78
C GLY B 104 17.62 2.84 8.49
N VAL B 105 17.98 2.80 7.21
CA VAL B 105 19.23 2.18 6.79
C VAL B 105 20.37 2.76 7.60
N ASP B 106 21.23 1.89 8.12
CA ASP B 106 22.36 2.30 8.97
C ASP B 106 21.91 2.97 10.27
N GLY B 107 20.66 2.77 10.68
CA GLY B 107 20.26 3.18 12.02
C GLY B 107 21.07 2.43 13.06
N GLU B 108 21.60 3.17 14.06
CA GLU B 108 22.53 2.64 15.04
C GLU B 108 21.82 1.84 16.13
N PRO B 109 22.49 0.82 16.67
CA PRO B 109 21.92 0.09 17.82
C PRO B 109 21.95 0.94 19.09
N VAL B 110 20.92 0.76 19.92
CA VAL B 110 20.80 1.47 21.19
C VAL B 110 20.28 0.50 22.24
N VAL B 111 20.86 0.55 23.44
CA VAL B 111 20.53 -0.36 24.53
C VAL B 111 20.40 0.42 25.84
N GLY B 112 19.33 0.16 26.59
CA GLY B 112 19.17 0.68 27.93
C GLY B 112 18.70 -0.42 28.87
N VAL B 113 19.37 -0.59 30.03
CA VAL B 113 19.09 -1.67 30.98
C VAL B 113 19.23 -1.16 32.41
N THR B 114 18.40 -1.69 33.30
CA THR B 114 18.52 -1.48 34.74
C THR B 114 18.61 -2.85 35.42
N PHE B 115 19.42 -2.95 36.46
CA PHE B 115 19.62 -4.20 37.19
C PHE B 115 19.51 -3.96 38.69
N GLU B 116 19.02 -4.97 39.42
CA GLU B 116 19.01 -4.97 40.88
C GLU B 116 19.52 -6.32 41.37
N LEU B 117 20.31 -6.30 42.44
CA LEU B 117 20.73 -7.51 43.12
C LEU B 117 20.01 -7.58 44.46
N ILE B 118 19.25 -8.66 44.68
CA ILE B 118 18.40 -8.79 45.85
C ILE B 118 18.97 -9.86 46.77
N ASP B 119 19.06 -9.54 48.07
CA ASP B 119 19.39 -10.49 49.12
C ASP B 119 18.21 -11.43 49.32
N VAL B 120 18.40 -12.72 49.06
CA VAL B 120 17.28 -13.65 49.12
C VAL B 120 16.75 -13.77 50.54
N SER B 121 17.65 -13.75 51.54
CA SER B 121 17.24 -14.00 52.92
C SER B 121 16.29 -12.93 53.47
N ASN B 122 16.29 -11.73 52.90
CA ASN B 122 15.42 -10.68 53.43
C ASN B 122 14.82 -9.76 52.38
N GLY B 123 15.01 -10.02 51.09
CA GLY B 123 14.40 -9.25 50.03
C GLY B 123 14.99 -7.88 49.79
N ALA B 124 16.03 -7.48 50.52
CA ALA B 124 16.59 -6.14 50.37
C ALA B 124 17.37 -6.02 49.07
N VAL B 125 17.16 -4.92 48.35
CA VAL B 125 18.02 -4.56 47.23
C VAL B 125 19.36 -4.10 47.80
N VAL B 126 20.42 -4.88 47.53
CA VAL B 126 21.74 -4.58 48.09
C VAL B 126 22.66 -3.93 47.07
N TRP B 127 22.24 -3.86 45.80
CA TRP B 127 23.04 -3.26 44.75
C TRP B 127 22.13 -3.05 43.55
N SER B 128 22.38 -1.97 42.80
CA SER B 128 21.61 -1.73 41.60
C SER B 128 22.42 -0.84 40.68
N ALA B 129 22.02 -0.81 39.41
CA ALA B 129 22.75 -0.04 38.41
C ALA B 129 21.90 0.14 37.16
N THR B 130 22.27 1.15 36.38
CA THR B 130 21.64 1.53 35.13
C THR B 130 22.73 1.79 34.11
N GLY B 131 22.53 1.28 32.89
CA GLY B 131 23.51 1.49 31.83
C GLY B 131 22.81 1.75 30.51
N THR B 132 23.36 2.65 29.68
CA THR B 132 22.84 2.90 28.35
C THR B 132 24.02 2.99 27.40
N ARG B 133 23.78 2.69 26.12
CA ARG B 133 24.83 2.82 25.13
C ARG B 133 24.25 2.98 23.73
N THR B 134 24.96 3.75 22.91
CA THR B 134 24.66 3.95 21.49
C THR B 134 25.88 3.52 20.68
N GLY B 135 25.68 2.60 19.72
CA GLY B 135 26.73 2.21 18.79
C GLY B 135 26.81 3.15 17.61
N TRP B 136 27.73 2.88 16.68
CA TRP B 136 27.67 3.62 15.42
C TRP B 136 26.86 2.80 14.42
N SER B 137 26.66 3.36 13.22
CA SER B 137 25.86 2.73 12.19
C SER B 137 26.35 1.32 11.86
N ARG B 138 27.64 1.06 12.02
CA ARG B 138 28.19 -0.23 11.63
C ARG B 138 28.13 -1.29 12.72
N SER B 139 27.73 -0.93 13.94
CA SER B 139 27.82 -1.88 15.03
C SER B 139 26.59 -2.78 15.11
N GLY B 140 26.75 -3.89 15.81
CA GLY B 140 25.68 -4.86 16.02
C GLY B 140 24.99 -4.62 17.35
N LEU B 141 23.67 -4.74 17.33
CA LEU B 141 22.89 -4.61 18.57
C LEU B 141 23.41 -5.58 19.64
N SER B 142 23.58 -6.86 19.28
CA SER B 142 24.03 -7.79 20.32
C SER B 142 25.46 -7.46 20.79
N SER B 143 26.34 -6.99 19.91
CA SER B 143 27.66 -6.55 20.38
C SER B 143 27.54 -5.42 21.40
N VAL B 144 26.70 -4.42 21.09
CA VAL B 144 26.52 -3.31 22.03
C VAL B 144 25.91 -3.80 23.33
N ALA B 145 24.86 -4.61 23.25
CA ALA B 145 24.22 -5.10 24.47
C ALA B 145 25.18 -5.93 25.34
N THR B 146 25.98 -6.80 24.71
CA THR B 146 26.85 -7.66 25.50
C THR B 146 27.95 -6.85 26.16
N SER B 147 28.58 -5.96 25.40
CA SER B 147 29.61 -5.08 25.95
C SER B 147 29.09 -4.24 27.09
N LEU B 148 27.83 -3.75 26.98
CA LEU B 148 27.30 -2.84 28.01
C LEU B 148 26.95 -3.58 29.29
N ILE B 149 26.32 -4.74 29.16
CA ILE B 149 25.96 -5.52 30.34
C ILE B 149 27.22 -5.96 31.08
N ALA B 150 28.27 -6.32 30.34
CA ALA B 150 29.55 -6.65 30.97
C ALA B 150 30.05 -5.47 31.80
N LYS B 151 29.98 -4.26 31.25
CA LYS B 151 30.39 -3.07 31.99
C LYS B 151 29.50 -2.86 33.22
N VAL B 152 28.18 -2.91 33.02
CA VAL B 152 27.23 -2.61 34.08
C VAL B 152 27.39 -3.59 35.25
N LEU B 153 27.59 -4.87 34.96
CA LEU B 153 27.69 -5.91 35.98
C LEU B 153 29.11 -6.13 36.48
N SER B 154 30.07 -5.32 36.02
CA SER B 154 31.44 -5.50 36.47
C SER B 154 31.64 -5.41 37.99
N PRO B 155 30.87 -4.62 38.76
CA PRO B 155 31.07 -4.66 40.22
C PRO B 155 30.64 -5.97 40.88
N LEU B 156 29.94 -6.86 40.17
CA LEU B 156 29.56 -8.16 40.74
C LEU B 156 30.58 -9.25 40.46
N GLN B 157 31.75 -8.92 39.92
CA GLN B 157 32.80 -9.92 39.77
C GLN B 157 33.24 -10.44 41.13
N ALA B 158 33.67 -11.70 41.14
CA ALA B 158 34.16 -12.29 42.38
C ALA B 158 35.46 -11.60 42.79
N ARG B 159 35.53 -11.18 44.04
CA ARG B 159 36.70 -10.49 44.55
C ARG B 159 37.53 -11.45 45.38
N GLY C 5 26.95 -21.29 -14.83
CA GLY C 5 26.62 -22.54 -14.16
C GLY C 5 27.48 -23.75 -14.50
N THR C 6 26.99 -24.95 -14.19
CA THR C 6 27.74 -26.19 -14.36
C THR C 6 26.83 -27.31 -14.84
N VAL C 7 27.44 -28.33 -15.43
CA VAL C 7 26.80 -29.59 -15.75
C VAL C 7 27.71 -30.73 -15.33
N ARG C 8 27.17 -31.73 -14.63
CA ARG C 8 27.93 -32.88 -14.16
C ARG C 8 27.07 -34.12 -14.30
N GLN C 9 27.57 -35.12 -15.04
CA GLN C 9 26.86 -36.36 -15.33
C GLN C 9 27.68 -37.57 -14.86
N THR C 10 26.99 -38.64 -14.49
CA THR C 10 27.63 -39.90 -14.18
C THR C 10 27.87 -40.69 -15.46
N SER C 11 28.44 -41.88 -15.31
CA SER C 11 28.42 -42.83 -16.39
C SER C 11 26.99 -43.33 -16.62
N GLY C 12 26.77 -43.95 -17.76
CA GLY C 12 25.44 -44.37 -18.11
C GLY C 12 25.45 -45.35 -19.26
N PRO C 13 24.32 -46.01 -19.51
CA PRO C 13 24.25 -47.00 -20.58
C PRO C 13 24.08 -46.32 -21.94
N ALA C 14 24.36 -47.08 -22.99
CA ALA C 14 24.24 -46.60 -24.36
C ALA C 14 22.81 -46.81 -24.81
N LEU C 15 22.02 -45.75 -24.80
CA LEU C 15 20.65 -45.83 -25.26
C LEU C 15 20.60 -46.05 -26.78
N ALA C 16 19.72 -46.92 -27.20
CA ALA C 16 19.45 -47.16 -28.62
C ALA C 16 18.12 -46.53 -29.02
N ARG C 17 17.97 -46.29 -30.33
CA ARG C 17 16.78 -45.62 -30.86
C ARG C 17 15.49 -46.28 -30.40
N GLY C 18 15.50 -47.60 -30.21
CA GLY C 18 14.34 -48.37 -29.85
C GLY C 18 14.07 -48.56 -28.37
N ASP C 19 14.83 -47.91 -27.48
CA ASP C 19 14.55 -47.96 -26.05
C ASP C 19 13.34 -47.07 -25.73
N LYS C 20 12.27 -47.67 -25.20
CA LYS C 20 11.11 -46.89 -24.77
C LYS C 20 11.41 -46.17 -23.44
N VAL C 21 11.20 -44.87 -23.41
CA VAL C 21 11.53 -44.04 -22.25
C VAL C 21 10.29 -43.30 -21.78
N ALA C 22 9.95 -43.47 -20.51
CA ALA C 22 8.84 -42.76 -19.90
C ALA C 22 9.41 -41.63 -19.05
N VAL C 23 8.84 -40.44 -19.16
CA VAL C 23 9.20 -39.30 -18.34
C VAL C 23 8.13 -39.14 -17.28
N VAL C 24 8.53 -39.16 -16.02
CA VAL C 24 7.60 -39.26 -14.90
C VAL C 24 7.89 -38.17 -13.89
N SER C 25 6.83 -37.43 -13.51
CA SER C 25 6.78 -36.48 -12.40
C SER C 25 8.12 -35.84 -12.04
N ILE C 26 8.49 -34.78 -12.74
CA ILE C 26 9.61 -33.98 -12.32
C ILE C 26 9.14 -33.02 -11.24
N ALA C 27 9.70 -33.15 -10.04
CA ALA C 27 9.24 -32.33 -8.93
C ALA C 27 9.55 -30.85 -9.19
N ASN C 28 8.75 -29.98 -8.60
CA ASN C 28 8.92 -28.54 -8.76
C ASN C 28 9.23 -27.98 -7.38
N TYR C 29 10.52 -27.72 -7.11
CA TYR C 29 10.96 -27.10 -5.87
C TYR C 29 11.15 -25.59 -6.02
N THR C 30 10.51 -24.98 -7.01
CA THR C 30 10.53 -23.51 -7.16
C THR C 30 9.16 -22.94 -6.81
N GLU C 31 9.07 -21.60 -6.83
CA GLU C 31 7.78 -20.93 -6.73
C GLU C 31 7.24 -20.49 -8.10
N THR C 32 7.83 -20.97 -9.19
CA THR C 32 7.24 -20.79 -10.52
C THR C 32 6.24 -21.91 -10.77
N PRO C 33 4.93 -21.63 -10.82
CA PRO C 33 3.96 -22.68 -11.11
C PRO C 33 4.31 -23.42 -12.40
N ASP C 34 4.11 -24.73 -12.38
CA ASP C 34 4.21 -25.60 -13.55
C ASP C 34 5.64 -25.73 -14.09
N ALA C 35 6.65 -25.25 -13.36
CA ALA C 35 8.02 -25.40 -13.83
C ALA C 35 8.40 -26.87 -14.03
N GLY C 36 7.91 -27.76 -13.16
CA GLY C 36 8.18 -29.17 -13.35
C GLY C 36 7.53 -29.72 -14.61
N HIS C 37 6.30 -29.30 -14.91
CA HIS C 37 5.67 -29.76 -16.13
C HIS C 37 6.38 -29.21 -17.36
N SER C 38 6.90 -27.97 -17.28
CA SER C 38 7.67 -27.44 -18.40
C SER C 38 8.94 -28.24 -18.62
N ALA C 39 9.63 -28.59 -17.54
CA ALA C 39 10.81 -29.43 -17.66
C ALA C 39 10.45 -30.78 -18.24
N GLU C 40 9.27 -31.32 -17.89
CA GLU C 40 8.91 -32.63 -18.44
C GLU C 40 8.72 -32.57 -19.95
N SER C 41 8.05 -31.53 -20.46
CA SER C 41 7.82 -31.49 -21.89
C SER C 41 9.08 -31.11 -22.64
N ILE C 42 9.93 -30.24 -22.07
CA ILE C 42 11.20 -29.95 -22.73
C ILE C 42 12.09 -31.20 -22.75
N ALA C 43 12.19 -31.88 -21.62
CA ALA C 43 13.04 -33.08 -21.55
C ALA C 43 12.55 -34.18 -22.51
N ALA C 44 11.24 -34.40 -22.60
CA ALA C 44 10.73 -35.39 -23.54
C ALA C 44 11.15 -35.06 -24.96
N ASN C 45 10.93 -33.80 -25.40
CA ASN C 45 11.32 -33.42 -26.77
C ASN C 45 12.84 -33.47 -26.95
N THR C 46 13.61 -33.23 -25.89
CA THR C 46 15.07 -33.37 -25.98
C THR C 46 15.48 -34.82 -26.22
N LEU C 47 14.81 -35.77 -25.55
CA LEU C 47 15.16 -37.17 -25.73
C LEU C 47 14.83 -37.64 -27.14
N ARG C 48 13.69 -37.19 -27.68
CA ARG C 48 13.33 -37.56 -29.05
C ARG C 48 14.32 -36.96 -30.03
N ALA C 49 14.62 -35.67 -29.88
CA ALA C 49 15.59 -35.02 -30.75
C ALA C 49 16.94 -35.73 -30.69
N GLY C 50 17.26 -36.37 -29.58
CA GLY C 50 18.50 -37.12 -29.45
C GLY C 50 18.45 -38.48 -30.10
N GLY C 51 17.36 -38.79 -30.80
CA GLY C 51 17.26 -40.02 -31.55
C GLY C 51 16.49 -41.14 -30.89
N ILE C 52 15.90 -40.91 -29.73
CA ILE C 52 15.06 -41.91 -29.08
C ILE C 52 13.66 -41.83 -29.67
N ALA C 53 13.20 -42.94 -30.25
CA ALA C 53 11.99 -42.92 -31.07
C ALA C 53 10.73 -42.75 -30.22
N ASP C 54 10.58 -43.53 -29.15
CA ASP C 54 9.34 -43.57 -28.38
C ASP C 54 9.58 -43.05 -26.96
N VAL C 55 9.18 -41.80 -26.74
CA VAL C 55 9.21 -41.14 -25.43
C VAL C 55 7.79 -40.71 -25.10
N ARG C 56 7.35 -41.01 -23.88
CA ARG C 56 6.00 -40.65 -23.45
C ARG C 56 6.06 -40.07 -22.05
N ILE C 57 5.18 -39.11 -21.78
CA ILE C 57 5.11 -38.43 -20.50
C ILE C 57 3.94 -39.00 -19.72
N ALA C 58 4.18 -39.35 -18.45
CA ALA C 58 3.12 -39.88 -17.62
C ALA C 58 2.05 -38.82 -17.36
N PRO C 59 0.81 -39.24 -17.12
CA PRO C 59 -0.23 -38.27 -16.76
C PRO C 59 -0.27 -38.02 -15.24
N ALA C 60 -1.26 -37.28 -14.77
CA ALA C 60 -1.40 -37.00 -13.35
C ALA C 60 -2.66 -37.64 -12.76
N GLU C 81 5.02 -47.23 -11.56
CA GLU C 81 4.50 -48.54 -11.97
C GLU C 81 3.76 -48.47 -13.30
N TRP C 82 3.19 -47.29 -13.59
CA TRP C 82 2.59 -47.06 -14.90
C TRP C 82 3.59 -47.32 -16.02
N ALA C 83 4.87 -47.02 -15.77
CA ALA C 83 5.90 -47.30 -16.76
C ALA C 83 5.97 -48.77 -17.12
N ARG C 84 5.67 -49.66 -16.16
CA ARG C 84 5.61 -51.07 -16.47
C ARG C 84 4.51 -51.35 -17.49
N SER C 85 3.35 -50.72 -17.32
CA SER C 85 2.24 -50.91 -18.26
C SER C 85 2.62 -50.46 -19.66
N GLN C 86 3.48 -49.46 -19.79
CA GLN C 86 3.94 -48.99 -21.08
C GLN C 86 5.08 -49.83 -21.64
N ASN C 87 5.52 -50.85 -20.91
CA ASN C 87 6.69 -51.66 -21.26
C ASN C 87 7.90 -50.76 -21.54
N ALA C 88 8.02 -49.68 -20.76
CA ALA C 88 9.17 -48.80 -20.88
C ALA C 88 10.42 -49.48 -20.35
N ARG C 89 11.53 -49.30 -21.08
CA ARG C 89 12.82 -49.79 -20.63
C ARG C 89 13.43 -48.87 -19.57
N TYR C 90 13.27 -47.55 -19.70
CA TYR C 90 13.79 -46.61 -18.72
C TYR C 90 12.73 -45.59 -18.33
N VAL C 91 12.92 -45.01 -17.15
CA VAL C 91 12.11 -43.89 -16.65
C VAL C 91 13.04 -42.71 -16.39
N LEU C 92 12.74 -41.56 -16.99
CA LEU C 92 13.47 -40.35 -16.68
C LEU C 92 12.66 -39.55 -15.68
N SER C 93 13.27 -39.27 -14.52
CA SER C 93 12.66 -38.45 -13.49
C SER C 93 13.65 -37.35 -13.11
N GLY C 94 13.23 -36.48 -12.18
CA GLY C 94 14.11 -35.40 -11.80
C GLY C 94 13.39 -34.39 -10.91
N ALA C 95 14.01 -33.21 -10.80
CA ALA C 95 13.53 -32.16 -9.92
C ALA C 95 14.03 -30.84 -10.45
N VAL C 96 13.21 -29.80 -10.30
CA VAL C 96 13.61 -28.45 -10.66
C VAL C 96 13.93 -27.72 -9.37
N GLU C 97 15.20 -27.34 -9.22
CA GLU C 97 15.63 -26.60 -8.03
C GLU C 97 15.57 -25.09 -8.24
N GLU C 98 15.61 -24.61 -9.48
CA GLU C 98 15.53 -23.18 -9.72
C GLU C 98 15.01 -22.96 -11.14
N TRP C 99 14.09 -22.00 -11.28
CA TRP C 99 13.42 -21.72 -12.55
C TRP C 99 12.75 -20.35 -12.43
N ARG C 100 13.51 -19.27 -12.58
CA ARG C 100 12.96 -17.95 -12.33
C ARG C 100 13.84 -16.90 -12.98
N TYR C 101 13.31 -15.66 -13.07
CA TYR C 101 14.15 -14.49 -13.26
C TYR C 101 14.54 -13.98 -11.87
N LYS C 102 15.80 -13.60 -11.72
CA LYS C 102 16.18 -12.94 -10.48
C LYS C 102 15.40 -11.62 -10.37
N THR C 103 15.28 -11.13 -9.14
CA THR C 103 14.37 -10.02 -8.93
C THR C 103 14.87 -8.76 -9.63
N GLY C 104 13.92 -7.92 -10.02
CA GLY C 104 14.22 -6.60 -10.54
C GLY C 104 14.18 -6.54 -12.06
N VAL C 105 14.06 -5.31 -12.56
CA VAL C 105 14.21 -5.01 -13.97
C VAL C 105 15.51 -5.59 -14.47
N ASP C 106 15.48 -6.30 -15.60
CA ASP C 106 16.65 -6.97 -16.15
C ASP C 106 17.23 -8.02 -15.21
N GLY C 107 16.50 -8.44 -14.20
CA GLY C 107 16.91 -9.62 -13.45
C GLY C 107 17.10 -10.80 -14.38
N GLU C 108 18.22 -11.53 -14.26
CA GLU C 108 18.57 -12.52 -15.27
C GLU C 108 17.91 -13.87 -14.99
N PRO C 109 17.66 -14.67 -16.03
CA PRO C 109 17.07 -16.00 -15.80
C PRO C 109 18.08 -16.96 -15.18
N VAL C 110 17.60 -17.74 -14.21
CA VAL C 110 18.42 -18.76 -13.55
C VAL C 110 17.69 -20.10 -13.60
N VAL C 111 18.43 -21.17 -13.87
CA VAL C 111 17.85 -22.51 -13.98
C VAL C 111 18.75 -23.51 -13.26
N GLY C 112 18.13 -24.40 -12.48
CA GLY C 112 18.84 -25.52 -11.90
C GLY C 112 17.99 -26.78 -11.93
N VAL C 113 18.52 -27.89 -12.45
CA VAL C 113 17.76 -29.12 -12.61
C VAL C 113 18.63 -30.32 -12.27
N THR C 114 17.99 -31.35 -11.73
CA THR C 114 18.57 -32.67 -11.55
C THR C 114 17.73 -33.71 -12.27
N PHE C 115 18.39 -34.70 -12.85
CA PHE C 115 17.70 -35.79 -13.52
C PHE C 115 18.27 -37.13 -13.03
N GLU C 116 17.42 -38.15 -13.09
CA GLU C 116 17.83 -39.54 -12.86
C GLU C 116 17.17 -40.41 -13.90
N LEU C 117 17.91 -41.41 -14.39
CA LEU C 117 17.39 -42.38 -15.35
C LEU C 117 17.29 -43.73 -14.66
N ILE C 118 16.08 -44.29 -14.63
CA ILE C 118 15.76 -45.45 -13.80
C ILE C 118 15.52 -46.67 -14.69
N ASP C 119 16.32 -47.71 -14.48
CA ASP C 119 16.10 -49.01 -15.14
C ASP C 119 14.80 -49.60 -14.63
N VAL C 120 13.80 -49.70 -15.51
CA VAL C 120 12.48 -50.17 -15.07
C VAL C 120 12.54 -51.62 -14.60
N SER C 121 13.47 -52.42 -15.13
CA SER C 121 13.51 -53.84 -14.76
C SER C 121 13.97 -54.09 -13.32
N ASN C 122 14.54 -53.10 -12.64
CA ASN C 122 14.97 -53.32 -11.26
C ASN C 122 14.93 -52.06 -10.39
N GLY C 123 14.46 -50.92 -10.89
CA GLY C 123 14.30 -49.74 -10.07
C GLY C 123 15.58 -49.01 -9.73
N ALA C 124 16.70 -49.40 -10.32
CA ALA C 124 17.99 -48.78 -10.00
C ALA C 124 18.22 -47.53 -10.85
N VAL C 125 18.78 -46.50 -10.23
CA VAL C 125 19.27 -45.37 -11.00
C VAL C 125 20.54 -45.81 -11.74
N VAL C 126 20.50 -45.73 -13.07
CA VAL C 126 21.65 -46.14 -13.89
C VAL C 126 22.36 -44.95 -14.47
N TRP C 127 21.89 -43.73 -14.19
CA TRP C 127 22.47 -42.51 -14.73
C TRP C 127 21.80 -41.31 -14.06
N SER C 128 22.59 -40.32 -13.68
CA SER C 128 22.04 -39.09 -13.11
C SER C 128 22.95 -37.94 -13.51
N ALA C 129 22.39 -36.73 -13.39
CA ALA C 129 23.06 -35.51 -13.82
C ALA C 129 22.42 -34.31 -13.14
N THR C 130 23.24 -33.28 -12.93
CA THR C 130 22.82 -32.02 -12.35
C THR C 130 23.32 -30.89 -13.24
N GLY C 131 22.44 -29.95 -13.55
CA GLY C 131 22.80 -28.81 -14.38
C GLY C 131 22.27 -27.53 -13.80
N THR C 132 23.10 -26.49 -13.85
CA THR C 132 22.68 -25.14 -13.52
C THR C 132 23.18 -24.17 -14.58
N ARG C 133 22.41 -23.10 -14.77
CA ARG C 133 22.81 -22.05 -15.71
C ARG C 133 22.20 -20.71 -15.29
N THR C 134 23.01 -19.67 -15.40
CA THR C 134 22.65 -18.28 -15.20
C THR C 134 22.83 -17.57 -16.53
N GLY C 135 21.73 -17.11 -17.12
CA GLY C 135 21.79 -16.37 -18.37
C GLY C 135 22.14 -14.90 -18.14
N TRP C 136 22.24 -14.16 -19.25
CA TRP C 136 22.46 -12.72 -19.19
C TRP C 136 21.14 -12.00 -18.92
N SER C 137 21.22 -10.69 -18.69
CA SER C 137 19.98 -9.94 -18.44
C SER C 137 19.06 -9.99 -19.65
N ARG C 138 19.61 -10.03 -20.85
CA ARG C 138 18.83 -10.05 -22.09
C ARG C 138 18.23 -11.40 -22.38
N SER C 139 18.44 -12.37 -21.51
CA SER C 139 18.09 -13.75 -21.80
C SER C 139 16.66 -14.07 -21.40
N GLY C 140 16.07 -15.02 -22.10
CA GLY C 140 14.74 -15.56 -21.79
C GLY C 140 14.90 -16.81 -20.96
N LEU C 141 14.06 -16.93 -19.92
CA LEU C 141 14.11 -18.10 -19.05
C LEU C 141 13.91 -19.39 -19.85
N SER C 142 12.92 -19.43 -20.75
CA SER C 142 12.73 -20.66 -21.51
C SER C 142 13.92 -20.99 -22.39
N SER C 143 14.61 -19.99 -22.94
CA SER C 143 15.77 -20.30 -23.76
C SER C 143 16.88 -20.91 -22.91
N VAL C 144 17.12 -20.35 -21.73
CA VAL C 144 18.12 -20.91 -20.83
C VAL C 144 17.76 -22.34 -20.43
N ALA C 145 16.51 -22.56 -20.03
CA ALA C 145 16.12 -23.90 -19.57
C ALA C 145 16.22 -24.91 -20.69
N THR C 146 15.77 -24.55 -21.89
CA THR C 146 15.80 -25.47 -23.00
C THR C 146 17.23 -25.82 -23.39
N SER C 147 18.10 -24.81 -23.45
CA SER C 147 19.51 -25.03 -23.76
C SER C 147 20.19 -25.88 -22.69
N LEU C 148 19.88 -25.62 -21.42
CA LEU C 148 20.52 -26.38 -20.34
C LEU C 148 20.05 -27.83 -20.37
N ILE C 149 18.75 -28.05 -20.46
CA ILE C 149 18.21 -29.41 -20.46
C ILE C 149 18.78 -30.23 -21.62
N ALA C 150 18.92 -29.61 -22.80
CA ALA C 150 19.56 -30.31 -23.92
C ALA C 150 20.98 -30.75 -23.57
N LYS C 151 21.75 -29.86 -22.94
CA LYS C 151 23.13 -30.20 -22.58
C LYS C 151 23.17 -31.30 -21.53
N VAL C 152 22.35 -31.16 -20.47
CA VAL C 152 22.31 -32.14 -19.39
C VAL C 152 21.97 -33.54 -19.91
N LEU C 153 21.04 -33.62 -20.85
CA LEU C 153 20.55 -34.90 -21.36
C LEU C 153 21.35 -35.44 -22.54
N SER C 154 22.35 -34.71 -23.02
CA SER C 154 23.06 -35.15 -24.21
C SER C 154 23.66 -36.56 -24.09
N PRO C 155 24.13 -37.04 -22.92
CA PRO C 155 24.56 -38.45 -22.85
C PRO C 155 23.47 -39.46 -23.16
N LEU C 156 22.20 -39.06 -23.23
CA LEU C 156 21.11 -39.98 -23.52
C LEU C 156 20.74 -40.02 -25.00
N GLN C 157 21.55 -39.43 -25.87
CA GLN C 157 21.33 -39.54 -27.31
C GLN C 157 21.55 -40.98 -27.77
N ALA C 158 21.07 -41.28 -28.97
CA ALA C 158 21.28 -42.60 -29.57
C ALA C 158 22.65 -42.66 -30.22
N GLY D 5 16.71 21.25 26.43
CA GLY D 5 15.66 21.12 27.43
C GLY D 5 15.79 21.96 28.69
N THR D 6 15.15 21.53 29.77
CA THR D 6 15.01 22.36 30.97
C THR D 6 14.55 21.51 32.14
N VAL D 7 14.82 22.01 33.35
CA VAL D 7 14.41 21.38 34.61
C VAL D 7 13.96 22.47 35.58
N ARG D 8 12.82 22.25 36.23
CA ARG D 8 12.27 23.21 37.19
C ARG D 8 11.75 22.44 38.40
N GLN D 9 12.30 22.75 39.57
CA GLN D 9 11.99 22.04 40.81
C GLN D 9 11.40 22.98 41.84
N THR D 10 10.63 22.43 42.77
CA THR D 10 10.23 23.15 43.96
C THR D 10 11.28 22.95 45.04
N SER D 11 11.09 23.63 46.16
CA SER D 11 11.85 23.25 47.33
C SER D 11 11.36 21.90 47.84
N GLY D 12 12.19 21.25 48.63
CA GLY D 12 11.84 19.96 49.16
C GLY D 12 12.62 19.61 50.40
N PRO D 13 12.24 18.53 51.06
CA PRO D 13 12.95 18.09 52.26
C PRO D 13 14.29 17.46 51.91
N ALA D 14 15.14 17.37 52.92
CA ALA D 14 16.42 16.67 52.79
C ALA D 14 16.17 15.21 53.17
N LEU D 15 16.03 14.36 52.15
CA LEU D 15 15.76 12.96 52.40
C LEU D 15 16.93 12.31 53.13
N ALA D 16 16.61 11.32 53.95
CA ALA D 16 17.59 10.53 54.68
C ALA D 16 17.72 9.15 54.04
N ARG D 17 18.86 8.51 54.30
CA ARG D 17 19.09 7.15 53.82
C ARG D 17 17.94 6.22 54.18
N GLY D 18 17.41 6.35 55.40
CA GLY D 18 16.39 5.44 55.89
C GLY D 18 14.96 5.71 55.47
N ASP D 19 14.69 6.75 54.68
CA ASP D 19 13.33 7.04 54.25
C ASP D 19 12.88 6.00 53.21
N LYS D 20 11.86 5.21 53.56
CA LYS D 20 11.32 4.22 52.64
C LYS D 20 10.48 4.92 51.57
N VAL D 21 10.89 4.78 50.31
CA VAL D 21 10.24 5.47 49.20
C VAL D 21 9.64 4.42 48.26
N ALA D 22 8.32 4.45 48.12
CA ALA D 22 7.64 3.65 47.12
C ALA D 22 7.53 4.46 45.83
N VAL D 23 8.03 3.89 44.73
CA VAL D 23 7.84 4.45 43.40
C VAL D 23 6.61 3.78 42.80
N VAL D 24 5.55 4.56 42.59
CA VAL D 24 4.27 4.00 42.22
C VAL D 24 3.99 4.30 40.74
N SER D 25 2.76 4.04 40.31
CA SER D 25 2.37 4.11 38.90
C SER D 25 2.69 5.47 38.27
N ILE D 26 3.70 5.50 37.41
CA ILE D 26 4.02 6.68 36.62
C ILE D 26 3.19 6.63 35.36
N ALA D 27 2.31 7.61 35.19
CA ALA D 27 1.40 7.60 34.04
C ALA D 27 2.19 7.70 32.73
N ASN D 28 1.70 7.01 31.69
CA ASN D 28 2.29 7.08 30.36
C ASN D 28 1.33 7.86 29.46
N TYR D 29 1.61 9.14 29.26
CA TYR D 29 0.83 9.95 28.33
C TYR D 29 1.43 9.99 26.94
N THR D 30 2.29 9.06 26.61
CA THR D 30 2.85 8.96 25.27
C THR D 30 2.25 7.74 24.56
N GLU D 31 2.61 7.59 23.28
CA GLU D 31 2.32 6.40 22.51
C GLU D 31 3.52 5.44 22.43
N THR D 32 4.48 5.56 23.33
CA THR D 32 5.53 4.57 23.42
C THR D 32 5.13 3.56 24.49
N PRO D 33 4.81 2.32 24.12
CA PRO D 33 4.42 1.32 25.13
C PRO D 33 5.46 1.22 26.24
N ASP D 34 4.97 1.07 27.47
CA ASP D 34 5.75 0.85 28.71
C ASP D 34 6.66 2.00 29.09
N ALA D 35 6.55 3.17 28.45
CA ALA D 35 7.45 4.25 28.80
C ALA D 35 7.34 4.64 30.27
N GLY D 36 6.15 4.53 30.85
CA GLY D 36 6.02 4.81 32.27
C GLY D 36 6.75 3.79 33.12
N HIS D 37 6.70 2.51 32.74
CA HIS D 37 7.40 1.48 33.50
C HIS D 37 8.91 1.67 33.41
N SER D 38 9.40 2.08 32.23
CA SER D 38 10.80 2.42 32.06
C SER D 38 11.19 3.56 32.99
N ALA D 39 10.37 4.62 33.00
CA ALA D 39 10.63 5.76 33.87
C ALA D 39 10.64 5.32 35.33
N GLU D 40 9.76 4.38 35.70
CA GLU D 40 9.74 3.87 37.07
C GLU D 40 11.06 3.18 37.42
N SER D 41 11.54 2.31 36.54
CA SER D 41 12.74 1.53 36.86
C SER D 41 13.97 2.43 36.91
N ILE D 42 14.05 3.40 36.01
CA ILE D 42 15.17 4.33 36.02
C ILE D 42 15.10 5.23 37.24
N ALA D 43 13.90 5.74 37.56
CA ALA D 43 13.75 6.57 38.75
C ALA D 43 14.13 5.82 40.02
N ALA D 44 13.73 4.54 40.11
CA ALA D 44 14.04 3.76 41.30
C ALA D 44 15.54 3.63 41.49
N ASN D 45 16.26 3.27 40.41
CA ASN D 45 17.71 3.16 40.50
C ASN D 45 18.36 4.52 40.76
N THR D 46 17.79 5.60 40.21
CA THR D 46 18.29 6.94 40.50
C THR D 46 18.23 7.24 41.99
N LEU D 47 17.09 6.97 42.61
CA LEU D 47 16.96 7.25 44.03
C LEU D 47 17.96 6.44 44.83
N ARG D 48 18.15 5.16 44.47
CA ARG D 48 19.13 4.32 45.17
C ARG D 48 20.55 4.82 44.94
N ALA D 49 20.88 5.17 43.69
CA ALA D 49 22.18 5.76 43.41
C ALA D 49 22.40 7.03 44.23
N GLY D 50 21.33 7.80 44.45
CA GLY D 50 21.36 8.99 45.29
C GLY D 50 21.47 8.72 46.78
N GLY D 51 21.41 7.47 47.21
CA GLY D 51 21.62 7.10 48.60
C GLY D 51 20.38 6.77 49.40
N ILE D 52 19.25 6.49 48.76
CA ILE D 52 18.03 6.15 49.49
C ILE D 52 17.93 4.63 49.56
N ALA D 53 17.96 4.08 50.78
CA ALA D 53 18.22 2.66 50.96
C ALA D 53 17.08 1.78 50.45
N ASP D 54 15.88 1.94 51.01
CA ASP D 54 14.72 1.11 50.68
C ASP D 54 13.85 1.86 49.67
N VAL D 55 13.94 1.45 48.41
CA VAL D 55 13.13 1.96 47.30
C VAL D 55 12.42 0.77 46.64
N ARG D 56 11.09 0.81 46.56
CA ARG D 56 10.29 -0.24 45.94
C ARG D 56 9.38 0.31 44.86
N ILE D 57 9.09 -0.53 43.84
CA ILE D 57 8.20 -0.20 42.74
C ILE D 57 6.90 -1.00 42.87
N ALA D 58 5.77 -0.31 42.69
CA ALA D 58 4.47 -0.97 42.74
C ALA D 58 4.31 -1.95 41.58
N PRO D 59 3.61 -3.08 41.81
CA PRO D 59 3.27 -4.03 40.76
C PRO D 59 2.14 -3.53 39.86
N TRP D 82 -1.57 1.15 47.76
CA TRP D 82 -0.59 0.07 47.86
C TRP D 82 0.61 0.46 48.69
N ALA D 83 1.01 1.74 48.57
CA ALA D 83 2.19 2.23 49.27
C ALA D 83 2.06 2.06 50.77
N ARG D 84 0.86 2.29 51.30
CA ARG D 84 0.66 2.17 52.74
C ARG D 84 0.96 0.76 53.24
N SER D 85 0.63 -0.26 52.44
CA SER D 85 0.92 -1.64 52.83
C SER D 85 2.41 -1.91 52.87
N GLN D 86 3.22 -1.15 52.12
CA GLN D 86 4.67 -1.21 52.23
C GLN D 86 5.22 -0.37 53.37
N ASN D 87 4.35 0.38 54.06
CA ASN D 87 4.77 1.33 55.10
C ASN D 87 5.81 2.30 54.58
N ALA D 88 5.67 2.71 53.32
CA ALA D 88 6.57 3.71 52.78
C ALA D 88 6.36 5.04 53.49
N ARG D 89 7.42 5.85 53.53
CA ARG D 89 7.27 7.20 54.06
C ARG D 89 6.87 8.20 52.97
N TYR D 90 7.53 8.13 51.82
CA TYR D 90 7.18 8.96 50.68
C TYR D 90 6.79 8.10 49.48
N VAL D 91 6.01 8.69 48.60
CA VAL D 91 5.69 8.12 47.30
C VAL D 91 6.30 9.00 46.23
N LEU D 92 6.98 8.37 45.28
CA LEU D 92 7.42 9.07 44.08
C LEU D 92 6.46 8.66 42.98
N SER D 93 5.71 9.63 42.47
CA SER D 93 4.81 9.40 41.34
C SER D 93 5.10 10.42 40.25
N GLY D 94 4.27 10.47 39.22
CA GLY D 94 4.47 11.39 38.14
C GLY D 94 3.88 10.84 36.86
N ALA D 95 4.34 11.42 35.75
CA ALA D 95 3.85 11.05 34.43
C ALA D 95 4.93 11.33 33.39
N VAL D 96 4.89 10.55 32.31
CA VAL D 96 5.75 10.77 31.16
C VAL D 96 4.92 11.50 30.11
N GLU D 97 5.29 12.75 29.82
CA GLU D 97 4.63 13.53 28.78
C GLU D 97 5.22 13.31 27.40
N GLU D 98 6.45 12.83 27.33
CA GLU D 98 7.07 12.60 26.02
C GLU D 98 8.21 11.60 26.21
N TRP D 99 8.36 10.72 25.24
CA TRP D 99 9.34 9.64 25.30
C TRP D 99 9.40 8.93 23.96
N ARG D 100 10.07 9.52 22.98
CA ARG D 100 10.08 8.99 21.62
C ARG D 100 11.30 9.53 20.89
N TYR D 101 11.52 8.99 19.70
CA TYR D 101 12.35 9.64 18.71
C TYR D 101 11.43 10.46 17.83
N LYS D 102 11.81 11.71 17.53
CA LYS D 102 11.05 12.45 16.54
C LYS D 102 11.11 11.69 15.21
N THR D 103 10.17 12.01 14.33
CA THR D 103 9.94 11.19 13.17
C THR D 103 11.06 11.39 12.16
N GLY D 104 11.32 10.34 11.38
CA GLY D 104 12.29 10.38 10.31
C GLY D 104 13.61 9.76 10.70
N VAL D 105 14.40 9.44 9.67
CA VAL D 105 15.77 8.99 9.88
C VAL D 105 16.56 10.07 10.61
N ASP D 106 17.35 9.67 11.61
CA ASP D 106 18.05 10.64 12.47
C ASP D 106 17.09 11.58 13.20
N GLY D 107 15.82 11.21 13.36
CA GLY D 107 14.99 11.92 14.32
C GLY D 107 15.53 11.83 15.73
N GLU D 108 15.68 12.98 16.41
CA GLU D 108 16.34 13.04 17.71
C GLU D 108 15.41 12.54 18.82
N PRO D 109 15.95 11.95 19.88
CA PRO D 109 15.11 11.58 21.02
C PRO D 109 14.66 12.80 21.81
N VAL D 110 13.46 12.69 22.37
CA VAL D 110 12.92 13.75 23.20
C VAL D 110 12.19 13.13 24.41
N VAL D 111 12.45 13.67 25.61
CA VAL D 111 11.86 13.16 26.83
C VAL D 111 11.25 14.31 27.62
N GLY D 112 10.04 14.10 28.15
CA GLY D 112 9.41 15.03 29.07
C GLY D 112 8.80 14.27 30.24
N VAL D 113 9.12 14.68 31.46
CA VAL D 113 8.70 13.97 32.67
C VAL D 113 8.37 14.96 33.75
N THR D 114 7.35 14.62 34.55
CA THR D 114 7.00 15.32 35.76
C THR D 114 7.04 14.34 36.92
N PHE D 115 7.59 14.76 38.04
CA PHE D 115 7.63 13.94 39.24
C PHE D 115 7.02 14.69 40.41
N GLU D 116 6.44 13.94 41.35
CA GLU D 116 5.94 14.45 42.61
C GLU D 116 6.39 13.51 43.72
N LEU D 117 6.81 14.10 44.85
CA LEU D 117 7.08 13.35 46.08
C LEU D 117 5.93 13.62 47.04
N ILE D 118 5.27 12.55 47.49
CA ILE D 118 4.05 12.62 48.28
C ILE D 118 4.31 12.05 49.66
N ASP D 119 3.93 12.79 50.69
CA ASP D 119 3.98 12.33 52.07
C ASP D 119 2.81 11.39 52.32
N VAL D 120 3.10 10.11 52.57
CA VAL D 120 2.06 9.10 52.62
C VAL D 120 1.10 9.34 53.78
N SER D 121 1.63 9.78 54.94
CA SER D 121 0.78 9.93 56.12
C SER D 121 -0.29 11.00 55.90
N ASN D 122 0.08 12.18 55.39
CA ASN D 122 -0.88 13.25 55.21
C ASN D 122 -1.25 13.51 53.76
N GLY D 123 -0.68 12.77 52.81
CA GLY D 123 -1.11 12.87 51.43
C GLY D 123 -0.70 14.12 50.68
N ALA D 124 0.12 14.97 51.28
CA ALA D 124 0.49 16.24 50.66
C ALA D 124 1.69 16.06 49.74
N VAL D 125 1.69 16.83 48.65
CA VAL D 125 2.87 16.94 47.79
C VAL D 125 3.89 17.85 48.48
N VAL D 126 5.05 17.30 48.80
CA VAL D 126 6.10 18.05 49.49
C VAL D 126 7.24 18.41 48.56
N TRP D 127 7.17 18.00 47.30
CA TRP D 127 8.22 18.28 46.33
C TRP D 127 7.71 17.87 44.95
N SER D 128 8.04 18.66 43.94
CA SER D 128 7.67 18.31 42.58
C SER D 128 8.71 18.89 41.64
N ALA D 129 8.81 18.27 40.45
CA ALA D 129 9.75 18.74 39.43
C ALA D 129 9.23 18.36 38.05
N THR D 130 9.60 19.17 37.07
CA THR D 130 9.35 18.91 35.66
C THR D 130 10.67 19.01 34.91
N GLY D 131 10.93 18.04 34.06
CA GLY D 131 12.14 18.07 33.24
C GLY D 131 11.82 17.70 31.81
N THR D 132 12.48 18.36 30.86
CA THR D 132 12.40 18.01 29.45
C THR D 132 13.81 18.02 28.87
N ARG D 133 14.01 17.23 27.81
CA ARG D 133 15.32 17.22 27.16
C ARG D 133 15.19 16.74 25.72
N THR D 134 15.94 17.38 24.82
CA THR D 134 16.02 17.02 23.41
C THR D 134 17.47 16.66 23.10
N GLY D 135 17.71 15.40 22.75
CA GLY D 135 19.04 14.98 22.37
C GLY D 135 19.37 15.44 20.96
N TRP D 136 20.59 15.17 20.55
CA TRP D 136 20.89 15.42 19.15
C TRP D 136 20.61 14.15 18.37
N SER D 137 20.80 14.21 17.06
CA SER D 137 20.27 13.18 16.17
C SER D 137 20.89 11.81 16.43
N ARG D 138 22.13 11.75 16.89
CA ARG D 138 22.82 10.48 17.04
C ARG D 138 22.80 9.95 18.47
N SER D 139 21.87 10.40 19.29
CA SER D 139 21.86 9.99 20.68
C SER D 139 20.74 8.98 20.94
N GLY D 140 20.89 8.26 22.05
CA GLY D 140 19.94 7.22 22.42
C GLY D 140 18.84 7.77 23.30
N LEU D 141 17.61 7.34 23.02
CA LEU D 141 16.47 7.72 23.85
C LEU D 141 16.69 7.34 25.31
N SER D 142 17.15 6.11 25.56
CA SER D 142 17.35 5.71 26.94
C SER D 142 18.48 6.49 27.60
N SER D 143 19.50 6.90 26.84
CA SER D 143 20.56 7.72 27.41
C SER D 143 20.03 9.07 27.83
N VAL D 144 19.18 9.68 26.99
CA VAL D 144 18.65 11.00 27.31
C VAL D 144 17.70 10.91 28.50
N ALA D 145 16.86 9.89 28.55
CA ALA D 145 15.94 9.73 29.66
C ALA D 145 16.67 9.50 30.97
N THR D 146 17.67 8.61 30.95
CA THR D 146 18.42 8.32 32.17
C THR D 146 19.14 9.57 32.67
N SER D 147 19.84 10.26 31.78
CA SER D 147 20.53 11.48 32.18
C SER D 147 19.55 12.52 32.72
N LEU D 148 18.39 12.67 32.06
CA LEU D 148 17.43 13.68 32.51
C LEU D 148 16.86 13.32 33.87
N ILE D 149 16.48 12.07 34.06
CA ILE D 149 15.81 11.69 35.30
C ILE D 149 16.76 11.84 36.48
N ALA D 150 18.04 11.49 36.29
CA ALA D 150 19.04 11.74 37.32
C ALA D 150 19.08 13.22 37.69
N LYS D 151 19.10 14.10 36.68
CA LYS D 151 19.12 15.54 36.96
C LYS D 151 17.87 15.97 37.70
N VAL D 152 16.70 15.49 37.27
CA VAL D 152 15.44 15.91 37.86
C VAL D 152 15.35 15.47 39.32
N LEU D 153 15.78 14.25 39.62
CA LEU D 153 15.67 13.71 40.98
C LEU D 153 16.84 14.06 41.87
N SER D 154 17.81 14.83 41.39
CA SER D 154 18.97 15.15 42.22
C SER D 154 18.64 15.83 43.55
N PRO D 155 17.58 16.65 43.70
CA PRO D 155 17.27 17.17 45.05
C PRO D 155 16.80 16.10 46.01
N LEU D 156 16.50 14.90 45.53
CA LEU D 156 16.06 13.80 46.37
C LEU D 156 17.21 12.88 46.79
N GLN D 157 18.46 13.27 46.50
CA GLN D 157 19.60 12.54 47.03
C GLN D 157 19.64 12.66 48.55
N ALA D 158 20.14 11.62 49.20
CA ALA D 158 20.09 11.50 50.65
C ALA D 158 20.89 12.62 51.33
N ARG D 159 20.42 13.00 52.51
CA ARG D 159 20.99 14.06 53.37
C ARG D 159 22.51 14.12 53.45
N MSE E 4 32.52 -14.69 0.93
CA MSE E 4 32.45 -15.59 2.08
C MSE E 4 32.40 -17.06 1.63
O MSE E 4 32.04 -17.39 0.49
CB MSE E 4 31.24 -15.26 2.96
CG MSE E 4 31.37 -13.95 3.73
SE MSE E 4 32.98 -13.87 4.87
CE MSE E 4 33.94 -12.42 3.97
N GLY E 5 32.76 -17.94 2.55
CA GLY E 5 32.78 -19.33 2.20
C GLY E 5 33.83 -20.15 2.92
N THR E 6 33.36 -21.13 3.67
CA THR E 6 34.20 -22.09 4.36
C THR E 6 33.55 -23.46 4.23
N VAL E 7 34.39 -24.49 4.12
CA VAL E 7 33.96 -25.87 4.32
C VAL E 7 34.83 -26.44 5.42
N ARG E 8 34.18 -26.91 6.49
CA ARG E 8 34.86 -27.59 7.58
C ARG E 8 34.24 -28.98 7.75
N GLN E 9 35.07 -30.01 7.69
CA GLN E 9 34.60 -31.39 7.72
C GLN E 9 35.44 -32.19 8.72
N THR E 10 34.86 -33.26 9.23
CA THR E 10 35.56 -34.16 10.13
C THR E 10 36.27 -35.24 9.32
N SER E 11 37.04 -36.07 10.01
CA SER E 11 37.47 -37.30 9.40
C SER E 11 36.26 -38.20 9.18
N GLY E 12 36.43 -39.23 8.36
CA GLY E 12 35.33 -40.10 8.08
C GLY E 12 35.78 -41.38 7.42
N PRO E 13 34.84 -42.28 7.18
CA PRO E 13 35.19 -43.57 6.58
C PRO E 13 35.43 -43.40 5.08
N ALA E 14 36.18 -44.35 4.53
CA ALA E 14 36.34 -44.48 3.10
C ALA E 14 35.10 -45.19 2.57
N LEU E 15 34.29 -44.50 1.78
CA LEU E 15 33.12 -45.12 1.20
C LEU E 15 33.52 -46.00 0.02
N ALA E 16 32.85 -47.14 -0.10
CA ALA E 16 33.03 -48.02 -1.25
C ALA E 16 31.88 -47.84 -2.21
N ARG E 17 32.14 -48.15 -3.49
CA ARG E 17 31.11 -48.05 -4.52
C ARG E 17 29.84 -48.78 -4.10
N GLY E 18 29.97 -49.95 -3.50
CA GLY E 18 28.84 -50.75 -3.07
C GLY E 18 28.17 -50.34 -1.78
N ASP E 19 28.65 -49.31 -1.08
CA ASP E 19 27.95 -48.86 0.13
C ASP E 19 26.65 -48.17 -0.27
N LYS E 20 25.51 -48.73 0.13
CA LYS E 20 24.24 -48.11 -0.19
C LYS E 20 23.96 -46.97 0.80
N VAL E 21 23.57 -45.81 0.27
CA VAL E 21 23.36 -44.61 1.08
C VAL E 21 21.93 -44.12 0.85
N ALA E 22 21.20 -43.94 1.94
CA ALA E 22 19.89 -43.30 1.90
C ALA E 22 20.05 -41.84 2.30
N VAL E 23 19.44 -40.94 1.53
CA VAL E 23 19.38 -39.50 1.84
C VAL E 23 18.04 -39.27 2.53
N VAL E 24 18.07 -38.85 3.78
CA VAL E 24 16.86 -38.75 4.59
C VAL E 24 16.69 -37.33 5.13
N SER E 25 15.55 -36.71 4.80
CA SER E 25 14.99 -35.51 5.43
C SER E 25 16.04 -34.49 5.83
N ILE E 26 16.51 -33.73 4.86
CA ILE E 26 17.36 -32.59 5.14
C ILE E 26 16.44 -31.45 5.57
N ALA E 27 16.62 -31.01 6.82
CA ALA E 27 15.74 -29.98 7.37
C ALA E 27 15.93 -28.66 6.63
N ASN E 28 14.86 -27.86 6.57
CA ASN E 28 14.87 -26.56 5.90
C ASN E 28 14.69 -25.48 6.97
N TYR E 29 15.78 -24.83 7.38
CA TYR E 29 15.69 -23.79 8.39
C TYR E 29 15.66 -22.39 7.77
N THR E 30 15.30 -22.29 6.50
CA THR E 30 15.16 -21.02 5.78
C THR E 30 13.69 -20.74 5.47
N GLU E 31 13.44 -19.56 4.90
CA GLU E 31 12.12 -19.22 4.39
C GLU E 31 11.99 -19.43 2.90
N THR E 32 12.93 -20.15 2.26
CA THR E 32 12.75 -20.56 0.87
C THR E 32 12.03 -21.90 0.88
N PRO E 33 10.78 -21.99 0.43
CA PRO E 33 10.12 -23.30 0.40
C PRO E 33 10.92 -24.31 -0.41
N ASP E 34 10.94 -25.55 0.09
CA ASP E 34 11.51 -26.72 -0.58
C ASP E 34 13.03 -26.69 -0.68
N ALA E 35 13.70 -25.75 0.00
CA ALA E 35 15.16 -25.73 -0.06
C ALA E 35 15.77 -27.04 0.44
N GLY E 36 15.22 -27.61 1.51
CA GLY E 36 15.68 -28.92 1.96
C GLY E 36 15.53 -29.99 0.90
N HIS E 37 14.39 -30.02 0.21
CA HIS E 37 14.20 -31.03 -0.83
C HIS E 37 15.16 -30.80 -1.99
N SER E 38 15.41 -29.53 -2.32
CA SER E 38 16.43 -29.24 -3.33
C SER E 38 17.79 -29.76 -2.86
N ALA E 39 18.13 -29.52 -1.60
CA ALA E 39 19.43 -29.98 -1.12
C ALA E 39 19.51 -31.51 -1.16
N GLU E 40 18.38 -32.19 -0.93
CA GLU E 40 18.36 -33.66 -0.99
C GLU E 40 18.63 -34.15 -2.40
N SER E 41 17.99 -33.54 -3.39
CA SER E 41 18.14 -34.00 -4.77
C SER E 41 19.55 -33.72 -5.27
N ILE E 42 20.07 -32.54 -4.96
CA ILE E 42 21.44 -32.22 -5.34
C ILE E 42 22.43 -33.12 -4.63
N ALA E 43 22.22 -33.37 -3.33
CA ALA E 43 23.14 -34.20 -2.57
C ALA E 43 23.13 -35.64 -3.09
N ALA E 44 21.95 -36.16 -3.43
CA ALA E 44 21.86 -37.53 -3.94
C ALA E 44 22.65 -37.67 -5.24
N ASN E 45 22.46 -36.74 -6.19
CA ASN E 45 23.22 -36.78 -7.44
C ASN E 45 24.71 -36.56 -7.21
N THR E 46 25.09 -35.76 -6.20
CA THR E 46 26.50 -35.58 -5.87
C THR E 46 27.11 -36.90 -5.40
N LEU E 47 26.45 -37.57 -4.45
CA LEU E 47 26.93 -38.86 -3.98
C LEU E 47 27.10 -39.84 -5.13
N ARG E 48 26.14 -39.90 -6.05
CA ARG E 48 26.28 -40.79 -7.19
C ARG E 48 27.44 -40.36 -8.08
N ALA E 49 27.54 -39.05 -8.37
CA ALA E 49 28.60 -38.57 -9.24
C ALA E 49 29.97 -38.88 -8.67
N GLY E 50 30.09 -38.97 -7.34
CA GLY E 50 31.30 -39.36 -6.66
C GLY E 50 31.53 -40.85 -6.55
N GLY E 51 30.65 -41.66 -7.14
CA GLY E 51 30.89 -43.08 -7.28
C GLY E 51 30.11 -43.99 -6.35
N ILE E 52 29.15 -43.48 -5.60
CA ILE E 52 28.28 -44.38 -4.84
C ILE E 52 27.22 -44.90 -5.80
N ALA E 53 27.20 -46.23 -6.01
CA ALA E 53 26.28 -46.79 -7.01
C ALA E 53 24.83 -46.56 -6.61
N ASP E 54 24.45 -46.92 -5.38
CA ASP E 54 23.05 -47.01 -4.99
C ASP E 54 22.75 -45.95 -3.94
N VAL E 55 22.17 -44.84 -4.38
CA VAL E 55 21.72 -43.75 -3.52
C VAL E 55 20.22 -43.60 -3.72
N ARG E 56 19.50 -43.41 -2.61
CA ARG E 56 18.05 -43.31 -2.64
C ARG E 56 17.61 -42.25 -1.64
N ILE E 57 16.61 -41.45 -2.03
CA ILE E 57 16.05 -40.42 -1.17
C ILE E 57 14.81 -40.98 -0.50
N ALA E 58 14.68 -40.80 0.81
CA ALA E 58 13.51 -41.28 1.52
C ALA E 58 12.26 -40.51 1.07
N PRO E 59 11.09 -41.15 1.10
CA PRO E 59 9.86 -40.44 0.75
C PRO E 59 9.32 -39.59 1.89
N ALA E 60 8.05 -39.19 1.78
CA ALA E 60 7.33 -38.44 2.81
C ALA E 60 8.01 -37.12 3.16
N LYS E 78 13.50 -45.59 14.68
CA LYS E 78 13.06 -44.31 14.11
C LYS E 78 13.11 -44.37 12.58
N ALA E 79 13.94 -43.50 11.99
CA ALA E 79 14.30 -43.61 10.58
C ALA E 79 15.40 -44.64 10.34
N MSE E 80 15.96 -45.17 11.42
CA MSE E 80 16.94 -46.24 11.35
C MSE E 80 16.32 -47.48 10.71
O MSE E 80 16.91 -48.10 9.84
CB MSE E 80 17.46 -46.57 12.74
CG MSE E 80 18.96 -46.67 12.81
SE MSE E 80 19.72 -45.05 12.04
CE MSE E 80 21.55 -45.57 12.05
N GLU E 81 15.12 -47.84 11.18
CA GLU E 81 14.47 -49.01 10.64
C GLU E 81 14.10 -48.83 9.17
N TRP E 82 13.86 -47.59 8.73
CA TRP E 82 13.59 -47.40 7.31
C TRP E 82 14.85 -47.69 6.48
N ALA E 83 15.99 -47.16 6.91
CA ALA E 83 17.24 -47.37 6.19
C ALA E 83 17.65 -48.85 6.19
N ARG E 84 17.43 -49.54 7.31
CA ARG E 84 17.76 -50.97 7.34
C ARG E 84 16.85 -51.76 6.39
N SER E 85 15.54 -51.46 6.41
CA SER E 85 14.63 -52.10 5.46
C SER E 85 15.02 -51.82 4.01
N GLN E 86 15.79 -50.74 3.79
CA GLN E 86 16.33 -50.42 2.48
C GLN E 86 17.69 -51.05 2.23
N ASN E 87 18.24 -51.77 3.22
CA ASN E 87 19.58 -52.37 3.11
C ASN E 87 20.64 -51.28 2.90
N ALA E 88 20.45 -50.14 3.54
CA ALA E 88 21.40 -49.03 3.45
C ALA E 88 22.48 -49.15 4.52
N ARG E 89 23.73 -48.97 4.13
CA ARG E 89 24.83 -48.91 5.09
C ARG E 89 24.90 -47.58 5.82
N TYR E 90 24.53 -46.48 5.14
CA TYR E 90 24.66 -45.15 5.72
C TYR E 90 23.41 -44.33 5.40
N VAL E 91 23.18 -43.34 6.24
CA VAL E 91 22.15 -42.33 6.03
C VAL E 91 22.85 -40.99 5.98
N LEU E 92 22.66 -40.24 4.90
CA LEU E 92 23.11 -38.86 4.82
C LEU E 92 21.93 -37.98 5.18
N SER E 93 22.09 -37.17 6.23
CA SER E 93 21.08 -36.18 6.59
C SER E 93 21.74 -34.82 6.80
N GLY E 94 21.00 -33.86 7.34
CA GLY E 94 21.58 -32.53 7.53
C GLY E 94 20.49 -31.47 7.59
N ALA E 95 20.91 -30.23 7.29
CA ALA E 95 20.03 -29.09 7.49
C ALA E 95 20.50 -27.96 6.59
N VAL E 96 19.55 -27.21 6.04
CA VAL E 96 19.85 -26.00 5.28
C VAL E 96 19.64 -24.80 6.20
N GLU E 97 20.73 -24.09 6.51
CA GLU E 97 20.67 -22.90 7.36
C GLU E 97 20.42 -21.63 6.56
N GLU E 98 20.76 -21.61 5.28
CA GLU E 98 20.58 -20.42 4.46
C GLU E 98 20.53 -20.84 3.00
N TRP E 99 19.58 -20.26 2.27
CA TRP E 99 19.33 -20.61 0.88
C TRP E 99 18.47 -19.52 0.27
N ARG E 100 19.06 -18.40 -0.12
CA ARG E 100 18.29 -17.25 -0.57
C ARG E 100 19.20 -16.34 -1.37
N TYR E 101 18.58 -15.39 -2.07
CA TYR E 101 19.29 -14.18 -2.50
C TYR E 101 19.17 -13.16 -1.37
N LYS E 102 20.27 -12.47 -1.07
CA LYS E 102 20.16 -11.33 -0.19
C LYS E 102 19.21 -10.29 -0.81
N THR E 103 18.65 -9.44 0.04
CA THR E 103 17.59 -8.56 -0.41
C THR E 103 18.13 -7.51 -1.37
N GLY E 104 17.28 -7.10 -2.29
CA GLY E 104 17.58 -6.03 -3.23
C GLY E 104 17.91 -6.56 -4.62
N VAL E 105 17.81 -5.65 -5.58
CA VAL E 105 18.28 -5.92 -6.94
C VAL E 105 19.76 -6.25 -6.88
N ASP E 106 20.16 -7.30 -7.61
CA ASP E 106 21.55 -7.76 -7.56
C ASP E 106 21.96 -8.24 -6.18
N GLY E 107 21.02 -8.50 -5.27
CA GLY E 107 21.36 -9.18 -4.04
C GLY E 107 21.95 -10.55 -4.33
N GLU E 108 23.07 -10.91 -3.68
CA GLU E 108 23.83 -12.09 -4.06
C GLU E 108 23.23 -13.37 -3.46
N PRO E 109 23.41 -14.50 -4.12
CA PRO E 109 22.97 -15.77 -3.52
C PRO E 109 23.86 -16.17 -2.35
N VAL E 110 23.24 -16.62 -1.25
CA VAL E 110 23.99 -17.15 -0.10
C VAL E 110 23.45 -18.53 0.28
N VAL E 111 24.35 -19.46 0.60
CA VAL E 111 24.00 -20.84 0.91
C VAL E 111 24.76 -21.27 2.16
N GLY E 112 24.08 -21.96 3.06
CA GLY E 112 24.70 -22.54 4.24
C GLY E 112 24.06 -23.89 4.54
N VAL E 113 24.87 -24.94 4.62
CA VAL E 113 24.38 -26.30 4.80
C VAL E 113 25.25 -27.04 5.81
N THR E 114 24.62 -27.97 6.52
CA THR E 114 25.29 -28.93 7.38
C THR E 114 24.88 -30.32 6.94
N PHE E 115 25.83 -31.25 6.93
CA PHE E 115 25.52 -32.64 6.62
C PHE E 115 26.05 -33.53 7.74
N GLU E 116 25.40 -34.67 7.93
CA GLU E 116 25.86 -35.73 8.82
C GLU E 116 25.67 -37.06 8.14
N LEU E 117 26.72 -37.90 8.17
CA LEU E 117 26.66 -39.27 7.66
C LEU E 117 26.52 -40.24 8.83
N ILE E 118 25.41 -40.97 8.84
CA ILE E 118 25.03 -41.81 9.96
C ILE E 118 25.32 -43.26 9.60
N ASP E 119 26.10 -43.94 10.43
CA ASP E 119 26.34 -45.35 10.22
C ASP E 119 25.10 -46.12 10.66
N VAL E 120 24.45 -46.79 9.70
CA VAL E 120 23.23 -47.50 10.03
C VAL E 120 23.51 -48.69 10.95
N SER E 121 24.73 -49.21 10.95
CA SER E 121 25.06 -50.34 11.82
C SER E 121 24.89 -50.00 13.29
N ASN E 122 25.27 -48.79 13.70
CA ASN E 122 25.29 -48.45 15.12
C ASN E 122 24.60 -47.13 15.46
N GLY E 123 24.04 -46.41 14.50
CA GLY E 123 23.32 -45.20 14.82
C GLY E 123 24.17 -43.95 15.02
N ALA E 124 25.49 -44.06 14.95
CA ALA E 124 26.38 -42.95 15.27
C ALA E 124 26.66 -42.11 14.04
N VAL E 125 26.80 -40.80 14.23
CA VAL E 125 27.34 -39.93 13.18
C VAL E 125 28.82 -40.25 13.04
N VAL E 126 29.24 -40.75 11.89
CA VAL E 126 30.65 -41.06 11.67
C VAL E 126 31.32 -40.02 10.80
N TRP E 127 30.59 -39.00 10.36
CA TRP E 127 31.14 -37.96 9.53
C TRP E 127 30.15 -36.82 9.51
N SER E 128 30.64 -35.59 9.56
CA SER E 128 29.79 -34.43 9.40
C SER E 128 30.61 -33.30 8.81
N ALA E 129 29.91 -32.25 8.38
CA ALA E 129 30.57 -31.12 7.74
C ALA E 129 29.59 -29.96 7.69
N THR E 130 30.14 -28.76 7.71
CA THR E 130 29.38 -27.53 7.55
C THR E 130 29.99 -26.75 6.40
N GLY E 131 29.13 -26.25 5.51
CA GLY E 131 29.63 -25.46 4.40
C GLY E 131 28.79 -24.22 4.19
N THR E 132 29.45 -23.10 3.91
CA THR E 132 28.76 -21.87 3.56
C THR E 132 29.41 -21.29 2.32
N ARG E 133 28.62 -20.53 1.55
CA ARG E 133 29.19 -19.82 0.41
C ARG E 133 28.35 -18.59 0.09
N THR E 134 29.03 -17.51 -0.27
CA THR E 134 28.41 -16.27 -0.74
C THR E 134 28.83 -16.06 -2.19
N GLY E 135 27.85 -16.05 -3.09
CA GLY E 135 28.13 -15.82 -4.50
C GLY E 135 28.33 -14.35 -4.82
N TRP E 136 28.67 -14.11 -6.08
CA TRP E 136 28.74 -12.77 -6.65
C TRP E 136 27.32 -12.26 -6.94
N SER E 137 27.24 -10.95 -7.19
CA SER E 137 25.97 -10.33 -7.59
C SER E 137 25.34 -11.07 -8.77
N ARG E 138 26.17 -11.52 -9.71
CA ARG E 138 25.73 -12.11 -10.96
C ARG E 138 25.39 -13.60 -10.83
N SER E 139 25.65 -14.22 -9.69
CA SER E 139 25.57 -15.68 -9.59
C SER E 139 24.13 -16.14 -9.39
N GLY E 140 23.86 -17.36 -9.84
CA GLY E 140 22.60 -18.04 -9.53
C GLY E 140 22.68 -18.85 -8.26
N LEU E 141 21.60 -18.81 -7.48
CA LEU E 141 21.54 -19.54 -6.21
C LEU E 141 21.76 -21.04 -6.41
N SER E 142 21.13 -21.62 -7.44
CA SER E 142 21.30 -23.06 -7.63
C SER E 142 22.72 -23.40 -8.06
N SER E 143 23.38 -22.52 -8.83
CA SER E 143 24.79 -22.75 -9.15
C SER E 143 25.63 -22.74 -7.88
N VAL E 144 25.39 -21.75 -7.01
CA VAL E 144 26.17 -21.69 -5.77
C VAL E 144 25.87 -22.89 -4.89
N ALA E 145 24.59 -23.28 -4.77
CA ALA E 145 24.27 -24.44 -3.94
C ALA E 145 24.90 -25.71 -4.51
N THR E 146 24.86 -25.89 -5.84
CA THR E 146 25.36 -27.13 -6.42
C THR E 146 26.89 -27.23 -6.27
N SER E 147 27.61 -26.13 -6.47
CA SER E 147 29.07 -26.14 -6.27
C SER E 147 29.43 -26.39 -4.82
N LEU E 148 28.71 -25.76 -3.89
CA LEU E 148 29.08 -25.89 -2.48
C LEU E 148 28.84 -27.31 -2.00
N ILE E 149 27.69 -27.88 -2.34
CA ILE E 149 27.35 -29.21 -1.91
C ILE E 149 28.33 -30.23 -2.49
N ALA E 150 28.70 -30.08 -3.77
CA ALA E 150 29.73 -30.94 -4.32
C ALA E 150 31.03 -30.84 -3.55
N LYS E 151 31.44 -29.61 -3.18
CA LYS E 151 32.67 -29.49 -2.41
C LYS E 151 32.52 -30.11 -1.03
N VAL E 152 31.38 -29.85 -0.37
CA VAL E 152 31.15 -30.29 1.00
C VAL E 152 31.18 -31.82 1.08
N LEU E 153 30.53 -32.48 0.13
CA LEU E 153 30.40 -33.94 0.14
C LEU E 153 31.57 -34.64 -0.54
N SER E 154 32.60 -33.89 -0.93
CA SER E 154 33.72 -34.51 -1.63
C SER E 154 34.44 -35.60 -0.84
N PRO E 155 34.52 -35.60 0.51
CA PRO E 155 35.15 -36.73 1.21
C PRO E 155 34.36 -38.03 1.11
N LEU E 156 33.13 -38.00 0.63
CA LEU E 156 32.30 -39.19 0.51
C LEU E 156 32.37 -39.82 -0.88
N GLN E 157 33.32 -39.41 -1.71
CA GLN E 157 33.59 -40.10 -2.96
C GLN E 157 34.02 -41.54 -2.70
N ALA E 158 33.74 -42.42 -3.66
CA ALA E 158 33.97 -43.85 -3.50
C ALA E 158 35.29 -44.28 -4.12
N ARG E 159 35.66 -45.53 -3.86
CA ARG E 159 36.88 -46.15 -4.38
C ARG E 159 38.11 -45.35 -3.99
N MSE F 4 18.01 -13.79 -29.49
CA MSE F 4 18.26 -15.12 -28.95
C MSE F 4 17.03 -16.01 -29.04
O MSE F 4 15.91 -15.55 -29.22
CB MSE F 4 18.72 -15.01 -27.48
CG MSE F 4 18.73 -16.29 -26.64
SE MSE F 4 18.24 -15.78 -24.85
CE MSE F 4 19.49 -14.28 -24.75
N GLY F 5 17.27 -17.30 -28.91
CA GLY F 5 16.26 -18.32 -29.01
C GLY F 5 16.69 -19.36 -30.01
N THR F 6 16.29 -20.61 -29.83
CA THR F 6 16.64 -21.66 -30.77
C THR F 6 15.39 -22.42 -31.16
N VAL F 7 15.47 -23.07 -32.32
CA VAL F 7 14.47 -24.02 -32.77
C VAL F 7 15.17 -25.34 -32.99
N ARG F 8 14.65 -26.40 -32.37
CA ARG F 8 15.15 -27.76 -32.57
C ARG F 8 13.97 -28.63 -33.01
N GLN F 9 14.11 -29.29 -34.16
CA GLN F 9 13.08 -30.13 -34.74
C GLN F 9 13.64 -31.52 -35.06
N THR F 10 12.86 -32.56 -34.78
CA THR F 10 13.24 -33.89 -35.27
C THR F 10 12.89 -34.01 -36.76
N SER F 11 13.35 -35.10 -37.36
CA SER F 11 12.86 -35.41 -38.69
C SER F 11 11.39 -35.83 -38.60
N GLY F 12 10.73 -35.83 -39.75
CA GLY F 12 9.31 -36.09 -39.75
C GLY F 12 8.80 -36.46 -41.13
N PRO F 13 7.51 -36.74 -41.22
CA PRO F 13 6.94 -37.15 -42.50
C PRO F 13 6.60 -35.94 -43.35
N ALA F 14 6.61 -36.15 -44.66
CA ALA F 14 6.12 -35.14 -45.57
C ALA F 14 4.60 -35.08 -45.46
N LEU F 15 4.08 -33.96 -45.00
CA LEU F 15 2.63 -33.80 -44.93
C LEU F 15 2.10 -33.47 -46.31
N ALA F 16 0.94 -34.03 -46.64
CA ALA F 16 0.24 -33.73 -47.88
C ALA F 16 -0.80 -32.65 -47.66
N ARG F 17 -1.15 -31.95 -48.74
CA ARG F 17 -2.18 -30.92 -48.66
C ARG F 17 -3.49 -31.49 -48.10
N GLY F 18 -3.82 -32.73 -48.48
CA GLY F 18 -5.02 -33.40 -48.00
C GLY F 18 -4.93 -34.11 -46.67
N ASP F 19 -3.81 -34.00 -45.94
CA ASP F 19 -3.72 -34.63 -44.62
C ASP F 19 -4.56 -33.83 -43.63
N LYS F 20 -5.55 -34.49 -43.01
CA LYS F 20 -6.39 -33.87 -42.00
C LYS F 20 -5.65 -33.83 -40.66
N VAL F 21 -5.51 -32.63 -40.10
CA VAL F 21 -4.75 -32.41 -38.87
C VAL F 21 -5.68 -31.77 -37.84
N ALA F 22 -5.77 -32.39 -36.67
CA ALA F 22 -6.48 -31.80 -35.52
C ALA F 22 -5.48 -31.20 -34.54
N VAL F 23 -5.68 -29.94 -34.18
CA VAL F 23 -4.91 -29.29 -33.12
C VAL F 23 -5.65 -29.49 -31.81
N VAL F 24 -5.01 -30.16 -30.86
CA VAL F 24 -5.68 -30.54 -29.61
C VAL F 24 -4.91 -29.96 -28.43
N SER F 25 -5.67 -29.34 -27.51
CA SER F 25 -5.27 -28.90 -26.17
C SER F 25 -3.78 -28.67 -25.99
N ILE F 26 -3.34 -27.46 -26.26
CA ILE F 26 -1.98 -27.02 -25.97
C ILE F 26 -1.94 -26.54 -24.53
N ALA F 27 -1.15 -27.21 -23.71
CA ALA F 27 -1.10 -26.92 -22.29
C ALA F 27 -0.48 -25.55 -22.05
N ASN F 28 -0.99 -24.85 -21.04
CA ASN F 28 -0.52 -23.52 -20.66
C ASN F 28 0.27 -23.65 -19.37
N TYR F 29 1.60 -23.61 -19.46
CA TYR F 29 2.43 -23.70 -18.27
C TYR F 29 2.92 -22.33 -17.82
N THR F 30 2.21 -21.26 -18.20
CA THR F 30 2.54 -19.91 -17.82
C THR F 30 1.43 -19.33 -16.97
N GLU F 31 1.70 -18.13 -16.46
CA GLU F 31 0.72 -17.36 -15.71
C GLU F 31 0.00 -16.34 -16.58
N THR F 32 0.14 -16.44 -17.90
CA THR F 32 -0.64 -15.62 -18.83
C THR F 32 -1.91 -16.38 -19.20
N PRO F 33 -3.09 -15.93 -18.75
CA PRO F 33 -4.33 -16.66 -19.09
C PRO F 33 -4.45 -16.83 -20.59
N ASP F 34 -4.94 -18.01 -21.00
CA ASP F 34 -5.33 -18.31 -22.38
C ASP F 34 -4.16 -18.39 -23.35
N ALA F 35 -2.90 -18.33 -22.86
CA ALA F 35 -1.76 -18.45 -23.77
C ALA F 35 -1.77 -19.77 -24.53
N GLY F 36 -2.25 -20.86 -23.92
CA GLY F 36 -2.37 -22.11 -24.64
C GLY F 36 -3.37 -22.03 -25.78
N HIS F 37 -4.51 -21.37 -25.55
CA HIS F 37 -5.49 -21.20 -26.62
C HIS F 37 -4.95 -20.30 -27.71
N SER F 38 -4.25 -19.22 -27.33
CA SER F 38 -3.61 -18.38 -28.33
C SER F 38 -2.66 -19.19 -29.19
N ALA F 39 -1.85 -20.06 -28.56
CA ALA F 39 -0.95 -20.90 -29.34
C ALA F 39 -1.71 -21.84 -30.26
N GLU F 40 -2.90 -22.32 -29.83
CA GLU F 40 -3.70 -23.21 -30.68
C GLU F 40 -4.19 -22.50 -31.94
N SER F 41 -4.72 -21.27 -31.80
CA SER F 41 -5.20 -20.51 -32.94
C SER F 41 -4.07 -20.17 -33.90
N ILE F 42 -2.92 -19.75 -33.37
CA ILE F 42 -1.80 -19.37 -34.22
C ILE F 42 -1.24 -20.60 -34.91
N ALA F 43 -1.11 -21.72 -34.18
CA ALA F 43 -0.64 -22.96 -34.76
C ALA F 43 -1.56 -23.43 -35.88
N ALA F 44 -2.87 -23.41 -35.63
CA ALA F 44 -3.82 -23.86 -36.65
C ALA F 44 -3.70 -23.02 -37.93
N ASN F 45 -3.64 -21.68 -37.80
CA ASN F 45 -3.48 -20.86 -39.00
C ASN F 45 -2.11 -21.06 -39.63
N THR F 46 -1.10 -21.34 -38.84
CA THR F 46 0.23 -21.60 -39.38
C THR F 46 0.23 -22.85 -40.26
N LEU F 47 -0.40 -23.92 -39.79
CA LEU F 47 -0.49 -25.14 -40.58
C LEU F 47 -1.26 -24.90 -41.88
N ARG F 48 -2.36 -24.13 -41.82
CA ARG F 48 -3.10 -23.80 -43.03
C ARG F 48 -2.24 -22.99 -43.99
N ALA F 49 -1.55 -21.96 -43.47
CA ALA F 49 -0.69 -21.15 -44.32
C ALA F 49 0.42 -21.98 -44.95
N GLY F 50 0.83 -23.07 -44.31
CA GLY F 50 1.78 -24.02 -44.86
C GLY F 50 1.21 -25.00 -45.88
N GLY F 51 -0.08 -24.92 -46.17
CA GLY F 51 -0.67 -25.71 -47.23
C GLY F 51 -1.52 -26.87 -46.79
N ILE F 52 -1.77 -27.04 -45.49
CA ILE F 52 -2.67 -28.11 -45.04
C ILE F 52 -4.11 -27.59 -45.15
N ALA F 53 -4.91 -28.25 -46.00
CA ALA F 53 -6.25 -27.77 -46.32
C ALA F 53 -7.18 -27.83 -45.10
N ASP F 54 -7.20 -28.97 -44.41
CA ASP F 54 -8.21 -29.27 -43.39
C ASP F 54 -7.53 -29.33 -42.02
N VAL F 55 -7.65 -28.22 -41.28
CA VAL F 55 -7.09 -28.11 -39.94
C VAL F 55 -8.19 -27.64 -39.01
N ARG F 56 -8.36 -28.35 -37.89
CA ARG F 56 -9.44 -28.04 -36.96
C ARG F 56 -8.90 -28.07 -35.53
N ILE F 57 -9.35 -27.12 -34.72
CA ILE F 57 -8.99 -27.07 -33.31
C ILE F 57 -10.07 -27.79 -32.52
N ALA F 58 -9.66 -28.72 -31.65
CA ALA F 58 -10.62 -29.47 -30.86
C ALA F 58 -11.39 -28.54 -29.93
N PRO F 59 -12.65 -28.86 -29.63
CA PRO F 59 -13.46 -27.97 -28.79
C PRO F 59 -13.11 -28.12 -27.32
N ALA F 60 -13.72 -27.26 -26.50
CA ALA F 60 -13.54 -27.27 -25.06
C ALA F 60 -14.87 -27.07 -24.35
N GLU F 81 -8.30 -37.87 -27.96
CA GLU F 81 -8.37 -38.60 -29.21
C GLU F 81 -9.79 -38.55 -29.80
N TRP F 82 -10.44 -37.41 -29.59
CA TRP F 82 -11.65 -37.05 -30.32
C TRP F 82 -11.39 -36.95 -31.81
N ALA F 83 -10.14 -36.78 -32.21
CA ALA F 83 -9.75 -36.68 -33.60
C ALA F 83 -10.06 -37.94 -34.39
N ARG F 84 -10.20 -39.10 -33.72
CA ARG F 84 -10.58 -40.32 -34.42
C ARG F 84 -11.92 -40.17 -35.11
N SER F 85 -12.86 -39.43 -34.50
CA SER F 85 -14.17 -39.23 -35.09
C SER F 85 -14.16 -38.18 -36.19
N GLN F 86 -13.21 -37.23 -36.16
CA GLN F 86 -13.07 -36.22 -37.20
C GLN F 86 -12.29 -36.71 -38.41
N ASN F 87 -11.96 -38.01 -38.45
CA ASN F 87 -11.21 -38.61 -39.55
C ASN F 87 -9.82 -38.00 -39.69
N ALA F 88 -9.25 -37.55 -38.58
CA ALA F 88 -7.95 -36.88 -38.62
C ALA F 88 -6.82 -37.89 -38.81
N ARG F 89 -5.88 -37.55 -39.69
CA ARG F 89 -4.69 -38.36 -39.85
C ARG F 89 -3.64 -38.05 -38.79
N TYR F 90 -3.49 -36.78 -38.43
CA TYR F 90 -2.50 -36.36 -37.45
C TYR F 90 -3.14 -35.46 -36.40
N VAL F 91 -2.58 -35.52 -35.18
CA VAL F 91 -2.92 -34.60 -34.10
C VAL F 91 -1.68 -33.76 -33.79
N LEU F 92 -1.87 -32.44 -33.71
CA LEU F 92 -0.81 -31.54 -33.25
C LEU F 92 -1.13 -31.14 -31.82
N SER F 93 -0.19 -31.42 -30.92
CA SER F 93 -0.33 -31.05 -29.52
C SER F 93 0.96 -30.36 -29.09
N GLY F 94 1.01 -29.97 -27.82
CA GLY F 94 2.19 -29.31 -27.30
C GLY F 94 1.90 -28.62 -25.98
N ALA F 95 2.81 -27.71 -25.63
CA ALA F 95 2.70 -26.96 -24.39
C ALA F 95 3.41 -25.63 -24.56
N VAL F 96 2.96 -24.64 -23.78
CA VAL F 96 3.59 -23.34 -23.76
C VAL F 96 4.32 -23.23 -22.42
N GLU F 97 5.65 -23.13 -22.49
CA GLU F 97 6.47 -22.97 -21.30
C GLU F 97 6.69 -21.51 -20.94
N GLU F 98 6.52 -20.60 -21.89
CA GLU F 98 6.78 -19.19 -21.57
C GLU F 98 6.02 -18.34 -22.57
N TRP F 99 5.36 -17.31 -22.05
CA TRP F 99 4.53 -16.45 -22.88
C TRP F 99 4.24 -15.18 -22.10
N ARG F 100 5.18 -14.24 -22.06
CA ARG F 100 5.03 -13.05 -21.21
C ARG F 100 5.98 -11.97 -21.72
N TYR F 101 5.77 -10.74 -21.23
CA TYR F 101 6.82 -9.71 -21.22
C TYR F 101 7.62 -9.87 -19.94
N LYS F 102 8.93 -9.79 -20.05
CA LYS F 102 9.73 -9.70 -18.84
C LYS F 102 9.32 -8.45 -18.06
N THR F 103 9.60 -8.46 -16.75
CA THR F 103 9.03 -7.44 -15.88
C THR F 103 9.65 -6.07 -16.15
N GLY F 104 8.86 -5.03 -15.87
CA GLY F 104 9.34 -3.66 -15.92
C GLY F 104 9.01 -2.99 -17.23
N VAL F 105 9.12 -1.67 -17.22
CA VAL F 105 8.96 -0.86 -18.42
C VAL F 105 9.97 -1.32 -19.46
N ASP F 106 9.49 -1.53 -20.69
CA ASP F 106 10.32 -2.04 -21.78
C ASP F 106 10.83 -3.46 -21.54
N GLY F 107 10.27 -4.19 -20.58
CA GLY F 107 10.54 -5.63 -20.50
C GLY F 107 10.19 -6.32 -21.81
N GLU F 108 11.09 -7.16 -22.31
CA GLU F 108 10.99 -7.74 -23.65
C GLU F 108 10.04 -8.93 -23.69
N PRO F 109 9.41 -9.20 -24.82
CA PRO F 109 8.58 -10.41 -24.94
C PRO F 109 9.45 -11.65 -25.04
N VAL F 110 9.04 -12.73 -24.34
CA VAL F 110 9.72 -14.04 -24.38
C VAL F 110 8.70 -15.14 -24.61
N VAL F 111 9.02 -16.09 -25.50
CA VAL F 111 8.11 -17.18 -25.81
C VAL F 111 8.88 -18.49 -25.82
N GLY F 112 8.29 -19.52 -25.23
CA GLY F 112 8.84 -20.86 -25.25
C GLY F 112 7.73 -21.86 -25.50
N VAL F 113 7.88 -22.73 -26.52
CA VAL F 113 6.84 -23.68 -26.91
C VAL F 113 7.47 -25.02 -27.28
N THR F 114 6.74 -26.09 -27.01
CA THR F 114 7.04 -27.42 -27.50
C THR F 114 5.84 -27.94 -28.29
N PHE F 115 6.10 -28.71 -29.35
CA PHE F 115 5.05 -29.30 -30.17
C PHE F 115 5.34 -30.78 -30.39
N GLU F 116 4.26 -31.56 -30.58
CA GLU F 116 4.35 -32.96 -31.00
C GLU F 116 3.29 -33.22 -32.08
N LEU F 117 3.68 -33.96 -33.11
CA LEU F 117 2.74 -34.43 -34.12
C LEU F 117 2.54 -35.93 -33.94
N ILE F 118 1.27 -36.33 -33.82
CA ILE F 118 0.91 -37.68 -33.40
C ILE F 118 0.15 -38.39 -34.51
N ASP F 119 0.53 -39.65 -34.75
CA ASP F 119 -0.15 -40.51 -35.71
C ASP F 119 -1.43 -41.02 -35.07
N VAL F 120 -2.58 -40.59 -35.59
CA VAL F 120 -3.86 -41.00 -35.02
C VAL F 120 -4.04 -42.52 -35.12
N SER F 121 -3.50 -43.13 -36.19
CA SER F 121 -3.77 -44.55 -36.40
C SER F 121 -3.10 -45.44 -35.35
N ASN F 122 -1.93 -45.05 -34.84
CA ASN F 122 -1.26 -45.86 -33.83
C ASN F 122 -0.86 -45.10 -32.57
N GLY F 123 -1.07 -43.79 -32.51
CA GLY F 123 -0.79 -43.03 -31.32
C GLY F 123 0.66 -42.65 -31.10
N ALA F 124 1.54 -42.93 -32.05
CA ALA F 124 2.96 -42.64 -31.89
C ALA F 124 3.28 -41.19 -32.27
N VAL F 125 4.31 -40.64 -31.63
CA VAL F 125 4.84 -39.34 -32.00
C VAL F 125 5.76 -39.51 -33.21
N VAL F 126 5.41 -38.88 -34.32
CA VAL F 126 6.21 -38.99 -35.55
C VAL F 126 7.02 -37.74 -35.82
N TRP F 127 6.86 -36.70 -35.01
CA TRP F 127 7.57 -35.44 -35.18
C TRP F 127 7.42 -34.66 -33.89
N SER F 128 8.49 -34.00 -33.47
CA SER F 128 8.38 -33.10 -32.32
C SER F 128 9.37 -31.96 -32.50
N ALA F 129 9.13 -30.87 -31.78
CA ALA F 129 9.99 -29.70 -31.87
C ALA F 129 9.80 -28.77 -30.67
N THR F 130 10.86 -28.01 -30.38
CA THR F 130 10.94 -27.05 -29.29
C THR F 130 11.47 -25.74 -29.85
N GLY F 131 10.80 -24.65 -29.53
CA GLY F 131 11.23 -23.33 -29.97
C GLY F 131 11.19 -22.36 -28.82
N THR F 132 12.22 -21.51 -28.74
CA THR F 132 12.21 -20.36 -27.84
C THR F 132 12.64 -19.12 -28.59
N ARG F 133 12.18 -17.96 -28.12
CA ARG F 133 12.62 -16.70 -28.69
C ARG F 133 12.44 -15.57 -27.68
N THR F 134 13.38 -14.64 -27.69
CA THR F 134 13.33 -13.41 -26.92
C THR F 134 13.31 -12.25 -27.90
N GLY F 135 12.27 -11.41 -27.80
CA GLY F 135 12.18 -10.27 -28.68
C GLY F 135 12.98 -9.10 -28.15
N TRP F 136 13.03 -8.03 -28.94
CA TRP F 136 13.62 -6.81 -28.44
C TRP F 136 12.61 -6.08 -27.56
N SER F 137 13.08 -5.07 -26.82
CA SER F 137 12.18 -4.41 -25.89
C SER F 137 11.05 -3.69 -26.61
N ARG F 138 11.23 -3.37 -27.89
CA ARG F 138 10.19 -2.69 -28.64
C ARG F 138 9.22 -3.64 -29.31
N SER F 139 9.46 -4.94 -29.30
CA SER F 139 8.58 -5.80 -30.08
C SER F 139 7.37 -6.27 -29.27
N GLY F 140 6.37 -6.78 -29.98
CA GLY F 140 5.15 -7.28 -29.36
C GLY F 140 5.21 -8.78 -29.10
N LEU F 141 4.63 -9.18 -27.97
CA LEU F 141 4.56 -10.60 -27.61
C LEU F 141 3.84 -11.41 -28.70
N SER F 142 2.69 -10.94 -29.17
CA SER F 142 2.02 -11.71 -30.21
C SER F 142 2.87 -11.80 -31.48
N SER F 143 3.65 -10.74 -31.79
CA SER F 143 4.52 -10.82 -32.97
C SER F 143 5.60 -11.88 -32.79
N VAL F 144 6.20 -11.93 -31.59
CA VAL F 144 7.25 -12.91 -31.34
C VAL F 144 6.67 -14.32 -31.38
N ALA F 145 5.52 -14.52 -30.73
CA ALA F 145 4.92 -15.86 -30.72
C ALA F 145 4.54 -16.29 -32.11
N THR F 146 4.02 -15.36 -32.92
CA THR F 146 3.58 -15.74 -34.26
C THR F 146 4.76 -16.14 -35.14
N SER F 147 5.84 -15.35 -35.13
CA SER F 147 7.04 -15.66 -35.92
C SER F 147 7.67 -16.97 -35.47
N LEU F 148 7.76 -17.19 -34.15
CA LEU F 148 8.38 -18.41 -33.64
C LEU F 148 7.58 -19.63 -34.03
N ILE F 149 6.27 -19.60 -33.79
CA ILE F 149 5.44 -20.76 -34.09
C ILE F 149 5.50 -21.11 -35.57
N ALA F 150 5.55 -20.09 -36.44
CA ALA F 150 5.66 -20.36 -37.88
C ALA F 150 6.99 -21.04 -38.21
N LYS F 151 8.09 -20.61 -37.59
CA LYS F 151 9.37 -21.26 -37.86
C LYS F 151 9.40 -22.67 -37.26
N VAL F 152 8.85 -22.84 -36.06
CA VAL F 152 8.84 -24.14 -35.40
C VAL F 152 8.08 -25.17 -36.24
N LEU F 153 6.91 -24.79 -36.77
CA LEU F 153 6.05 -25.70 -37.51
C LEU F 153 6.32 -25.74 -39.01
N SER F 154 7.31 -24.99 -39.50
CA SER F 154 7.60 -25.02 -40.93
C SER F 154 7.94 -26.40 -41.49
N PRO F 155 8.51 -27.36 -40.75
CA PRO F 155 8.62 -28.73 -41.29
C PRO F 155 7.29 -29.35 -41.66
N LEU F 156 6.17 -28.86 -41.13
CA LEU F 156 4.86 -29.41 -41.42
C LEU F 156 4.17 -28.72 -42.59
N GLN F 157 4.91 -27.92 -43.35
CA GLN F 157 4.38 -27.42 -44.61
C GLN F 157 4.13 -28.58 -45.57
N ALA F 158 3.09 -28.44 -46.38
CA ALA F 158 2.69 -29.49 -47.30
C ALA F 158 3.54 -29.46 -48.57
N MSE G 4 -8.52 24.96 -26.30
CA MSE G 4 -9.84 25.02 -25.68
C MSE G 4 -10.68 23.82 -26.10
O MSE G 4 -10.53 22.72 -25.55
CB MSE G 4 -10.55 26.32 -26.06
N GLY G 5 -11.57 24.02 -27.06
CA GLY G 5 -12.43 22.96 -27.55
C GLY G 5 -13.27 23.40 -28.73
N THR G 6 -14.60 23.31 -28.60
CA THR G 6 -15.50 23.58 -29.70
C THR G 6 -16.89 23.82 -29.13
N VAL G 7 -17.64 24.72 -29.76
CA VAL G 7 -19.06 24.90 -29.54
C VAL G 7 -19.76 24.78 -30.90
N ARG G 8 -20.73 23.87 -31.00
CA ARG G 8 -21.56 23.71 -32.21
C ARG G 8 -23.03 23.83 -31.81
N GLN G 9 -23.74 24.78 -32.42
CA GLN G 9 -25.14 25.02 -32.12
C GLN G 9 -25.98 24.92 -33.39
N THR G 10 -27.19 24.40 -33.23
CA THR G 10 -28.14 24.42 -34.33
C THR G 10 -28.85 25.77 -34.39
N SER G 11 -29.54 26.01 -35.51
CA SER G 11 -30.48 27.11 -35.52
C SER G 11 -31.56 26.85 -34.49
N GLY G 12 -32.22 27.92 -34.05
CA GLY G 12 -33.20 27.82 -33.00
C GLY G 12 -34.13 29.00 -33.01
N PRO G 13 -35.17 28.96 -32.19
CA PRO G 13 -36.13 30.06 -32.14
C PRO G 13 -35.65 31.19 -31.25
N ALA G 14 -36.16 32.39 -31.53
CA ALA G 14 -35.86 33.54 -30.70
C ALA G 14 -36.66 33.46 -29.41
N LEU G 15 -35.98 33.24 -28.30
CA LEU G 15 -36.65 33.23 -27.00
C LEU G 15 -36.97 34.65 -26.57
N ALA G 16 -38.09 34.79 -25.86
CA ALA G 16 -38.54 36.06 -25.31
C ALA G 16 -38.44 36.03 -23.78
N ARG G 17 -38.43 37.24 -23.19
CA ARG G 17 -38.26 37.35 -21.74
C ARG G 17 -39.30 36.51 -20.99
N GLY G 18 -40.55 36.55 -21.43
CA GLY G 18 -41.61 35.83 -20.75
C GLY G 18 -41.76 34.37 -21.07
N ASP G 19 -40.93 33.79 -21.95
CA ASP G 19 -40.97 32.35 -22.18
C ASP G 19 -40.54 31.64 -20.89
N LYS G 20 -41.42 30.80 -20.35
CA LYS G 20 -41.07 30.00 -19.18
C LYS G 20 -40.25 28.79 -19.65
N VAL G 21 -39.04 28.65 -19.09
CA VAL G 21 -38.16 27.53 -19.40
C VAL G 21 -37.96 26.71 -18.13
N ALA G 22 -38.13 25.40 -18.24
CA ALA G 22 -37.82 24.49 -17.14
C ALA G 22 -36.59 23.67 -17.49
N VAL G 23 -35.61 23.66 -16.58
CA VAL G 23 -34.42 22.83 -16.73
C VAL G 23 -34.67 21.53 -15.97
N VAL G 24 -34.67 20.40 -16.68
CA VAL G 24 -35.15 19.16 -16.08
C VAL G 24 -34.02 18.39 -15.43
N SER G 25 -33.46 17.42 -16.15
CA SER G 25 -32.45 16.52 -15.58
C SER G 25 -31.32 16.41 -16.58
N ILE G 26 -30.22 17.08 -16.30
CA ILE G 26 -28.97 16.89 -17.03
C ILE G 26 -28.36 15.58 -16.56
N ALA G 27 -28.20 14.63 -17.47
CA ALA G 27 -27.57 13.36 -17.13
C ALA G 27 -26.09 13.54 -16.85
N ASN G 28 -25.58 12.77 -15.88
CA ASN G 28 -24.18 12.83 -15.46
C ASN G 28 -23.52 11.56 -15.98
N TYR G 29 -22.72 11.69 -17.04
CA TYR G 29 -22.00 10.55 -17.62
C TYR G 29 -20.54 10.55 -17.18
N THR G 30 -20.23 11.22 -16.09
CA THR G 30 -18.87 11.28 -15.56
C THR G 30 -18.83 10.57 -14.22
N GLU G 31 -17.61 10.45 -13.70
CA GLU G 31 -17.39 9.93 -12.36
C GLU G 31 -17.28 11.03 -11.33
N THR G 32 -17.49 12.29 -11.72
CA THR G 32 -17.60 13.36 -10.74
C THR G 32 -19.02 13.40 -10.20
N PRO G 33 -19.25 13.07 -8.93
CA PRO G 33 -20.61 13.08 -8.40
C PRO G 33 -21.22 14.46 -8.46
N ASP G 34 -22.54 14.50 -8.73
CA ASP G 34 -23.36 15.72 -8.81
C ASP G 34 -22.98 16.66 -9.94
N ALA G 35 -22.09 16.25 -10.86
CA ALA G 35 -21.74 17.14 -11.98
C ALA G 35 -22.96 17.56 -12.79
N GLY G 36 -23.93 16.67 -12.95
CA GLY G 36 -25.15 17.02 -13.69
C GLY G 36 -25.98 18.05 -12.95
N HIS G 37 -26.08 17.92 -11.64
CA HIS G 37 -26.80 18.93 -10.85
C HIS G 37 -26.08 20.27 -10.88
N SER G 38 -24.74 20.26 -10.81
CA SER G 38 -23.97 21.49 -10.97
C SER G 38 -24.23 22.13 -12.33
N ALA G 39 -24.28 21.29 -13.38
CA ALA G 39 -24.62 21.79 -14.71
C ALA G 39 -26.02 22.40 -14.72
N GLU G 40 -26.96 21.80 -13.98
CA GLU G 40 -28.32 22.35 -13.94
C GLU G 40 -28.34 23.75 -13.33
N SER G 41 -27.70 23.91 -12.16
CA SER G 41 -27.68 25.19 -11.49
C SER G 41 -27.02 26.25 -12.36
N ILE G 42 -25.88 25.91 -12.96
CA ILE G 42 -25.18 26.85 -13.83
C ILE G 42 -26.05 27.21 -15.03
N ALA G 43 -26.64 26.19 -15.68
CA ALA G 43 -27.46 26.43 -16.87
C ALA G 43 -28.65 27.33 -16.56
N ALA G 44 -29.28 27.14 -15.40
CA ALA G 44 -30.45 27.95 -15.05
C ALA G 44 -30.07 29.41 -14.81
N ASN G 45 -28.98 29.65 -14.08
CA ASN G 45 -28.52 31.02 -13.90
C ASN G 45 -28.12 31.64 -15.23
N THR G 46 -27.47 30.85 -16.10
CA THR G 46 -27.07 31.32 -17.42
C THR G 46 -28.27 31.77 -18.22
N LEU G 47 -29.36 30.99 -18.21
CA LEU G 47 -30.56 31.39 -18.93
C LEU G 47 -31.09 32.71 -18.41
N ARG G 48 -31.13 32.88 -17.07
CA ARG G 48 -31.64 34.11 -16.50
C ARG G 48 -30.74 35.29 -16.86
N ALA G 49 -29.42 35.09 -16.83
CA ALA G 49 -28.50 36.19 -17.13
C ALA G 49 -28.61 36.62 -18.58
N GLY G 50 -29.06 35.74 -19.47
CA GLY G 50 -29.26 36.08 -20.86
C GLY G 50 -30.58 36.75 -21.18
N GLY G 51 -31.43 36.97 -20.19
CA GLY G 51 -32.68 37.71 -20.37
C GLY G 51 -33.95 36.92 -20.11
N ILE G 52 -33.88 35.61 -19.86
CA ILE G 52 -35.10 34.83 -19.64
C ILE G 52 -35.55 35.01 -18.19
N ALA G 53 -36.75 35.55 -18.00
CA ALA G 53 -37.17 35.98 -16.67
C ALA G 53 -37.55 34.80 -15.78
N ASP G 54 -38.21 33.78 -16.33
CA ASP G 54 -38.80 32.69 -15.56
C ASP G 54 -38.11 31.38 -15.93
N VAL G 55 -37.16 30.97 -15.09
CA VAL G 55 -36.45 29.71 -15.28
C VAL G 55 -36.52 28.92 -13.98
N ARG G 56 -36.86 27.63 -14.07
CA ARG G 56 -36.98 26.79 -12.89
C ARG G 56 -36.33 25.44 -13.18
N ILE G 57 -35.77 24.84 -12.13
CA ILE G 57 -35.17 23.51 -12.19
C ILE G 57 -36.11 22.51 -11.55
N ALA G 58 -36.29 21.37 -12.21
CA ALA G 58 -37.16 20.32 -11.68
C ALA G 58 -36.50 19.63 -10.48
N PRO G 59 -37.30 19.00 -9.61
CA PRO G 59 -36.76 18.22 -8.49
C PRO G 59 -36.16 16.89 -8.93
N ALA G 79 -42.94 12.31 -17.93
CA ALA G 79 -41.69 12.95 -17.58
C ALA G 79 -41.74 14.46 -17.88
N MSE G 80 -42.05 14.78 -19.13
CA MSE G 80 -42.15 16.18 -19.57
C MSE G 80 -43.46 16.81 -19.09
O MSE G 80 -43.69 18.00 -19.31
CB MSE G 80 -42.05 16.28 -21.09
N GLU G 81 -44.31 16.00 -18.45
CA GLU G 81 -45.56 16.52 -17.92
C GLU G 81 -45.33 17.53 -16.81
N TRP G 82 -44.21 17.41 -16.08
CA TRP G 82 -43.91 18.38 -15.03
C TRP G 82 -43.75 19.78 -15.61
N ALA G 83 -43.15 19.89 -16.79
CA ALA G 83 -43.09 21.17 -17.48
C ALA G 83 -44.48 21.69 -17.81
N ARG G 84 -45.34 20.81 -18.32
CA ARG G 84 -46.72 21.21 -18.62
C ARG G 84 -47.44 21.65 -17.35
N SER G 85 -47.21 20.95 -16.24
CA SER G 85 -47.79 21.35 -14.96
C SER G 85 -47.17 22.63 -14.41
N GLN G 86 -46.07 23.10 -15.00
CA GLN G 86 -45.52 24.42 -14.72
C GLN G 86 -45.83 25.42 -15.83
N ASN G 87 -46.67 25.04 -16.79
CA ASN G 87 -47.03 25.89 -17.93
C ASN G 87 -45.81 26.41 -18.66
N ALA G 88 -44.73 25.63 -18.66
CA ALA G 88 -43.51 26.05 -19.31
C ALA G 88 -43.62 25.91 -20.83
N ARG G 89 -43.13 26.92 -21.54
CA ARG G 89 -43.09 26.85 -22.99
C ARG G 89 -41.94 25.96 -23.49
N TYR G 90 -40.79 25.98 -22.82
CA TYR G 90 -39.65 25.21 -23.28
C TYR G 90 -39.02 24.40 -22.15
N VAL G 91 -38.27 23.39 -22.54
CA VAL G 91 -37.56 22.52 -21.60
C VAL G 91 -36.10 22.46 -22.03
N LEU G 92 -35.20 22.73 -21.10
CA LEU G 92 -33.78 22.55 -21.31
C LEU G 92 -33.36 21.26 -20.65
N SER G 93 -32.84 20.32 -21.44
CA SER G 93 -32.22 19.11 -20.93
C SER G 93 -30.84 18.98 -21.54
N GLY G 94 -30.14 17.89 -21.19
CA GLY G 94 -28.78 17.71 -21.68
C GLY G 94 -28.06 16.58 -20.94
N ALA G 95 -26.75 16.53 -21.15
CA ALA G 95 -25.93 15.54 -20.44
C ALA G 95 -24.52 16.10 -20.30
N VAL G 96 -23.84 15.65 -19.25
CA VAL G 96 -22.44 15.98 -18.99
C VAL G 96 -21.61 14.78 -19.39
N GLU G 97 -20.79 14.95 -20.44
CA GLU G 97 -19.90 13.90 -20.90
C GLU G 97 -18.55 13.94 -20.18
N GLU G 98 -18.10 15.10 -19.72
CA GLU G 98 -16.82 15.18 -19.02
C GLU G 98 -16.85 16.36 -18.07
N TRP G 99 -16.31 16.16 -16.87
CA TRP G 99 -16.32 17.17 -15.82
C TRP G 99 -15.30 16.79 -14.77
N ARG G 100 -14.02 17.05 -15.04
CA ARG G 100 -12.97 16.60 -14.13
C ARG G 100 -11.73 17.44 -14.37
N TYR G 101 -10.80 17.32 -13.41
CA TYR G 101 -9.39 17.60 -13.64
C TYR G 101 -8.72 16.36 -14.23
N LYS G 102 -7.92 16.54 -15.28
CA LYS G 102 -7.07 15.45 -15.72
C LYS G 102 -6.10 15.05 -14.60
N THR G 103 -5.64 13.79 -14.65
CA THR G 103 -4.95 13.22 -13.51
C THR G 103 -3.63 13.95 -13.26
N GLY G 104 -3.24 14.01 -11.99
CA GLY G 104 -1.93 14.47 -11.60
C GLY G 104 -1.93 15.93 -11.20
N VAL G 105 -0.80 16.32 -10.59
CA VAL G 105 -0.59 17.70 -10.15
C VAL G 105 -0.63 18.61 -11.36
N ASP G 106 -1.37 19.72 -11.25
CA ASP G 106 -1.61 20.61 -12.38
C ASP G 106 -2.31 19.93 -13.55
N GLY G 107 -3.01 18.82 -13.31
CA GLY G 107 -3.91 18.31 -14.34
C GLY G 107 -4.98 19.33 -14.64
N GLU G 108 -5.25 19.53 -15.97
CA GLU G 108 -6.10 20.64 -16.37
C GLU G 108 -7.58 20.29 -16.29
N PRO G 109 -8.42 21.29 -16.03
CA PRO G 109 -9.87 21.04 -16.01
C PRO G 109 -10.39 20.83 -17.43
N VAL G 110 -11.30 19.88 -17.58
CA VAL G 110 -11.89 19.52 -18.87
C VAL G 110 -13.39 19.36 -18.67
N VAL G 111 -14.18 19.92 -19.60
CA VAL G 111 -15.63 19.91 -19.50
C VAL G 111 -16.21 19.58 -20.88
N GLY G 112 -17.23 18.74 -20.90
CA GLY G 112 -17.94 18.42 -22.12
C GLY G 112 -19.42 18.32 -21.82
N VAL G 113 -20.27 19.07 -22.55
CA VAL G 113 -21.70 19.10 -22.28
C VAL G 113 -22.47 19.09 -23.60
N THR G 114 -23.69 18.58 -23.53
CA THR G 114 -24.64 18.63 -24.62
C THR G 114 -25.93 19.16 -24.05
N PHE G 115 -26.60 20.04 -24.80
CA PHE G 115 -27.89 20.56 -24.39
C PHE G 115 -28.89 20.39 -25.52
N GLU G 116 -30.16 20.30 -25.14
CA GLU G 116 -31.24 20.37 -26.11
C GLU G 116 -32.42 21.13 -25.51
N LEU G 117 -33.04 21.98 -26.34
CA LEU G 117 -34.23 22.73 -25.95
C LEU G 117 -35.45 22.10 -26.62
N ILE G 118 -36.46 21.79 -25.80
CA ILE G 118 -37.61 20.99 -26.22
C ILE G 118 -38.85 21.87 -26.17
N ASP G 119 -39.61 21.88 -27.25
CA ASP G 119 -40.93 22.52 -27.26
C ASP G 119 -41.87 21.67 -26.42
N VAL G 120 -42.43 22.24 -25.35
CA VAL G 120 -43.30 21.46 -24.48
C VAL G 120 -44.62 21.12 -25.17
N SER G 121 -45.07 21.96 -26.10
CA SER G 121 -46.33 21.71 -26.81
C SER G 121 -46.34 20.33 -27.46
N ASN G 122 -45.29 20.02 -28.22
CA ASN G 122 -45.29 18.83 -29.09
C ASN G 122 -44.10 17.90 -28.84
N GLY G 123 -43.28 18.16 -27.83
CA GLY G 123 -42.19 17.27 -27.48
C GLY G 123 -41.03 17.26 -28.46
N ALA G 124 -40.99 18.19 -29.40
CA ALA G 124 -39.91 18.26 -30.38
C ALA G 124 -38.72 19.05 -29.84
N VAL G 125 -37.52 18.64 -30.23
CA VAL G 125 -36.29 19.38 -29.94
C VAL G 125 -36.18 20.52 -30.94
N VAL G 126 -36.28 21.76 -30.47
CA VAL G 126 -36.21 22.89 -31.40
C VAL G 126 -34.80 23.48 -31.50
N TRP G 127 -33.89 23.09 -30.63
CA TRP G 127 -32.54 23.65 -30.60
C TRP G 127 -31.65 22.72 -29.81
N SER G 128 -30.40 22.61 -30.23
CA SER G 128 -29.48 21.77 -29.47
C SER G 128 -28.05 22.23 -29.74
N ALA G 129 -27.16 21.87 -28.82
CA ALA G 129 -25.78 22.33 -28.84
C ALA G 129 -24.89 21.39 -28.07
N THR G 130 -23.64 21.30 -28.50
CA THR G 130 -22.57 20.55 -27.87
C THR G 130 -21.39 21.49 -27.69
N GLY G 131 -20.80 21.46 -26.49
CA GLY G 131 -19.62 22.27 -26.24
C GLY G 131 -18.56 21.52 -25.45
N THR G 132 -17.29 21.77 -25.75
CA THR G 132 -16.20 21.20 -24.99
C THR G 132 -15.14 22.26 -24.72
N ARG G 133 -14.40 22.07 -23.63
CA ARG G 133 -13.33 23.01 -23.33
C ARG G 133 -12.30 22.33 -22.44
N THR G 134 -11.03 22.56 -22.76
CA THR G 134 -9.90 22.19 -21.93
C THR G 134 -9.30 23.47 -21.40
N GLY G 135 -9.24 23.60 -20.06
CA GLY G 135 -8.74 24.81 -19.46
C GLY G 135 -7.24 24.79 -19.22
N TRP G 136 -6.72 25.93 -18.75
CA TRP G 136 -5.33 26.03 -18.35
C TRP G 136 -5.06 25.16 -17.12
N SER G 137 -3.83 24.64 -17.03
CA SER G 137 -3.39 23.94 -15.83
C SER G 137 -3.66 24.74 -14.54
N ARG G 138 -3.62 26.07 -14.61
CA ARG G 138 -3.80 26.91 -13.42
C ARG G 138 -5.20 27.52 -13.31
N SER G 139 -6.19 26.89 -13.91
CA SER G 139 -7.56 27.37 -13.84
C SER G 139 -8.44 26.35 -13.13
N GLY G 140 -9.60 26.82 -12.69
CA GLY G 140 -10.52 26.00 -11.92
C GLY G 140 -11.56 25.35 -12.82
N LEU G 141 -11.98 24.15 -12.43
CA LEU G 141 -13.02 23.43 -13.17
C LEU G 141 -14.33 24.23 -13.21
N SER G 142 -14.74 24.79 -12.07
CA SER G 142 -15.98 25.57 -12.06
C SER G 142 -15.90 26.75 -13.04
N SER G 143 -14.76 27.44 -13.10
CA SER G 143 -14.63 28.57 -14.04
C SER G 143 -14.76 28.10 -15.49
N VAL G 144 -14.09 26.99 -15.82
CA VAL G 144 -14.17 26.48 -17.19
C VAL G 144 -15.60 26.08 -17.53
N ALA G 145 -16.29 25.41 -16.59
CA ALA G 145 -17.64 24.92 -16.86
C ALA G 145 -18.62 26.08 -16.98
N THR G 146 -18.53 27.05 -16.08
CA THR G 146 -19.43 28.19 -16.12
C THR G 146 -19.22 28.99 -17.40
N SER G 147 -17.97 29.19 -17.79
CA SER G 147 -17.66 29.92 -19.01
C SER G 147 -18.14 29.16 -20.23
N LEU G 148 -17.91 27.84 -20.27
CA LEU G 148 -18.35 27.04 -21.40
C LEU G 148 -19.88 27.03 -21.52
N ILE G 149 -20.58 26.89 -20.40
CA ILE G 149 -22.04 26.80 -20.49
C ILE G 149 -22.63 28.13 -20.93
N ALA G 150 -22.06 29.25 -20.48
CA ALA G 150 -22.51 30.57 -20.94
C ALA G 150 -22.38 30.70 -22.46
N LYS G 151 -21.25 30.28 -23.02
CA LYS G 151 -21.07 30.36 -24.46
C LYS G 151 -22.04 29.43 -25.19
N VAL G 152 -22.10 28.16 -24.76
CA VAL G 152 -22.97 27.16 -25.38
C VAL G 152 -24.40 27.67 -25.46
N LEU G 153 -24.90 28.22 -24.36
CA LEU G 153 -26.30 28.62 -24.25
C LEU G 153 -26.57 30.04 -24.72
N SER G 154 -25.57 30.74 -25.26
CA SER G 154 -25.80 32.12 -25.65
C SER G 154 -26.89 32.29 -26.72
N PRO G 155 -27.09 31.37 -27.67
CA PRO G 155 -28.23 31.54 -28.60
C PRO G 155 -29.59 31.58 -27.91
N LEU G 156 -29.70 31.13 -26.66
CA LEU G 156 -30.97 31.20 -25.94
C LEU G 156 -31.17 32.51 -25.21
N GLN G 157 -30.38 33.54 -25.52
CA GLN G 157 -30.60 34.84 -24.92
C GLN G 157 -31.87 35.48 -25.46
N ALA G 158 -32.48 36.32 -24.62
CA ALA G 158 -33.78 36.90 -24.93
C ALA G 158 -33.67 37.85 -26.12
N ARG G 159 -34.56 37.66 -27.10
CA ARG G 159 -34.61 38.50 -28.29
C ARG G 159 -34.86 39.96 -27.94
N GLY H 5 -5.07 8.86 -35.79
CA GLY H 5 -6.14 7.97 -36.22
C GLY H 5 -6.68 8.21 -37.63
N THR H 6 -7.78 7.54 -37.97
CA THR H 6 -8.35 7.57 -39.32
C THR H 6 -9.87 7.55 -39.25
N VAL H 7 -10.50 7.94 -40.36
CA VAL H 7 -11.94 7.86 -40.56
C VAL H 7 -12.20 7.16 -41.88
N ARG H 8 -12.92 6.03 -41.82
CA ARG H 8 -13.30 5.28 -43.01
C ARG H 8 -14.83 5.18 -43.07
N GLN H 9 -15.42 5.63 -44.18
CA GLN H 9 -16.87 5.67 -44.34
C GLN H 9 -17.27 4.96 -45.63
N THR H 10 -18.35 4.20 -45.58
CA THR H 10 -18.93 3.68 -46.80
C THR H 10 -19.75 4.78 -47.48
N SER H 11 -20.15 4.51 -48.71
CA SER H 11 -21.21 5.31 -49.29
C SER H 11 -22.50 5.07 -48.50
N GLY H 12 -23.43 6.01 -48.64
CA GLY H 12 -24.66 5.95 -47.87
C GLY H 12 -25.78 6.62 -48.64
N PRO H 13 -26.99 6.60 -48.09
CA PRO H 13 -28.10 7.29 -48.74
C PRO H 13 -28.04 8.78 -48.44
N ALA H 14 -28.78 9.54 -49.24
CA ALA H 14 -28.88 10.98 -49.09
C ALA H 14 -29.95 11.29 -48.05
N LEU H 15 -29.53 11.70 -46.87
CA LEU H 15 -30.47 12.01 -45.81
C LEU H 15 -31.15 13.35 -46.07
N ALA H 16 -32.41 13.43 -45.67
CA ALA H 16 -33.20 14.64 -45.84
C ALA H 16 -33.51 15.24 -44.47
N ARG H 17 -33.75 16.55 -44.49
CA ARG H 17 -34.11 17.27 -43.27
C ARG H 17 -35.22 16.57 -42.49
N GLY H 18 -36.25 16.07 -43.19
CA GLY H 18 -37.39 15.44 -42.55
C GLY H 18 -37.30 13.96 -42.26
N ASP H 19 -36.15 13.31 -42.44
CA ASP H 19 -36.00 11.89 -42.09
C ASP H 19 -35.89 11.73 -40.58
N LYS H 20 -36.74 10.88 -40.00
CA LYS H 20 -36.70 10.61 -38.57
C LYS H 20 -35.65 9.55 -38.26
N VAL H 21 -34.67 9.90 -37.43
CA VAL H 21 -33.58 9.02 -37.06
C VAL H 21 -33.64 8.76 -35.56
N ALA H 22 -33.58 7.49 -35.18
CA ALA H 22 -33.53 7.08 -33.78
C ALA H 22 -32.13 6.57 -33.48
N VAL H 23 -31.51 7.10 -32.44
CA VAL H 23 -30.19 6.64 -32.01
C VAL H 23 -30.40 5.59 -30.93
N VAL H 24 -29.91 4.38 -31.18
CA VAL H 24 -30.23 3.22 -30.36
C VAL H 24 -28.95 2.56 -29.86
N SER H 25 -28.89 2.33 -28.54
CA SER H 25 -27.92 1.49 -27.84
C SER H 25 -26.56 1.38 -28.53
N ILE H 26 -25.70 2.37 -28.29
CA ILE H 26 -24.31 2.28 -28.69
C ILE H 26 -23.57 1.49 -27.62
N ALA H 27 -23.02 0.33 -27.99
CA ALA H 27 -22.35 -0.53 -27.01
C ALA H 27 -21.08 0.15 -26.46
N ASN H 28 -20.80 -0.13 -25.18
CA ASN H 28 -19.61 0.42 -24.51
C ASN H 28 -18.62 -0.72 -24.27
N TYR H 29 -17.58 -0.79 -25.10
CA TYR H 29 -16.60 -1.87 -24.96
C TYR H 29 -15.37 -1.41 -24.19
N THR H 30 -15.47 -0.31 -23.46
CA THR H 30 -14.36 0.24 -22.70
C THR H 30 -14.63 0.08 -21.22
N GLU H 31 -13.63 0.46 -20.43
CA GLU H 31 -13.79 0.48 -18.98
C GLU H 31 -14.13 1.88 -18.47
N THR H 32 -14.50 2.79 -19.37
CA THR H 32 -14.99 4.10 -18.95
C THR H 32 -16.49 4.01 -18.80
N PRO H 33 -17.04 4.14 -17.59
CA PRO H 33 -18.49 4.05 -17.43
C PRO H 33 -19.19 5.12 -18.26
N ASP H 34 -20.30 4.71 -18.88
CA ASP H 34 -21.21 5.58 -19.65
C ASP H 34 -20.61 6.12 -20.95
N ALA H 35 -19.45 5.63 -21.38
CA ALA H 35 -18.89 6.12 -22.65
C ALA H 35 -19.86 5.91 -23.81
N GLY H 36 -20.65 4.83 -23.76
CA GLY H 36 -21.65 4.61 -24.79
C GLY H 36 -22.76 5.65 -24.78
N HIS H 37 -23.19 6.06 -23.58
CA HIS H 37 -24.27 7.06 -23.51
C HIS H 37 -23.79 8.44 -23.93
N SER H 38 -22.56 8.80 -23.54
CA SER H 38 -21.95 10.03 -24.05
C SER H 38 -21.87 10.01 -25.56
N ALA H 39 -21.47 8.88 -26.15
CA ALA H 39 -21.41 8.81 -27.60
C ALA H 39 -22.79 8.99 -28.20
N GLU H 40 -23.82 8.45 -27.55
CA GLU H 40 -25.18 8.60 -28.05
C GLU H 40 -25.64 10.06 -28.01
N SER H 41 -25.31 10.79 -26.94
CA SER H 41 -25.70 12.18 -26.81
C SER H 41 -24.97 13.07 -27.81
N ILE H 42 -23.67 12.82 -27.98
CA ILE H 42 -22.90 13.56 -28.98
C ILE H 42 -23.40 13.24 -30.39
N ALA H 43 -23.56 11.96 -30.69
CA ALA H 43 -24.00 11.56 -32.04
C ALA H 43 -25.35 12.17 -32.38
N ALA H 44 -26.28 12.11 -31.43
CA ALA H 44 -27.61 12.69 -31.66
C ALA H 44 -27.51 14.19 -31.95
N ASN H 45 -26.69 14.92 -31.19
CA ASN H 45 -26.55 16.35 -31.45
C ASN H 45 -25.83 16.61 -32.76
N THR H 46 -24.84 15.76 -33.07
CA THR H 46 -24.17 15.84 -34.37
C THR H 46 -25.16 15.69 -35.52
N LEU H 47 -26.08 14.71 -35.42
CA LEU H 47 -27.06 14.51 -36.47
C LEU H 47 -27.97 15.73 -36.61
N ARG H 48 -28.38 16.34 -35.49
CA ARG H 48 -29.24 17.52 -35.55
C ARG H 48 -28.49 18.71 -36.14
N ALA H 49 -27.27 18.95 -35.65
CA ALA H 49 -26.44 20.01 -36.19
C ALA H 49 -26.24 19.85 -37.70
N GLY H 50 -26.24 18.63 -38.20
CA GLY H 50 -26.10 18.40 -39.62
C GLY H 50 -27.33 18.66 -40.46
N GLY H 51 -28.45 19.04 -39.84
CA GLY H 51 -29.65 19.39 -40.58
C GLY H 51 -30.80 18.42 -40.43
N ILE H 52 -30.65 17.36 -39.65
CA ILE H 52 -31.75 16.42 -39.43
C ILE H 52 -32.61 16.92 -38.28
N ALA H 53 -33.86 17.26 -38.59
CA ALA H 53 -34.74 17.95 -37.65
C ALA H 53 -35.21 17.08 -36.50
N ASP H 54 -35.48 15.80 -36.74
CA ASP H 54 -36.14 14.93 -35.77
C ASP H 54 -35.20 13.77 -35.45
N VAL H 55 -34.47 13.89 -34.35
CA VAL H 55 -33.54 12.87 -33.86
C VAL H 55 -33.91 12.56 -32.41
N ARG H 56 -34.04 11.28 -32.09
CA ARG H 56 -34.39 10.86 -30.74
C ARG H 56 -33.48 9.72 -30.31
N ILE H 57 -33.20 9.68 -29.01
CA ILE H 57 -32.40 8.63 -28.39
C ILE H 57 -33.35 7.69 -27.66
N ALA H 58 -33.14 6.39 -27.83
CA ALA H 58 -33.99 5.41 -27.17
C ALA H 58 -33.66 5.32 -25.69
N PRO H 59 -34.62 4.93 -24.84
CA PRO H 59 -34.30 4.74 -23.42
C PRO H 59 -33.86 3.32 -23.10
N LYS H 78 -32.23 -7.15 -32.78
CA LYS H 78 -33.64 -7.30 -32.42
C LYS H 78 -34.03 -6.28 -31.36
N ALA H 79 -35.31 -6.35 -30.92
CA ALA H 79 -35.89 -5.36 -30.01
C ALA H 79 -35.79 -3.96 -30.60
N MSE H 80 -35.98 -3.88 -31.92
CA MSE H 80 -35.84 -2.64 -32.66
C MSE H 80 -37.20 -1.95 -32.75
O MSE H 80 -37.32 -0.83 -33.22
CB MSE H 80 -35.30 -2.93 -34.06
CG MSE H 80 -34.91 -1.74 -34.92
SE MSE H 80 -34.47 -2.31 -36.74
CE MSE H 80 -34.07 -0.57 -37.53
N GLU H 81 -38.23 -2.66 -32.27
CA GLU H 81 -39.60 -2.22 -32.47
C GLU H 81 -39.89 -0.87 -31.83
N TRP H 82 -39.04 -0.40 -30.92
CA TRP H 82 -39.20 0.96 -30.42
C TRP H 82 -39.06 1.96 -31.56
N ALA H 83 -38.16 1.69 -32.51
CA ALA H 83 -37.99 2.57 -33.66
C ALA H 83 -39.19 2.50 -34.60
N ARG H 84 -39.70 1.29 -34.84
CA ARG H 84 -40.87 1.15 -35.71
C ARG H 84 -42.11 1.77 -35.10
N SER H 85 -42.12 2.00 -33.77
CA SER H 85 -43.24 2.73 -33.18
C SER H 85 -43.05 4.23 -33.30
N GLN H 86 -41.81 4.72 -33.17
CA GLN H 86 -41.52 6.14 -33.35
C GLN H 86 -41.56 6.58 -34.82
N ASN H 87 -41.87 5.66 -35.74
CA ASN H 87 -41.94 5.94 -37.18
C ASN H 87 -40.60 6.43 -37.74
N ALA H 88 -39.50 6.03 -37.12
CA ALA H 88 -38.18 6.40 -37.63
C ALA H 88 -37.92 5.77 -38.99
N ARG H 89 -37.31 6.53 -39.89
CA ARG H 89 -36.85 5.95 -41.15
C ARG H 89 -35.53 5.19 -40.97
N TYR H 90 -34.61 5.69 -40.14
CA TYR H 90 -33.32 5.07 -39.94
C TYR H 90 -33.01 4.95 -38.46
N VAL H 91 -32.10 4.02 -38.15
CA VAL H 91 -31.58 3.84 -36.82
C VAL H 91 -30.07 3.97 -36.89
N LEU H 92 -29.52 4.84 -36.04
CA LEU H 92 -28.08 4.97 -35.90
C LEU H 92 -27.66 4.15 -34.69
N SER H 93 -26.75 3.22 -34.88
CA SER H 93 -26.24 2.39 -33.80
C SER H 93 -24.74 2.32 -33.94
N GLY H 94 -24.10 1.63 -33.00
CA GLY H 94 -22.67 1.45 -33.08
C GLY H 94 -22.09 0.98 -31.75
N ALA H 95 -20.79 1.19 -31.61
CA ALA H 95 -20.05 0.73 -30.44
C ALA H 95 -18.87 1.67 -30.20
N VAL H 96 -18.46 1.76 -28.94
CA VAL H 96 -17.26 2.50 -28.55
C VAL H 96 -16.19 1.47 -28.20
N GLU H 97 -15.11 1.43 -28.99
CA GLU H 97 -14.01 0.52 -28.73
C GLU H 97 -12.95 1.12 -27.83
N GLU H 98 -12.84 2.45 -27.78
CA GLU H 98 -11.83 3.07 -26.93
C GLU H 98 -12.30 4.47 -26.59
N TRP H 99 -12.16 4.82 -25.31
CA TRP H 99 -12.60 6.11 -24.80
C TRP H 99 -11.95 6.37 -23.44
N ARG H 100 -10.73 6.91 -23.43
CA ARG H 100 -9.96 7.00 -22.19
C ARG H 100 -8.79 7.92 -22.47
N TYR H 101 -8.13 8.36 -21.37
CA TYR H 101 -6.77 8.88 -21.42
C TYR H 101 -5.79 7.71 -21.25
N LYS H 102 -4.77 7.66 -22.09
CA LYS H 102 -3.71 6.68 -21.85
C LYS H 102 -3.11 6.94 -20.47
N THR H 103 -2.45 5.92 -19.91
CA THR H 103 -2.05 6.00 -18.51
C THR H 103 -0.92 7.02 -18.36
N GLY H 104 -0.87 7.61 -17.17
CA GLY H 104 0.19 8.50 -16.75
C GLY H 104 -0.22 9.95 -16.82
N VAL H 105 0.53 10.78 -16.09
CA VAL H 105 0.41 12.23 -16.23
C VAL H 105 0.61 12.61 -17.68
N ASP H 106 -0.24 13.47 -18.20
CA ASP H 106 -0.25 13.85 -19.61
C ASP H 106 -0.45 12.65 -20.54
N GLY H 107 -1.08 11.58 -20.05
CA GLY H 107 -1.52 10.55 -20.96
C GLY H 107 -2.58 11.13 -21.90
N GLU H 108 -2.43 10.89 -23.21
CA GLU H 108 -3.24 11.53 -24.24
C GLU H 108 -4.61 10.86 -24.36
N PRO H 109 -5.64 11.64 -24.69
CA PRO H 109 -6.96 11.04 -24.93
C PRO H 109 -6.96 10.23 -26.21
N VAL H 110 -7.63 9.07 -26.18
CA VAL H 110 -7.76 8.18 -27.32
C VAL H 110 -9.22 7.77 -27.44
N VAL H 111 -9.74 7.77 -28.68
CA VAL H 111 -11.14 7.47 -28.93
C VAL H 111 -11.26 6.55 -30.15
N GLY H 112 -12.11 5.55 -30.04
CA GLY H 112 -12.40 4.70 -31.19
C GLY H 112 -13.87 4.35 -31.21
N VAL H 113 -14.54 4.61 -32.34
CA VAL H 113 -15.97 4.38 -32.48
C VAL H 113 -16.26 3.70 -33.81
N THR H 114 -17.34 2.92 -33.83
CA THR H 114 -17.92 2.37 -35.03
C THR H 114 -19.38 2.76 -35.02
N PHE H 115 -19.92 3.05 -36.21
CA PHE H 115 -21.32 3.40 -36.34
C PHE H 115 -21.92 2.62 -37.49
N GLU H 116 -23.22 2.39 -37.41
CA GLU H 116 -23.95 1.89 -38.56
C GLU H 116 -25.30 2.57 -38.60
N LEU H 117 -25.78 2.81 -39.83
CA LEU H 117 -27.09 3.39 -40.06
C LEU H 117 -27.95 2.31 -40.67
N ILE H 118 -29.09 2.04 -40.06
CA ILE H 118 -29.95 0.92 -40.42
C ILE H 118 -31.23 1.46 -41.05
N ASP H 119 -31.63 0.86 -42.17
CA ASP H 119 -32.92 1.16 -42.78
C ASP H 119 -34.00 0.43 -41.97
N VAL H 120 -34.90 1.20 -41.37
CA VAL H 120 -35.91 0.60 -40.52
C VAL H 120 -36.86 -0.31 -41.31
N SER H 121 -37.15 0.04 -42.57
CA SER H 121 -38.16 -0.72 -43.30
C SER H 121 -37.72 -2.12 -43.67
N ASN H 122 -36.40 -2.38 -43.76
CA ASN H 122 -35.94 -3.72 -44.10
C ASN H 122 -34.79 -4.21 -43.25
N GLY H 123 -34.30 -3.44 -42.28
CA GLY H 123 -33.25 -3.87 -41.39
C GLY H 123 -31.86 -3.86 -41.99
N ALA H 124 -31.72 -3.46 -43.25
CA ALA H 124 -30.41 -3.47 -43.89
C ALA H 124 -29.54 -2.33 -43.35
N VAL H 125 -28.30 -2.66 -43.00
CA VAL H 125 -27.31 -1.63 -42.77
C VAL H 125 -27.02 -0.93 -44.10
N VAL H 126 -27.32 0.36 -44.17
CA VAL H 126 -27.19 1.11 -45.41
C VAL H 126 -26.00 2.04 -45.41
N TRP H 127 -25.33 2.23 -44.28
CA TRP H 127 -24.17 3.09 -44.17
C TRP H 127 -23.46 2.70 -42.89
N SER H 128 -22.14 2.74 -42.91
CA SER H 128 -21.35 2.40 -41.74
C SER H 128 -20.03 3.13 -41.82
N ALA H 129 -19.37 3.27 -40.66
CA ALA H 129 -18.15 4.06 -40.57
C ALA H 129 -17.41 3.72 -39.29
N THR H 130 -16.09 3.85 -39.36
CA THR H 130 -15.18 3.63 -38.23
C THR H 130 -14.27 4.85 -38.12
N GLY H 131 -14.06 5.31 -36.90
CA GLY H 131 -13.22 6.45 -36.66
C GLY H 131 -12.34 6.23 -35.44
N THR H 132 -11.06 6.56 -35.55
CA THR H 132 -10.16 6.55 -34.40
C THR H 132 -9.40 7.86 -34.35
N ARG H 133 -9.01 8.28 -33.13
CA ARG H 133 -8.23 9.50 -32.97
C ARG H 133 -7.45 9.46 -31.66
N THR H 134 -6.18 9.83 -31.74
CA THR H 134 -5.32 10.04 -30.58
C THR H 134 -5.04 11.54 -30.47
N GLY H 135 -5.48 12.13 -29.37
CA GLY H 135 -5.29 13.56 -29.18
C GLY H 135 -3.90 13.91 -28.65
N TRP H 136 -3.71 15.21 -28.43
CA TRP H 136 -2.44 15.62 -27.85
C TRP H 136 -2.53 15.52 -26.34
N SER H 137 -1.36 15.50 -25.70
CA SER H 137 -1.30 15.41 -24.25
C SER H 137 -2.14 16.50 -23.58
N ARG H 138 -2.27 17.65 -24.22
CA ARG H 138 -2.97 18.78 -23.64
C ARG H 138 -4.44 18.88 -24.05
N SER H 139 -4.97 17.89 -24.76
CA SER H 139 -6.37 17.96 -25.18
C SER H 139 -7.26 17.16 -24.24
N GLY H 140 -8.53 17.51 -24.24
CA GLY H 140 -9.50 16.81 -23.41
C GLY H 140 -10.20 15.70 -24.18
N LEU H 141 -10.53 14.63 -23.45
CA LEU H 141 -11.17 13.47 -24.05
C LEU H 141 -12.49 13.86 -24.73
N SER H 142 -13.30 14.67 -24.05
CA SER H 142 -14.57 15.06 -24.67
C SER H 142 -14.36 15.84 -25.96
N SER H 143 -13.31 16.66 -26.04
CA SER H 143 -13.07 17.42 -27.28
C SER H 143 -12.67 16.49 -28.41
N VAL H 144 -11.81 15.51 -28.12
CA VAL H 144 -11.39 14.55 -29.13
C VAL H 144 -12.59 13.74 -29.63
N ALA H 145 -13.44 13.26 -28.72
CA ALA H 145 -14.58 12.44 -29.12
C ALA H 145 -15.59 13.23 -29.95
N THR H 146 -15.94 14.42 -29.46
CA THR H 146 -16.90 15.27 -30.15
C THR H 146 -16.41 15.60 -31.55
N SER H 147 -15.16 16.04 -31.67
CA SER H 147 -14.58 16.34 -32.97
C SER H 147 -14.56 15.10 -33.85
N LEU H 148 -14.16 13.95 -33.29
CA LEU H 148 -14.11 12.73 -34.09
C LEU H 148 -15.51 12.31 -34.55
N ILE H 149 -16.48 12.34 -33.64
CA ILE H 149 -17.81 11.86 -33.99
C ILE H 149 -18.45 12.79 -35.02
N ALA H 150 -18.20 14.09 -34.91
CA ALA H 150 -18.72 15.03 -35.91
C ALA H 150 -18.14 14.73 -37.28
N LYS H 151 -16.86 14.34 -37.34
CA LYS H 151 -16.26 14.00 -38.64
C LYS H 151 -16.81 12.67 -39.17
N VAL H 152 -16.95 11.67 -38.29
CA VAL H 152 -17.39 10.34 -38.73
C VAL H 152 -18.80 10.41 -39.33
N LEU H 153 -19.71 11.17 -38.70
CA LEU H 153 -21.12 11.24 -39.09
C LEU H 153 -21.41 12.33 -40.12
N SER H 154 -20.42 13.10 -40.56
CA SER H 154 -20.69 14.19 -41.49
C SER H 154 -21.32 13.75 -42.81
N PRO H 155 -21.11 12.54 -43.35
CA PRO H 155 -21.89 12.11 -44.53
C PRO H 155 -23.40 12.01 -44.27
N LEU H 156 -23.84 12.03 -43.02
CA LEU H 156 -25.26 11.94 -42.72
C LEU H 156 -25.92 13.32 -42.60
N GLN H 157 -25.25 14.38 -43.03
CA GLN H 157 -25.86 15.69 -43.00
C GLN H 157 -26.94 15.79 -44.07
N ALA H 158 -27.95 16.62 -43.81
CA ALA H 158 -29.03 16.78 -44.76
C ALA H 158 -28.52 17.36 -46.07
N ARG H 159 -29.04 16.82 -47.18
CA ARG H 159 -28.75 17.35 -48.50
C ARG H 159 -29.98 18.08 -49.02
N GLY I 5 -5.49 37.28 5.25
CA GLY I 5 -6.85 37.36 4.74
C GLY I 5 -7.58 38.67 5.03
N THR I 6 -8.86 38.56 5.40
CA THR I 6 -9.70 39.73 5.68
C THR I 6 -10.50 39.51 6.94
N VAL I 7 -11.03 40.60 7.49
CA VAL I 7 -12.02 40.54 8.56
C VAL I 7 -13.04 41.65 8.32
N ARG I 8 -14.33 41.28 8.32
CA ARG I 8 -15.41 42.21 8.06
C ARG I 8 -16.44 42.11 9.18
N GLN I 9 -16.76 43.26 9.79
CA GLN I 9 -17.64 43.33 10.95
C GLN I 9 -18.77 44.33 10.68
N THR I 10 -19.95 44.03 11.19
CA THR I 10 -21.03 44.99 11.14
C THR I 10 -20.89 45.96 12.32
N SER I 11 -21.76 46.98 12.32
CA SER I 11 -21.95 47.79 13.50
C SER I 11 -22.54 46.93 14.61
N GLY I 12 -22.47 47.44 15.83
CA GLY I 12 -22.91 46.69 16.98
C GLY I 12 -23.04 47.55 18.22
N PRO I 13 -23.48 46.95 19.32
CA PRO I 13 -23.68 47.72 20.55
C PRO I 13 -22.38 47.89 21.31
N ALA I 14 -22.32 48.96 22.09
CA ALA I 14 -21.19 49.16 22.99
C ALA I 14 -21.31 48.20 24.16
N LEU I 15 -20.37 47.27 24.27
CA LEU I 15 -20.39 46.27 25.33
C LEU I 15 -19.90 46.86 26.64
N ALA I 16 -20.56 46.48 27.72
CA ALA I 16 -20.18 46.88 29.06
C ALA I 16 -19.49 45.72 29.77
N ARG I 17 -18.62 46.05 30.72
CA ARG I 17 -17.96 45.04 31.54
C ARG I 17 -18.99 44.15 32.23
N GLY I 18 -20.17 44.68 32.52
CA GLY I 18 -21.20 43.98 33.27
C GLY I 18 -22.21 43.18 32.47
N ASP I 19 -22.01 43.01 31.16
CA ASP I 19 -22.96 42.26 30.35
C ASP I 19 -22.69 40.77 30.44
N LYS I 20 -23.73 39.99 30.73
CA LYS I 20 -23.59 38.54 30.82
C LYS I 20 -23.66 37.94 29.42
N VAL I 21 -22.60 37.23 29.02
CA VAL I 21 -22.45 36.71 27.66
C VAL I 21 -22.38 35.19 27.72
N ALA I 22 -23.19 34.53 26.90
CA ALA I 22 -23.20 33.07 26.81
C ALA I 22 -22.66 32.66 25.44
N VAL I 23 -21.47 32.07 25.41
CA VAL I 23 -20.93 31.52 24.18
C VAL I 23 -21.50 30.12 24.00
N VAL I 24 -22.13 29.88 22.84
CA VAL I 24 -22.86 28.64 22.64
C VAL I 24 -22.21 27.78 21.56
N SER I 25 -22.94 26.77 21.10
CA SER I 25 -22.48 25.84 20.09
C SER I 25 -21.94 26.53 18.85
N ILE I 26 -20.61 26.54 18.69
CA ILE I 26 -19.97 26.99 17.47
C ILE I 26 -19.85 25.78 16.54
N ALA I 27 -20.57 25.82 15.43
CA ALA I 27 -20.56 24.71 14.47
C ALA I 27 -19.17 24.48 13.91
N ASN I 28 -18.87 23.20 13.64
CA ASN I 28 -17.59 22.81 13.05
C ASN I 28 -17.89 22.25 11.67
N TYR I 29 -17.55 23.03 10.63
CA TYR I 29 -17.74 22.60 9.25
C TYR I 29 -16.43 22.12 8.62
N THR I 30 -15.44 21.81 9.44
CA THR I 30 -14.17 21.29 8.98
C THR I 30 -14.05 19.83 9.36
N GLU I 31 -13.04 19.17 8.79
CA GLU I 31 -12.68 17.82 9.16
C GLU I 31 -11.57 17.77 10.22
N THR I 32 -11.38 18.85 10.97
CA THR I 32 -10.53 18.82 12.16
C THR I 32 -11.41 18.63 13.38
N PRO I 33 -11.34 17.48 14.07
CA PRO I 33 -12.20 17.26 15.24
C PRO I 33 -12.03 18.36 16.28
N ASP I 34 -13.15 18.73 16.91
CA ASP I 34 -13.19 19.66 18.03
C ASP I 34 -12.80 21.09 17.67
N ALA I 35 -12.65 21.40 16.38
CA ALA I 35 -12.32 22.79 16.01
C ALA I 35 -13.39 23.75 16.53
N GLY I 36 -14.65 23.34 16.53
CA GLY I 36 -15.69 24.21 17.05
C GLY I 36 -15.53 24.49 18.53
N HIS I 37 -15.11 23.48 19.30
CA HIS I 37 -14.90 23.67 20.74
C HIS I 37 -13.65 24.50 21.00
N SER I 38 -12.58 24.27 20.23
CA SER I 38 -11.40 25.13 20.32
C SER I 38 -11.77 26.59 20.10
N ALA I 39 -12.55 26.86 19.05
CA ALA I 39 -12.97 28.24 18.80
C ALA I 39 -13.83 28.77 19.94
N GLU I 40 -14.61 27.90 20.58
CA GLU I 40 -15.43 28.33 21.73
C GLU I 40 -14.55 28.77 22.89
N SER I 41 -13.49 27.99 23.19
CA SER I 41 -12.64 28.30 24.34
C SER I 41 -11.81 29.55 24.06
N ILE I 42 -11.28 29.68 22.85
CA ILE I 42 -10.53 30.86 22.48
C ILE I 42 -11.43 32.09 22.52
N ALA I 43 -12.64 31.98 21.96
CA ALA I 43 -13.54 33.13 21.93
C ALA I 43 -13.93 33.57 23.34
N ALA I 44 -14.19 32.62 24.24
CA ALA I 44 -14.58 32.97 25.61
C ALA I 44 -13.48 33.76 26.30
N ASN I 45 -12.24 33.26 26.24
CA ASN I 45 -11.12 33.99 26.83
C ASN I 45 -10.87 35.32 26.13
N THR I 46 -11.21 35.40 24.84
CA THR I 46 -11.07 36.66 24.11
C THR I 46 -12.02 37.71 24.66
N LEU I 47 -13.30 37.35 24.80
CA LEU I 47 -14.27 38.27 25.35
C LEU I 47 -13.89 38.71 26.75
N ARG I 48 -13.27 37.84 27.54
CA ARG I 48 -12.84 38.23 28.89
C ARG I 48 -11.68 39.21 28.83
N ALA I 49 -10.65 38.88 28.04
CA ALA I 49 -9.49 39.76 27.93
C ALA I 49 -9.86 41.12 27.34
N GLY I 50 -10.99 41.21 26.62
CA GLY I 50 -11.55 42.46 26.16
C GLY I 50 -12.32 43.23 27.20
N GLY I 51 -12.50 42.68 28.39
CA GLY I 51 -13.12 43.39 29.50
C GLY I 51 -14.47 42.86 29.94
N ILE I 52 -15.07 41.91 29.22
CA ILE I 52 -16.34 41.34 29.64
C ILE I 52 -16.09 40.40 30.81
N ALA I 53 -16.75 40.68 31.94
CA ALA I 53 -16.43 39.98 33.19
C ALA I 53 -17.04 38.58 33.25
N ASP I 54 -18.35 38.47 33.00
CA ASP I 54 -19.07 37.21 33.11
C ASP I 54 -19.37 36.68 31.71
N VAL I 55 -18.54 35.76 31.24
CA VAL I 55 -18.80 35.04 29.99
C VAL I 55 -18.59 33.56 30.28
N ARG I 56 -19.60 32.75 29.96
CA ARG I 56 -19.59 31.32 30.26
C ARG I 56 -19.94 30.52 29.03
N ILE I 57 -19.31 29.35 28.89
CA ILE I 57 -19.52 28.48 27.75
C ILE I 57 -20.63 27.50 28.06
N ALA I 58 -21.57 27.35 27.13
CA ALA I 58 -22.66 26.41 27.35
C ALA I 58 -22.17 24.98 27.13
N PRO I 59 -22.66 24.01 27.91
CA PRO I 59 -22.22 22.61 27.77
C PRO I 59 -22.66 21.97 26.46
N ALA I 79 -31.63 25.28 24.86
CA ALA I 79 -31.15 25.85 23.60
C ALA I 79 -30.80 27.33 23.79
N MSE I 80 -31.58 28.20 23.16
CA MSE I 80 -31.55 29.63 23.45
C MSE I 80 -32.08 29.82 24.87
O MSE I 80 -31.81 30.84 25.53
CB MSE I 80 -32.39 30.41 22.44
CG MSE I 80 -32.39 31.91 22.64
SE MSE I 80 -30.74 32.76 22.04
CE MSE I 80 -31.00 32.57 20.11
N GLU I 81 -32.84 28.83 25.32
CA GLU I 81 -33.39 28.84 26.67
C GLU I 81 -32.30 28.79 27.73
N TRP I 82 -31.18 28.12 27.44
CA TRP I 82 -30.12 28.01 28.43
C TRP I 82 -29.54 29.38 28.79
N ALA I 83 -29.36 30.25 27.79
CA ALA I 83 -28.92 31.60 28.08
C ALA I 83 -29.97 32.36 28.89
N ARG I 84 -31.24 32.21 28.53
CA ARG I 84 -32.31 32.79 29.34
C ARG I 84 -32.33 32.18 30.73
N SER I 85 -31.90 30.91 30.86
CA SER I 85 -31.77 30.29 32.17
C SER I 85 -30.58 30.84 32.95
N GLN I 86 -29.64 31.48 32.27
CA GLN I 86 -28.39 31.93 32.88
C GLN I 86 -28.38 33.42 33.15
N ASN I 87 -29.50 34.12 32.91
CA ASN I 87 -29.56 35.58 32.98
C ASN I 87 -28.46 36.21 32.12
N ALA I 88 -28.45 35.83 30.85
CA ALA I 88 -27.44 36.29 29.90
C ALA I 88 -28.03 37.37 29.01
N ARG I 89 -27.26 38.44 28.81
CA ARG I 89 -27.74 39.55 27.98
C ARG I 89 -27.46 39.33 26.51
N TYR I 90 -26.38 38.64 26.17
CA TYR I 90 -26.06 38.32 24.80
C TYR I 90 -25.60 36.88 24.70
N VAL I 91 -25.65 36.36 23.47
CA VAL I 91 -25.19 35.03 23.14
C VAL I 91 -24.22 35.15 21.96
N LEU I 92 -23.00 34.67 22.15
CA LEU I 92 -22.05 34.60 21.04
C LEU I 92 -22.17 33.22 20.40
N SER I 93 -22.34 33.21 19.07
CA SER I 93 -22.42 31.97 18.32
C SER I 93 -21.67 32.15 17.00
N GLY I 94 -21.55 31.06 16.25
CA GLY I 94 -20.85 31.14 14.98
C GLY I 94 -20.51 29.77 14.44
N ALA I 95 -19.52 29.74 13.54
CA ALA I 95 -19.14 28.50 12.89
C ALA I 95 -17.70 28.64 12.40
N VAL I 96 -16.99 27.51 12.39
CA VAL I 96 -15.65 27.42 11.82
C VAL I 96 -15.76 26.85 10.42
N GLU I 97 -15.38 27.64 9.41
CA GLU I 97 -15.39 27.16 8.04
C GLU I 97 -14.06 26.57 7.60
N GLU I 98 -12.95 26.92 8.26
CA GLU I 98 -11.67 26.31 7.94
C GLU I 98 -10.79 26.38 9.17
N TRP I 99 -10.01 25.31 9.39
CA TRP I 99 -9.20 25.17 10.59
C TRP I 99 -8.26 24.00 10.39
N ARG I 100 -7.19 24.20 9.61
CA ARG I 100 -6.31 23.10 9.22
C ARG I 100 -4.99 23.69 8.75
N TYR I 101 -4.02 22.80 8.58
CA TYR I 101 -2.83 23.07 7.78
C TYR I 101 -3.12 22.60 6.36
N LYS I 102 -2.77 23.43 5.37
CA LYS I 102 -2.80 22.93 4.01
C LYS I 102 -1.85 21.74 3.87
N THR I 103 -2.09 20.94 2.84
CA THR I 103 -1.45 19.63 2.73
C THR I 103 0.04 19.79 2.43
N GLY I 104 0.82 18.81 2.89
CA GLY I 104 2.21 18.74 2.55
C GLY I 104 3.11 19.27 3.67
N VAL I 105 4.39 18.93 3.55
CA VAL I 105 5.38 19.50 4.47
C VAL I 105 5.39 21.02 4.30
N ASP I 106 5.46 21.73 5.41
CA ASP I 106 5.35 23.19 5.41
C ASP I 106 4.01 23.67 4.84
N GLY I 107 2.96 22.83 4.87
CA GLY I 107 1.63 23.34 4.60
C GLY I 107 1.23 24.42 5.59
N GLU I 108 0.74 25.59 5.08
CA GLU I 108 0.48 26.73 5.93
C GLU I 108 -0.84 26.58 6.69
N PRO I 109 -0.93 27.11 7.91
CA PRO I 109 -2.19 27.08 8.63
C PRO I 109 -3.20 28.06 8.02
N VAL I 110 -4.47 27.64 7.96
CA VAL I 110 -5.54 28.46 7.42
C VAL I 110 -6.74 28.36 8.35
N VAL I 111 -7.38 29.48 8.60
CA VAL I 111 -8.49 29.57 9.54
C VAL I 111 -9.58 30.41 8.91
N GLY I 112 -10.84 29.99 9.11
CA GLY I 112 -11.99 30.75 8.63
C GLY I 112 -13.10 30.62 9.65
N VAL I 113 -13.65 31.75 10.11
CA VAL I 113 -14.65 31.76 11.17
C VAL I 113 -15.68 32.83 10.88
N THR I 114 -16.91 32.55 11.33
CA THR I 114 -18.02 33.51 11.33
C THR I 114 -18.56 33.56 12.75
N PHE I 115 -18.99 34.75 13.17
CA PHE I 115 -19.54 34.95 14.51
C PHE I 115 -20.81 35.78 14.40
N GLU I 116 -21.73 35.55 15.34
CA GLU I 116 -22.96 36.33 15.49
C GLU I 116 -23.21 36.59 16.97
N LEU I 117 -23.55 37.82 17.32
CA LEU I 117 -23.94 38.17 18.68
C LEU I 117 -25.45 38.36 18.71
N ILE I 118 -26.14 37.55 19.51
CA ILE I 118 -27.59 37.55 19.58
C ILE I 118 -28.02 38.23 20.87
N ASP I 119 -28.96 39.17 20.74
CA ASP I 119 -29.59 39.78 21.90
C ASP I 119 -30.60 38.80 22.48
N VAL I 120 -30.47 38.47 23.76
CA VAL I 120 -31.31 37.42 24.33
C VAL I 120 -32.74 37.93 24.57
N SER I 121 -32.92 39.23 24.78
CA SER I 121 -34.25 39.73 25.15
C SER I 121 -35.24 39.66 23.99
N ASN I 122 -34.76 39.69 22.74
CA ASN I 122 -35.67 39.54 21.61
C ASN I 122 -35.17 38.59 20.52
N GLY I 123 -33.99 38.01 20.66
CA GLY I 123 -33.51 37.01 19.73
C GLY I 123 -32.84 37.54 18.49
N ALA I 124 -32.74 38.85 18.32
CA ALA I 124 -32.17 39.42 17.10
C ALA I 124 -30.65 39.33 17.10
N VAL I 125 -30.08 39.24 15.90
CA VAL I 125 -28.64 39.35 15.71
C VAL I 125 -28.29 40.84 15.70
N VAL I 126 -27.54 41.28 16.72
CA VAL I 126 -27.18 42.69 16.86
C VAL I 126 -25.79 42.99 16.33
N TRP I 127 -25.06 41.97 15.88
CA TRP I 127 -23.67 42.14 15.45
C TRP I 127 -23.23 40.85 14.80
N SER I 128 -22.34 40.96 13.82
CA SER I 128 -21.81 39.77 13.17
C SER I 128 -20.52 40.13 12.46
N ALA I 129 -19.68 39.12 12.27
CA ALA I 129 -18.37 39.31 11.69
C ALA I 129 -17.88 38.00 11.08
N THR I 130 -17.13 38.14 9.99
CA THR I 130 -16.45 37.04 9.33
C THR I 130 -14.96 37.34 9.29
N GLY I 131 -14.15 36.32 9.55
CA GLY I 131 -12.72 36.51 9.52
C GLY I 131 -11.99 35.33 8.91
N THR I 132 -10.98 35.59 8.09
CA THR I 132 -10.16 34.54 7.51
C THR I 132 -8.68 34.94 7.58
N ARG I 133 -7.81 33.96 7.67
CA ARG I 133 -6.37 34.22 7.66
C ARG I 133 -5.60 33.01 7.15
N THR I 134 -4.55 33.29 6.38
CA THR I 134 -3.54 32.31 5.97
C THR I 134 -2.22 32.69 6.61
N GLY I 135 -1.71 31.83 7.51
CA GLY I 135 -0.46 32.12 8.19
C GLY I 135 0.76 31.73 7.37
N TRP I 136 1.95 32.10 7.88
CA TRP I 136 3.12 31.65 7.15
C TRP I 136 3.35 30.15 7.38
N SER I 137 4.05 29.54 6.43
CA SER I 137 4.33 28.12 6.45
C SER I 137 5.04 27.67 7.72
N ARG I 138 5.73 28.57 8.42
CA ARG I 138 6.41 28.23 9.67
C ARG I 138 5.63 28.66 10.90
N SER I 139 4.34 28.87 10.78
CA SER I 139 3.53 29.29 11.93
C SER I 139 2.59 28.18 12.36
N GLY I 140 2.08 28.31 13.58
CA GLY I 140 1.22 27.31 14.18
C GLY I 140 -0.24 27.64 13.95
N LEU I 141 -1.05 26.59 13.74
CA LEU I 141 -2.48 26.78 13.52
C LEU I 141 -3.12 27.49 14.72
N SER I 142 -2.75 27.05 15.94
CA SER I 142 -3.34 27.64 17.15
C SER I 142 -3.01 29.13 17.25
N SER I 143 -1.76 29.51 16.97
CA SER I 143 -1.40 30.93 16.94
C SER I 143 -2.28 31.71 15.96
N VAL I 144 -2.43 31.19 14.75
CA VAL I 144 -3.17 31.93 13.72
C VAL I 144 -4.64 32.08 14.14
N ALA I 145 -5.26 31.00 14.60
CA ALA I 145 -6.64 31.08 15.04
C ALA I 145 -6.80 32.03 16.21
N THR I 146 -5.86 32.01 17.16
CA THR I 146 -5.95 32.86 18.35
C THR I 146 -5.84 34.33 17.96
N SER I 147 -4.86 34.67 17.12
CA SER I 147 -4.72 36.05 16.67
C SER I 147 -5.95 36.50 15.87
N LEU I 148 -6.50 35.61 15.04
CA LEU I 148 -7.64 35.99 14.20
C LEU I 148 -8.91 36.20 15.03
N ILE I 149 -9.18 35.31 15.99
CA ILE I 149 -10.37 35.46 16.81
C ILE I 149 -10.30 36.75 17.62
N ALA I 150 -9.10 37.07 18.14
CA ALA I 150 -8.95 38.29 18.92
C ALA I 150 -9.23 39.52 18.08
N LYS I 151 -8.81 39.51 16.81
CA LYS I 151 -9.10 40.65 15.93
C LYS I 151 -10.57 40.67 15.54
N VAL I 152 -11.16 39.50 15.28
CA VAL I 152 -12.55 39.45 14.85
C VAL I 152 -13.48 39.94 15.95
N LEU I 153 -13.20 39.59 17.21
CA LEU I 153 -14.06 39.92 18.33
C LEU I 153 -13.71 41.27 18.96
N SER I 154 -12.71 41.97 18.44
CA SER I 154 -12.29 43.23 19.05
C SER I 154 -13.38 44.30 19.14
N PRO I 155 -14.40 44.34 18.26
CA PRO I 155 -15.54 45.25 18.53
C PRO I 155 -16.31 44.92 19.79
N LEU I 156 -16.10 43.74 20.39
CA LEU I 156 -16.87 43.32 21.55
C LEU I 156 -16.15 43.61 22.86
N GLN I 157 -15.05 44.36 22.81
CA GLN I 157 -14.38 44.77 24.03
C GLN I 157 -15.20 45.82 24.78
N ALA I 158 -14.96 45.90 26.08
CA ALA I 158 -15.58 46.93 26.91
C ALA I 158 -14.98 48.29 26.57
N MSE J 4 7.62 -3.88 -35.92
CA MSE J 4 6.40 -3.61 -36.68
C MSE J 4 5.33 -4.69 -36.43
O MSE J 4 4.32 -4.41 -35.81
CB MSE J 4 6.71 -3.52 -38.19
N GLY J 5 5.62 -5.90 -36.89
CA GLY J 5 4.65 -6.97 -36.97
C GLY J 5 4.57 -7.53 -38.36
N THR J 6 3.68 -8.51 -38.54
CA THR J 6 3.56 -9.21 -39.81
C THR J 6 2.08 -9.51 -40.11
N VAL J 7 1.80 -9.72 -41.39
CA VAL J 7 0.50 -10.21 -41.84
C VAL J 7 0.75 -11.38 -42.78
N ARG J 8 0.12 -12.52 -42.51
CA ARG J 8 0.20 -13.70 -43.37
C ARG J 8 -1.21 -14.20 -43.66
N GLN J 9 -1.54 -14.36 -44.95
CA GLN J 9 -2.87 -14.77 -45.39
C GLN J 9 -2.76 -15.96 -46.33
N THR J 10 -3.71 -16.89 -46.21
CA THR J 10 -3.77 -17.95 -47.19
C THR J 10 -4.46 -17.46 -48.46
N SER J 11 -4.37 -18.25 -49.53
CA SER J 11 -5.26 -18.00 -50.64
C SER J 11 -6.70 -18.16 -50.19
N GLY J 12 -7.63 -17.71 -51.02
CA GLY J 12 -9.02 -17.72 -50.66
C GLY J 12 -9.90 -17.34 -51.83
N PRO J 13 -11.21 -17.50 -51.66
CA PRO J 13 -12.12 -17.18 -52.77
C PRO J 13 -12.24 -15.68 -52.94
N ALA J 14 -12.73 -15.29 -54.11
CA ALA J 14 -13.08 -13.90 -54.38
C ALA J 14 -14.51 -13.67 -53.89
N LEU J 15 -14.66 -12.75 -52.96
CA LEU J 15 -15.99 -12.41 -52.45
C LEU J 15 -16.67 -11.43 -53.40
N ALA J 16 -17.97 -11.62 -53.58
CA ALA J 16 -18.80 -10.68 -54.32
C ALA J 16 -19.51 -9.73 -53.37
N ARG J 17 -19.89 -8.56 -53.90
CA ARG J 17 -20.63 -7.58 -53.12
C ARG J 17 -21.90 -8.19 -52.49
N GLY J 18 -22.60 -9.08 -53.23
CA GLY J 18 -23.79 -9.72 -52.72
C GLY J 18 -23.59 -10.92 -51.82
N ASP J 19 -22.36 -11.33 -51.49
CA ASP J 19 -22.14 -12.46 -50.57
C ASP J 19 -22.43 -12.01 -49.14
N LYS J 20 -23.42 -12.61 -48.50
CA LYS J 20 -23.69 -12.30 -47.10
C LYS J 20 -22.66 -12.96 -46.19
N VAL J 21 -22.02 -12.16 -45.34
CA VAL J 21 -21.04 -12.64 -44.38
C VAL J 21 -21.56 -12.38 -42.97
N ALA J 22 -21.48 -13.40 -42.12
CA ALA J 22 -21.78 -13.28 -40.70
C ALA J 22 -20.48 -13.30 -39.90
N VAL J 23 -20.32 -12.34 -38.99
CA VAL J 23 -19.19 -12.30 -38.06
C VAL J 23 -19.64 -12.95 -36.76
N VAL J 24 -18.94 -14.00 -36.35
CA VAL J 24 -19.43 -14.89 -35.28
C VAL J 24 -18.34 -15.07 -34.22
N SER J 25 -18.68 -14.74 -32.97
CA SER J 25 -17.90 -14.95 -31.76
C SER J 25 -16.40 -15.01 -31.99
N ILE J 26 -15.77 -13.84 -32.01
CA ILE J 26 -14.31 -13.75 -32.01
C ILE J 26 -13.86 -13.90 -30.56
N ALA J 27 -13.13 -14.98 -30.26
CA ALA J 27 -12.70 -15.22 -28.88
C ALA J 27 -11.75 -14.13 -28.40
N ASN J 28 -11.84 -13.83 -27.11
CA ASN J 28 -10.93 -12.88 -26.45
C ASN J 28 -9.96 -13.65 -25.56
N TYR J 29 -8.72 -13.79 -26.00
CA TYR J 29 -7.71 -14.44 -25.17
C TYR J 29 -6.80 -13.43 -24.47
N THR J 30 -7.28 -12.21 -24.25
CA THR J 30 -6.53 -11.19 -23.54
C THR J 30 -7.19 -10.86 -22.21
N GLU J 31 -6.54 -10.01 -21.43
CA GLU J 31 -7.11 -9.47 -20.20
C GLU J 31 -7.79 -8.12 -20.42
N THR J 32 -7.97 -7.70 -21.67
CA THR J 32 -8.72 -6.48 -21.94
C THR J 32 -10.18 -6.83 -22.15
N PRO J 33 -11.08 -6.41 -21.25
CA PRO J 33 -12.49 -6.77 -21.41
C PRO J 33 -13.03 -6.31 -22.76
N ASP J 34 -13.86 -7.16 -23.35
CA ASP J 34 -14.63 -6.85 -24.57
C ASP J 34 -13.75 -6.65 -25.79
N ALA J 35 -12.48 -7.03 -25.74
CA ALA J 35 -11.63 -6.90 -26.92
C ALA J 35 -12.15 -7.74 -28.08
N GLY J 36 -12.73 -8.90 -27.81
CA GLY J 36 -13.31 -9.69 -28.90
C GLY J 36 -14.50 -9.00 -29.54
N HIS J 37 -15.36 -8.41 -28.73
CA HIS J 37 -16.50 -7.68 -29.27
C HIS J 37 -16.03 -6.48 -30.07
N SER J 38 -14.98 -5.79 -29.60
CA SER J 38 -14.40 -4.69 -30.36
C SER J 38 -13.86 -5.18 -31.69
N ALA J 39 -13.14 -6.31 -31.68
CA ALA J 39 -12.66 -6.87 -32.94
C ALA J 39 -13.80 -7.26 -33.87
N GLU J 40 -14.93 -7.72 -33.32
CA GLU J 40 -16.07 -8.05 -34.19
C GLU J 40 -16.64 -6.81 -34.87
N SER J 41 -16.81 -5.72 -34.11
CA SER J 41 -17.38 -4.50 -34.68
C SER J 41 -16.46 -3.92 -35.74
N ILE J 42 -15.15 -3.86 -35.43
CA ILE J 42 -14.18 -3.36 -36.40
C ILE J 42 -14.19 -4.23 -37.65
N ALA J 43 -14.12 -5.55 -37.47
CA ALA J 43 -14.13 -6.48 -38.59
C ALA J 43 -15.38 -6.30 -39.45
N ALA J 44 -16.56 -6.25 -38.80
CA ALA J 44 -17.78 -6.08 -39.59
C ALA J 44 -17.75 -4.79 -40.39
N ASN J 45 -17.29 -3.67 -39.80
CA ASN J 45 -17.25 -2.44 -40.60
C ASN J 45 -16.17 -2.52 -41.66
N THR J 46 -15.05 -3.21 -41.35
CA THR J 46 -14.02 -3.44 -42.36
C THR J 46 -14.57 -4.17 -43.58
N LEU J 47 -15.33 -5.24 -43.35
CA LEU J 47 -15.88 -5.99 -44.48
C LEU J 47 -16.81 -5.11 -45.33
N ARG J 48 -17.65 -4.30 -44.67
CA ARG J 48 -18.54 -3.39 -45.41
C ARG J 48 -17.76 -2.33 -46.17
N ALA J 49 -16.73 -1.73 -45.52
CA ALA J 49 -15.91 -0.76 -46.22
C ALA J 49 -15.23 -1.36 -47.43
N GLY J 50 -14.95 -2.66 -47.39
CA GLY J 50 -14.37 -3.32 -48.55
C GLY J 50 -15.35 -3.67 -49.63
N GLY J 51 -16.62 -3.29 -49.49
CA GLY J 51 -17.62 -3.50 -50.51
C GLY J 51 -18.56 -4.66 -50.31
N ILE J 52 -18.52 -5.33 -49.15
CA ILE J 52 -19.51 -6.38 -48.87
C ILE J 52 -20.78 -5.70 -48.36
N ALA J 53 -21.88 -5.85 -49.11
CA ALA J 53 -23.11 -5.13 -48.80
C ALA J 53 -23.70 -5.56 -47.45
N ASP J 54 -23.93 -6.86 -47.27
CA ASP J 54 -24.69 -7.38 -46.14
C ASP J 54 -23.76 -8.13 -45.18
N VAL J 55 -23.46 -7.49 -44.04
CA VAL J 55 -22.64 -8.08 -42.98
C VAL J 55 -23.41 -7.96 -41.68
N ARG J 56 -23.44 -9.04 -40.89
CA ARG J 56 -24.04 -8.93 -39.57
C ARG J 56 -23.24 -9.70 -38.52
N ILE J 57 -23.36 -9.25 -37.28
CA ILE J 57 -22.65 -9.84 -36.15
C ILE J 57 -23.62 -10.72 -35.38
N ALA J 58 -23.20 -11.94 -35.07
CA ALA J 58 -24.04 -12.83 -34.30
C ALA J 58 -24.34 -12.22 -32.93
N PRO J 59 -25.52 -12.48 -32.38
CA PRO J 59 -25.88 -11.90 -31.07
C PRO J 59 -25.31 -12.72 -29.91
N ALA J 60 -25.61 -12.24 -28.69
CA ALA J 60 -25.31 -12.93 -27.42
C ALA J 60 -23.93 -13.58 -27.36
N LYS J 78 -23.89 -26.27 -32.82
CA LYS J 78 -23.37 -25.64 -34.03
C LYS J 78 -24.05 -24.30 -34.28
N ALA J 79 -23.30 -23.21 -34.05
CA ALA J 79 -23.75 -21.88 -34.45
C ALA J 79 -23.84 -21.72 -35.96
N MSE J 80 -23.45 -22.74 -36.71
CA MSE J 80 -23.60 -22.78 -38.16
C MSE J 80 -25.07 -22.70 -38.55
O MSE J 80 -25.43 -22.12 -39.57
CB MSE J 80 -22.97 -24.05 -38.71
CG MSE J 80 -21.47 -24.01 -38.82
SE MSE J 80 -20.90 -23.00 -40.40
CE MSE J 80 -21.54 -24.22 -41.78
N GLU J 81 -25.92 -23.32 -37.72
CA GLU J 81 -27.36 -23.27 -37.95
C GLU J 81 -27.84 -21.82 -37.98
N TRP J 82 -27.41 -21.00 -37.02
CA TRP J 82 -27.79 -19.59 -37.00
C TRP J 82 -27.38 -18.89 -38.29
N ALA J 83 -26.15 -19.13 -38.75
CA ALA J 83 -25.68 -18.50 -39.99
C ALA J 83 -26.54 -18.91 -41.17
N ARG J 84 -26.91 -20.18 -41.25
CA ARG J 84 -27.77 -20.63 -42.35
C ARG J 84 -29.15 -19.98 -42.28
N SER J 85 -29.64 -19.70 -41.07
CA SER J 85 -30.93 -19.02 -40.92
C SER J 85 -30.83 -17.55 -41.27
N GLN J 86 -29.63 -16.98 -41.26
CA GLN J 86 -29.40 -15.62 -41.73
C GLN J 86 -29.05 -15.57 -43.22
N ASN J 87 -29.07 -16.73 -43.89
CA ASN J 87 -28.67 -16.84 -45.30
C ASN J 87 -27.24 -16.39 -45.56
N ALA J 88 -26.36 -16.54 -44.58
CA ALA J 88 -24.97 -16.15 -44.76
C ALA J 88 -24.26 -17.13 -45.68
N ARG J 89 -23.48 -16.60 -46.62
CA ARG J 89 -22.65 -17.45 -47.47
C ARG J 89 -21.32 -17.82 -46.80
N TYR J 90 -20.76 -16.90 -45.99
CA TYR J 90 -19.50 -17.15 -45.29
C TYR J 90 -19.64 -16.67 -43.85
N VAL J 91 -18.90 -17.32 -42.96
CA VAL J 91 -18.77 -16.91 -41.56
C VAL J 91 -17.33 -16.49 -41.32
N LEU J 92 -17.15 -15.29 -40.79
CA LEU J 92 -15.86 -14.80 -40.36
C LEU J 92 -15.78 -15.02 -38.85
N SER J 93 -14.79 -15.78 -38.42
CA SER J 93 -14.52 -15.99 -37.01
C SER J 93 -13.04 -15.78 -36.75
N GLY J 94 -12.64 -15.84 -35.49
CA GLY J 94 -11.23 -15.72 -35.17
C GLY J 94 -11.00 -15.56 -33.67
N ALA J 95 -9.85 -14.96 -33.33
CA ALA J 95 -9.46 -14.85 -31.94
C ALA J 95 -8.56 -13.64 -31.80
N VAL J 96 -8.63 -12.99 -30.65
CA VAL J 96 -7.74 -11.90 -30.30
C VAL J 96 -6.70 -12.47 -29.35
N GLU J 97 -5.46 -12.52 -29.80
CA GLU J 97 -4.38 -12.98 -28.93
C GLU J 97 -3.69 -11.86 -28.16
N GLU J 98 -3.79 -10.62 -28.62
CA GLU J 98 -3.16 -9.53 -27.88
C GLU J 98 -3.92 -8.24 -28.20
N TRP J 99 -4.19 -7.45 -27.17
CA TRP J 99 -4.97 -6.22 -27.36
C TRP J 99 -4.80 -5.34 -26.15
N ARG J 100 -3.71 -4.58 -26.10
CA ARG J 100 -3.38 -3.86 -24.86
C ARG J 100 -2.33 -2.81 -25.17
N TYR J 101 -2.12 -1.91 -24.20
CA TYR J 101 -0.90 -1.10 -24.13
C TYR J 101 0.13 -1.88 -23.32
N LYS J 102 1.37 -1.87 -23.80
CA LYS J 102 2.43 -2.42 -22.98
C LYS J 102 2.58 -1.58 -21.70
N THR J 103 3.22 -2.17 -20.70
CA THR J 103 3.15 -1.56 -19.39
C THR J 103 3.99 -0.29 -19.32
N GLY J 104 3.51 0.64 -18.51
CA GLY J 104 4.26 1.85 -18.21
C GLY J 104 3.73 3.04 -18.97
N VAL J 105 4.10 4.23 -18.49
CA VAL J 105 3.86 5.46 -19.21
C VAL J 105 4.48 5.33 -20.59
N ASP J 106 3.73 5.74 -21.62
CA ASP J 106 4.20 5.60 -23.01
C ASP J 106 4.36 4.15 -23.45
N GLY J 107 3.76 3.19 -22.74
CA GLY J 107 3.73 1.82 -23.22
C GLY J 107 2.94 1.75 -24.53
N GLU J 108 3.50 1.10 -25.52
CA GLU J 108 2.94 1.16 -26.86
C GLU J 108 1.76 0.19 -27.03
N PRO J 109 0.81 0.52 -27.90
CA PRO J 109 -0.27 -0.44 -28.18
C PRO J 109 0.25 -1.60 -29.00
N VAL J 110 -0.23 -2.81 -28.67
CA VAL J 110 0.09 -4.04 -29.37
C VAL J 110 -1.20 -4.79 -29.66
N VAL J 111 -1.32 -5.33 -30.88
CA VAL J 111 -2.49 -6.09 -31.29
C VAL J 111 -2.04 -7.36 -31.99
N GLY J 112 -2.72 -8.47 -31.69
CA GLY J 112 -2.55 -9.72 -32.40
C GLY J 112 -3.89 -10.36 -32.65
N VAL J 113 -4.20 -10.70 -33.91
CA VAL J 113 -5.48 -11.30 -34.29
C VAL J 113 -5.24 -12.47 -35.25
N THR J 114 -6.13 -13.45 -35.18
CA THR J 114 -6.24 -14.55 -36.13
C THR J 114 -7.66 -14.57 -36.67
N PHE J 115 -7.81 -14.88 -37.94
CA PHE J 115 -9.14 -14.95 -38.52
C PHE J 115 -9.26 -16.21 -39.35
N GLU J 116 -10.50 -16.68 -39.49
CA GLU J 116 -10.81 -17.73 -40.45
C GLU J 116 -12.16 -17.43 -41.08
N LEU J 117 -12.26 -17.73 -42.37
CA LEU J 117 -13.46 -17.54 -43.15
C LEU J 117 -14.03 -18.91 -43.46
N ILE J 118 -15.24 -19.17 -42.98
CA ILE J 118 -15.86 -20.48 -43.08
C ILE J 118 -16.90 -20.47 -44.19
N ASP J 119 -16.85 -21.46 -45.06
CA ASP J 119 -17.84 -21.65 -46.13
C ASP J 119 -19.06 -22.34 -45.53
N VAL J 120 -20.17 -21.61 -45.43
CA VAL J 120 -21.37 -22.11 -44.79
C VAL J 120 -21.96 -23.33 -45.51
N SER J 121 -21.66 -23.49 -46.80
CA SER J 121 -22.23 -24.61 -47.54
C SER J 121 -21.60 -25.95 -47.16
N ASN J 122 -20.41 -25.96 -46.54
CA ASN J 122 -19.83 -27.23 -46.15
C ASN J 122 -19.00 -27.18 -44.86
N GLY J 123 -18.97 -26.06 -44.14
CA GLY J 123 -18.21 -25.97 -42.91
C GLY J 123 -16.72 -25.83 -43.07
N ALA J 124 -16.20 -25.84 -44.30
CA ALA J 124 -14.77 -25.78 -44.54
C ALA J 124 -14.22 -24.37 -44.35
N VAL J 125 -13.05 -24.29 -43.71
CA VAL J 125 -12.27 -23.07 -43.71
C VAL J 125 -11.66 -22.89 -45.09
N VAL J 126 -12.00 -21.80 -45.77
CA VAL J 126 -11.50 -21.54 -47.12
C VAL J 126 -10.55 -20.36 -47.17
N TRP J 127 -10.29 -19.73 -46.04
CA TRP J 127 -9.40 -18.57 -45.97
C TRP J 127 -9.08 -18.34 -44.51
N SER J 128 -7.82 -18.06 -44.22
CA SER J 128 -7.44 -17.70 -42.86
C SER J 128 -6.24 -16.77 -42.94
N ALA J 129 -5.96 -16.10 -41.82
CA ALA J 129 -4.91 -15.09 -41.78
C ALA J 129 -4.55 -14.82 -40.33
N THR J 130 -3.29 -14.41 -40.14
CA THR J 130 -2.77 -13.96 -38.86
C THR J 130 -2.15 -12.59 -39.04
N GLY J 131 -2.46 -11.68 -38.14
CA GLY J 131 -1.86 -10.36 -38.17
C GLY J 131 -1.42 -9.95 -36.77
N THR J 132 -0.28 -9.26 -36.72
CA THR J 132 0.19 -8.66 -35.48
C THR J 132 0.74 -7.28 -35.80
N ARG J 133 0.67 -6.37 -34.82
CA ARG J 133 1.18 -5.03 -35.02
C ARG J 133 1.55 -4.43 -33.68
N THR J 134 2.70 -3.78 -33.64
CA THR J 134 3.17 -3.00 -32.50
C THR J 134 3.17 -1.52 -32.91
N GLY J 135 2.38 -0.70 -32.21
CA GLY J 135 2.31 0.71 -32.52
C GLY J 135 3.46 1.50 -31.91
N TRP J 136 3.41 2.81 -32.11
CA TRP J 136 4.39 3.69 -31.51
C TRP J 136 3.92 4.11 -30.12
N SER J 137 4.87 4.60 -29.31
CA SER J 137 4.50 5.14 -28.01
C SER J 137 3.36 6.15 -28.12
N ARG J 138 3.29 6.87 -29.23
CA ARG J 138 2.31 7.92 -29.45
C ARG J 138 1.00 7.42 -30.03
N SER J 139 0.89 6.14 -30.40
CA SER J 139 -0.31 5.73 -31.12
C SER J 139 -1.37 5.19 -30.16
N GLY J 140 -2.61 5.19 -30.65
CA GLY J 140 -3.75 4.71 -29.90
C GLY J 140 -4.01 3.25 -30.23
N LEU J 141 -4.45 2.50 -29.22
CA LEU J 141 -4.72 1.08 -29.41
C LEU J 141 -5.82 0.86 -30.46
N SER J 142 -6.89 1.66 -30.43
CA SER J 142 -7.92 1.43 -31.43
C SER J 142 -7.46 1.81 -32.85
N SER J 143 -6.57 2.82 -32.98
CA SER J 143 -5.99 3.09 -34.30
C SER J 143 -5.18 1.91 -34.82
N VAL J 144 -4.35 1.33 -33.94
CA VAL J 144 -3.53 0.19 -34.35
C VAL J 144 -4.41 -1.00 -34.76
N ALA J 145 -5.42 -1.32 -33.94
CA ALA J 145 -6.25 -2.48 -34.24
C ALA J 145 -7.06 -2.27 -35.53
N THR J 146 -7.57 -1.06 -35.74
CA THR J 146 -8.34 -0.76 -36.95
C THR J 146 -7.49 -0.88 -38.20
N SER J 147 -6.28 -0.29 -38.18
CA SER J 147 -5.40 -0.41 -39.34
C SER J 147 -4.99 -1.85 -39.61
N LEU J 148 -4.63 -2.60 -38.56
CA LEU J 148 -4.20 -3.98 -38.74
C LEU J 148 -5.33 -4.83 -39.30
N ILE J 149 -6.53 -4.70 -38.73
CA ILE J 149 -7.63 -5.55 -39.16
C ILE J 149 -8.01 -5.23 -40.61
N ALA J 150 -7.98 -3.94 -40.98
CA ALA J 150 -8.20 -3.56 -42.38
C ALA J 150 -7.16 -4.22 -43.30
N LYS J 151 -5.88 -4.18 -42.92
CA LYS J 151 -4.86 -4.86 -43.72
C LYS J 151 -5.12 -6.37 -43.75
N VAL J 152 -5.41 -6.97 -42.59
CA VAL J 152 -5.55 -8.42 -42.51
C VAL J 152 -6.72 -8.89 -43.37
N LEU J 153 -7.85 -8.18 -43.30
CA LEU J 153 -9.05 -8.58 -44.03
C LEU J 153 -9.08 -8.07 -45.47
N SER J 154 -8.02 -7.44 -45.96
CA SER J 154 -8.08 -6.84 -47.29
C SER J 154 -8.28 -7.84 -48.45
N PRO J 155 -7.86 -9.12 -48.35
CA PRO J 155 -8.23 -10.06 -49.43
C PRO J 155 -9.73 -10.33 -49.52
N LEU J 156 -10.50 -9.90 -48.52
CA LEU J 156 -11.94 -10.09 -48.49
C LEU J 156 -12.72 -8.90 -49.06
N GLN J 157 -12.04 -7.94 -49.68
CA GLN J 157 -12.76 -6.89 -50.39
C GLN J 157 -13.56 -7.49 -51.54
N ALA J 158 -14.69 -6.87 -51.82
CA ALA J 158 -15.52 -7.30 -52.94
C ALA J 158 -14.75 -7.07 -54.22
N ARG J 159 -14.55 -8.13 -55.00
CA ARG J 159 -13.74 -8.07 -56.20
C ARG J 159 -14.53 -8.56 -57.42
N MSE K 4 -9.21 36.30 -11.56
CA MSE K 4 -8.96 34.90 -11.23
C MSE K 4 -10.19 34.03 -11.51
O MSE K 4 -10.12 32.81 -11.59
CB MSE K 4 -8.54 34.76 -9.75
N GLY K 5 -11.33 34.68 -11.70
CA GLY K 5 -12.55 33.99 -12.08
C GLY K 5 -13.54 34.95 -12.69
N THR K 6 -14.82 34.64 -12.52
CA THR K 6 -15.90 35.40 -13.13
C THR K 6 -17.00 35.60 -12.10
N VAL K 7 -17.63 36.76 -12.18
CA VAL K 7 -18.93 37.00 -11.57
C VAL K 7 -19.84 37.51 -12.68
N ARG K 8 -20.98 36.84 -12.87
CA ARG K 8 -21.95 37.25 -13.88
C ARG K 8 -23.34 37.20 -13.26
N GLN K 9 -24.01 38.35 -13.24
CA GLN K 9 -25.23 38.56 -12.46
C GLN K 9 -26.32 39.14 -13.36
N THR K 10 -27.57 38.99 -12.93
CA THR K 10 -28.69 39.65 -13.57
C THR K 10 -28.89 41.03 -12.96
N SER K 11 -29.88 41.76 -13.47
CA SER K 11 -30.37 42.93 -12.77
C SER K 11 -31.04 42.49 -11.47
N GLY K 12 -31.20 43.43 -10.55
CA GLY K 12 -31.71 43.09 -9.26
C GLY K 12 -32.41 44.24 -8.59
N PRO K 13 -33.13 43.96 -7.51
CA PRO K 13 -33.86 45.00 -6.79
C PRO K 13 -32.98 45.70 -5.76
N ALA K 14 -33.39 46.92 -5.41
CA ALA K 14 -32.70 47.72 -4.42
C ALA K 14 -33.23 47.35 -3.04
N LEU K 15 -32.39 46.69 -2.24
CA LEU K 15 -32.78 46.23 -0.91
C LEU K 15 -32.64 47.35 0.12
N ALA K 16 -33.64 47.46 1.00
CA ALA K 16 -33.59 48.38 2.11
C ALA K 16 -33.10 47.66 3.36
N ARG K 17 -32.60 48.44 4.32
CA ARG K 17 -32.03 47.85 5.53
C ARG K 17 -33.04 47.02 6.31
N GLY K 18 -34.33 47.14 6.02
CA GLY K 18 -35.36 46.40 6.73
C GLY K 18 -35.96 45.22 6.00
N ASP K 19 -35.41 44.82 4.85
CA ASP K 19 -35.96 43.67 4.14
C ASP K 19 -35.54 42.39 4.85
N LYS K 20 -36.50 41.56 5.25
CA LYS K 20 -36.19 40.31 5.95
C LYS K 20 -35.79 39.26 4.93
N VAL K 21 -34.59 38.71 5.09
CA VAL K 21 -34.01 37.78 4.12
C VAL K 21 -33.60 36.50 4.84
N ALA K 22 -34.15 35.37 4.39
CA ALA K 22 -33.82 34.07 4.95
C ALA K 22 -32.89 33.31 3.99
N VAL K 23 -31.68 33.00 4.46
CA VAL K 23 -30.74 32.20 3.69
C VAL K 23 -31.09 30.72 3.90
N VAL K 24 -31.46 30.04 2.81
CA VAL K 24 -31.93 28.66 2.92
C VAL K 24 -30.86 27.70 2.42
N SER K 25 -31.25 26.43 2.25
CA SER K 25 -30.33 25.32 1.98
C SER K 25 -29.51 25.53 0.71
N ILE K 26 -28.21 25.74 0.89
CA ILE K 26 -27.29 25.86 -0.23
C ILE K 26 -26.74 24.47 -0.52
N ALA K 27 -27.17 23.89 -1.63
CA ALA K 27 -26.81 22.53 -1.97
C ALA K 27 -25.29 22.38 -2.13
N ASN K 28 -24.77 21.26 -1.67
CA ASN K 28 -23.34 20.97 -1.73
C ASN K 28 -23.12 19.95 -2.83
N TYR K 29 -22.58 20.39 -3.98
CA TYR K 29 -22.28 19.48 -5.08
C TYR K 29 -20.80 19.13 -5.15
N THR K 30 -20.08 19.31 -4.06
CA THR K 30 -18.66 19.00 -4.01
C THR K 30 -18.43 17.76 -3.16
N GLU K 31 -17.18 17.32 -3.13
CA GLU K 31 -16.73 16.28 -2.21
C GLU K 31 -16.32 16.83 -0.85
N THR K 32 -16.51 18.13 -0.60
CA THR K 32 -16.08 18.70 0.68
C THR K 32 -17.24 18.71 1.64
N PRO K 33 -17.21 17.92 2.72
CA PRO K 33 -18.31 17.95 3.70
C PRO K 33 -18.57 19.36 4.21
N ASP K 34 -19.86 19.70 4.31
CA ASP K 34 -20.37 20.92 4.94
C ASP K 34 -20.04 22.19 4.18
N ALA K 35 -19.57 22.09 2.93
CA ALA K 35 -19.25 23.31 2.17
C ALA K 35 -20.51 24.15 1.94
N GLY K 36 -21.65 23.51 1.71
CA GLY K 36 -22.89 24.26 1.58
C GLY K 36 -23.26 25.01 2.84
N HIS K 37 -23.04 24.38 4.00
CA HIS K 37 -23.28 25.06 5.27
C HIS K 37 -22.30 26.20 5.48
N SER K 38 -21.03 25.98 5.13
CA SER K 38 -20.04 27.05 5.16
C SER K 38 -20.45 28.21 4.25
N ALA K 39 -20.99 27.91 3.07
CA ALA K 39 -21.48 28.95 2.18
C ALA K 39 -22.66 29.69 2.82
N GLU K 40 -23.52 28.97 3.52
CA GLU K 40 -24.68 29.61 4.16
C GLU K 40 -24.24 30.65 5.20
N SER K 41 -23.37 30.24 6.12
CA SER K 41 -22.92 31.13 7.19
C SER K 41 -22.20 32.35 6.62
N ILE K 42 -21.35 32.13 5.63
CA ILE K 42 -20.63 33.24 5.01
C ILE K 42 -21.60 34.18 4.31
N ALA K 43 -22.49 33.63 3.48
CA ALA K 43 -23.45 34.46 2.75
C ALA K 43 -24.35 35.24 3.71
N ALA K 44 -24.79 34.60 4.80
CA ALA K 44 -25.63 35.29 5.78
C ALA K 44 -24.91 36.49 6.38
N ASN K 45 -23.64 36.31 6.77
CA ASN K 45 -22.87 37.43 7.31
C ASN K 45 -22.62 38.48 6.24
N THR K 46 -22.46 38.06 4.97
CA THR K 46 -22.27 39.02 3.89
C THR K 46 -23.47 39.93 3.72
N LEU K 47 -24.67 39.35 3.78
CA LEU K 47 -25.88 40.15 3.63
C LEU K 47 -26.02 41.15 4.77
N ARG K 48 -25.73 40.72 6.00
CA ARG K 48 -25.78 41.65 7.13
C ARG K 48 -24.70 42.71 7.02
N ALA K 49 -23.49 42.32 6.58
CA ALA K 49 -22.42 43.30 6.38
C ALA K 49 -22.76 44.32 5.30
N GLY K 50 -23.67 43.99 4.39
CA GLY K 50 -24.13 44.87 3.35
C GLY K 50 -25.29 45.75 3.74
N GLY K 51 -25.84 45.57 4.95
CA GLY K 51 -26.88 46.44 5.47
C GLY K 51 -28.23 45.79 5.68
N ILE K 52 -28.37 44.50 5.42
CA ILE K 52 -29.62 43.80 5.69
C ILE K 52 -29.63 43.42 7.17
N ALA K 53 -30.50 44.06 7.94
CA ALA K 53 -30.41 43.96 9.39
C ALA K 53 -30.94 42.64 9.94
N ASP K 54 -31.77 41.93 9.17
CA ASP K 54 -32.39 40.68 9.64
C ASP K 54 -32.18 39.57 8.63
N VAL K 55 -31.25 38.66 8.94
CA VAL K 55 -30.98 37.48 8.12
C VAL K 55 -30.94 36.27 9.04
N ARG K 56 -31.67 35.21 8.69
CA ARG K 56 -31.64 33.96 9.42
C ARG K 56 -31.30 32.80 8.48
N ILE K 57 -30.74 31.74 9.05
CA ILE K 57 -30.46 30.51 8.30
C ILE K 57 -31.39 29.42 8.79
N ALA K 58 -31.85 28.58 7.87
CA ALA K 58 -32.69 27.45 8.23
C ALA K 58 -31.86 26.34 8.86
N PRO K 59 -32.47 25.53 9.75
CA PRO K 59 -31.75 24.43 10.38
C PRO K 59 -31.98 23.09 9.68
N GLN K 86 -40.06 32.72 9.91
CA GLN K 86 -40.89 32.84 8.72
C GLN K 86 -41.17 34.33 8.43
N ASN K 87 -41.92 34.60 7.35
CA ASN K 87 -42.37 35.93 6.94
C ASN K 87 -41.30 36.81 6.32
N ALA K 88 -40.27 36.21 5.73
CA ALA K 88 -39.25 36.99 5.05
C ALA K 88 -39.78 37.51 3.71
N ARG K 89 -39.20 38.62 3.24
CA ARG K 89 -39.59 39.20 1.96
C ARG K 89 -38.82 38.60 0.78
N TYR K 90 -37.55 38.23 0.98
CA TYR K 90 -36.76 37.56 -0.04
C TYR K 90 -36.10 36.32 0.55
N VAL K 91 -35.67 35.42 -0.32
CA VAL K 91 -34.92 34.24 0.10
C VAL K 91 -33.69 34.11 -0.78
N LEU K 92 -32.54 33.88 -0.14
CA LEU K 92 -31.31 33.57 -0.85
C LEU K 92 -31.11 32.06 -0.81
N SER K 93 -31.05 31.45 -1.99
CA SER K 93 -30.72 30.05 -2.16
C SER K 93 -29.56 29.94 -3.14
N GLY K 94 -29.04 28.73 -3.28
CA GLY K 94 -28.00 28.51 -4.27
C GLY K 94 -27.39 27.14 -4.12
N ALA K 95 -26.20 26.99 -4.68
CA ALA K 95 -25.52 25.71 -4.67
C ALA K 95 -24.03 25.95 -4.84
N VAL K 96 -23.24 25.06 -4.26
CA VAL K 96 -21.79 25.11 -4.36
C VAL K 96 -21.37 24.07 -5.38
N GLU K 97 -20.76 24.55 -6.47
CA GLU K 97 -20.26 23.66 -7.51
C GLU K 97 -18.80 23.28 -7.31
N GLU K 98 -18.05 24.07 -6.55
CA GLU K 98 -16.66 23.74 -6.27
C GLU K 98 -16.25 24.42 -4.99
N TRP K 99 -15.51 23.70 -4.17
CA TRP K 99 -15.05 24.17 -2.86
C TRP K 99 -13.93 23.26 -2.38
N ARG K 100 -12.72 23.46 -2.87
CA ARG K 100 -11.65 22.51 -2.56
C ARG K 100 -10.33 23.18 -2.91
N TYR K 101 -9.24 22.55 -2.45
CA TYR K 101 -7.91 22.77 -3.00
C TYR K 101 -7.70 21.78 -4.14
N LYS K 102 -7.09 22.24 -5.23
CA LYS K 102 -6.66 21.30 -6.24
C LYS K 102 -5.57 20.41 -5.66
N THR K 103 -5.41 19.23 -6.27
CA THR K 103 -4.58 18.18 -5.69
C THR K 103 -3.09 18.56 -5.70
N GLY K 104 -2.36 18.00 -4.74
CA GLY K 104 -0.92 18.17 -4.65
C GLY K 104 -0.56 19.31 -3.71
N VAL K 105 0.71 19.31 -3.28
CA VAL K 105 1.16 20.39 -2.41
C VAL K 105 1.13 21.69 -3.22
N ASP K 106 0.77 22.78 -2.55
CA ASP K 106 0.52 24.05 -3.23
C ASP K 106 -0.61 23.98 -4.26
N GLY K 107 -1.49 22.98 -4.20
CA GLY K 107 -2.66 23.04 -5.05
C GLY K 107 -3.53 24.21 -4.64
N GLU K 108 -4.02 25.00 -5.63
CA GLU K 108 -4.67 26.28 -5.34
C GLU K 108 -6.14 26.10 -4.92
N PRO K 109 -6.65 26.99 -4.09
CA PRO K 109 -8.07 26.93 -3.73
C PRO K 109 -8.93 27.36 -4.90
N VAL K 110 -10.04 26.65 -5.08
CA VAL K 110 -11.00 26.91 -6.17
C VAL K 110 -12.39 26.86 -5.57
N VAL K 111 -13.22 27.87 -5.92
CA VAL K 111 -14.58 27.99 -5.41
C VAL K 111 -15.51 28.30 -6.57
N GLY K 112 -16.66 27.61 -6.61
CA GLY K 112 -17.72 27.91 -7.55
C GLY K 112 -19.07 27.88 -6.86
N VAL K 113 -19.85 28.97 -6.98
CA VAL K 113 -21.15 29.10 -6.33
C VAL K 113 -22.14 29.74 -7.29
N THR K 114 -23.41 29.38 -7.11
CA THR K 114 -24.53 30.01 -7.78
C THR K 114 -25.50 30.46 -6.70
N PHE K 115 -26.10 31.63 -6.89
CA PHE K 115 -27.04 32.16 -5.92
C PHE K 115 -28.30 32.61 -6.65
N GLU K 116 -29.44 32.43 -5.98
CA GLU K 116 -30.73 32.87 -6.49
C GLU K 116 -31.45 33.65 -5.40
N LEU K 117 -31.99 34.82 -5.73
CA LEU K 117 -32.79 35.61 -4.81
C LEU K 117 -34.25 35.53 -5.24
N ILE K 118 -35.12 35.09 -4.32
CA ILE K 118 -36.49 34.72 -4.65
C ILE K 118 -37.44 35.56 -3.79
N ASP K 119 -38.35 36.27 -4.43
CA ASP K 119 -39.42 36.96 -3.72
C ASP K 119 -40.47 35.93 -3.30
N VAL K 120 -40.68 35.80 -1.99
CA VAL K 120 -41.59 34.77 -1.51
C VAL K 120 -43.03 35.07 -1.89
N SER K 121 -43.36 36.32 -2.19
CA SER K 121 -44.75 36.71 -2.42
C SER K 121 -45.33 36.07 -3.67
N ASN K 122 -44.50 35.84 -4.69
CA ASN K 122 -44.93 35.15 -5.90
C ASN K 122 -43.99 34.03 -6.32
N GLY K 123 -42.91 33.79 -5.58
CA GLY K 123 -41.99 32.72 -5.88
C GLY K 123 -41.02 32.98 -7.01
N ALA K 124 -41.06 34.16 -7.63
CA ALA K 124 -40.20 34.48 -8.76
C ALA K 124 -38.79 34.85 -8.30
N VAL K 125 -37.80 34.33 -9.02
CA VAL K 125 -36.40 34.72 -8.81
C VAL K 125 -36.25 36.15 -9.35
N VAL K 126 -35.98 37.11 -8.45
CA VAL K 126 -35.81 38.50 -8.88
C VAL K 126 -34.35 38.84 -9.15
N TRP K 127 -33.42 37.97 -8.80
CA TRP K 127 -32.01 38.23 -9.00
C TRP K 127 -31.27 36.91 -8.86
N SER K 128 -30.23 36.73 -9.66
CA SER K 128 -29.42 35.53 -9.61
C SER K 128 -28.01 35.87 -10.04
N ALA K 129 -27.05 35.05 -9.61
CA ALA K 129 -25.65 35.30 -9.90
C ALA K 129 -24.88 34.00 -9.81
N THR K 130 -23.81 33.93 -10.60
CA THR K 130 -22.85 32.84 -10.58
C THR K 130 -21.47 33.44 -10.38
N GLY K 131 -20.68 32.79 -9.54
CA GLY K 131 -19.34 33.27 -9.27
C GLY K 131 -18.37 32.13 -9.15
N THR K 132 -17.15 32.32 -9.66
CA THR K 132 -16.08 31.34 -9.54
C THR K 132 -14.77 32.08 -9.32
N ARG K 133 -13.82 31.40 -8.69
CA ARG K 133 -12.54 32.01 -8.42
C ARG K 133 -11.49 30.93 -8.22
N THR K 134 -10.28 31.18 -8.72
CA THR K 134 -9.08 30.37 -8.49
C THR K 134 -8.07 31.24 -7.73
N GLY K 135 -7.89 30.98 -6.44
CA GLY K 135 -6.91 31.71 -5.66
C GLY K 135 -5.49 31.30 -6.00
N TRP K 136 -4.52 32.00 -5.43
CA TRP K 136 -3.17 31.57 -5.75
C TRP K 136 -2.75 30.43 -4.82
N SER K 137 -1.64 29.77 -5.20
CA SER K 137 -1.16 28.59 -4.51
C SER K 137 -0.97 28.84 -3.01
N ARG K 138 -0.66 30.08 -2.62
CA ARG K 138 -0.39 30.36 -1.22
C ARG K 138 -1.58 31.01 -0.51
N SER K 139 -2.79 30.82 -1.03
CA SER K 139 -3.97 31.35 -0.36
C SER K 139 -4.82 30.23 0.20
N GLY K 140 -5.68 30.60 1.16
CA GLY K 140 -6.52 29.67 1.87
C GLY K 140 -7.93 29.67 1.30
N LEU K 141 -8.57 28.51 1.40
CA LEU K 141 -9.86 28.31 0.74
C LEU K 141 -10.94 29.22 1.34
N SER K 142 -10.96 29.36 2.67
CA SER K 142 -11.97 30.21 3.31
C SER K 142 -11.81 31.68 2.91
N SER K 143 -10.58 32.15 2.66
CA SER K 143 -10.40 33.53 2.19
C SER K 143 -10.93 33.69 0.78
N VAL K 144 -10.57 32.77 -0.11
CA VAL K 144 -11.07 32.84 -1.49
C VAL K 144 -12.60 32.82 -1.49
N ALA K 145 -13.19 31.92 -0.70
CA ALA K 145 -14.64 31.76 -0.69
C ALA K 145 -15.32 32.98 -0.06
N THR K 146 -14.77 33.48 1.05
CA THR K 146 -15.36 34.64 1.69
C THR K 146 -15.29 35.86 0.77
N SER K 147 -14.13 36.08 0.15
CA SER K 147 -14.00 37.19 -0.78
C SER K 147 -14.93 37.03 -1.98
N LEU K 148 -15.02 35.82 -2.55
CA LEU K 148 -15.86 35.60 -3.73
C LEU K 148 -17.33 35.83 -3.40
N ILE K 149 -17.80 35.26 -2.28
CA ILE K 149 -19.21 35.40 -1.94
C ILE K 149 -19.56 36.86 -1.71
N ALA K 150 -18.66 37.63 -1.08
CA ALA K 150 -18.89 39.06 -0.87
C ALA K 150 -19.05 39.79 -2.19
N LYS K 151 -18.27 39.41 -3.21
CA LYS K 151 -18.35 40.08 -4.49
C LYS K 151 -19.63 39.70 -5.23
N VAL K 152 -20.01 38.42 -5.15
CA VAL K 152 -21.20 37.92 -5.85
C VAL K 152 -22.47 38.53 -5.27
N LEU K 153 -22.52 38.70 -3.95
CA LEU K 153 -23.73 39.19 -3.29
C LEU K 153 -23.76 40.70 -3.15
N SER K 154 -22.76 41.42 -3.67
CA SER K 154 -22.76 42.86 -3.54
C SER K 154 -23.97 43.55 -4.15
N PRO K 155 -24.59 43.07 -5.24
CA PRO K 155 -25.86 43.68 -5.67
C PRO K 155 -26.96 43.62 -4.62
N LEU K 156 -26.83 42.79 -3.58
CA LEU K 156 -27.83 42.74 -2.53
C LEU K 156 -27.49 43.65 -1.34
N GLN K 157 -26.51 44.52 -1.48
CA GLN K 157 -26.24 45.53 -0.47
C GLN K 157 -27.45 46.44 -0.30
N ALA K 158 -27.65 46.93 0.93
CA ALA K 158 -28.73 47.86 1.21
C ALA K 158 -28.48 49.16 0.46
N ARG K 159 -29.40 49.49 -0.46
CA ARG K 159 -29.37 50.79 -1.11
C ARG K 159 -30.30 51.79 -0.41
N GLN K 160 -31.01 51.35 0.63
CA GLN K 160 -32.01 52.17 1.34
C GLN K 160 -32.98 52.86 0.40
N MSE L 4 6.67 30.76 19.81
CA MSE L 4 6.39 32.03 19.15
C MSE L 4 4.95 32.09 18.68
O MSE L 4 4.62 31.78 17.54
CB MSE L 4 7.34 32.24 17.99
CG MSE L 4 8.79 32.24 18.42
SE MSE L 4 9.85 31.90 16.84
CE MSE L 4 8.70 30.55 16.06
N GLY L 5 4.10 32.47 19.63
CA GLY L 5 2.75 32.86 19.37
C GLY L 5 2.46 34.02 20.30
N THR L 6 1.51 33.83 21.21
CA THR L 6 1.14 34.90 22.13
C THR L 6 0.75 34.29 23.46
N VAL L 7 0.82 35.13 24.50
CA VAL L 7 0.11 34.91 25.76
C VAL L 7 -0.73 36.15 26.01
N ARG L 8 -2.01 35.95 26.32
CA ARG L 8 -2.93 37.04 26.63
C ARG L 8 -3.61 36.71 27.94
N GLN L 9 -3.37 37.53 28.96
CA GLN L 9 -3.84 37.27 30.32
C GLN L 9 -4.76 38.40 30.77
N THR L 10 -5.81 38.04 31.49
CA THR L 10 -6.67 39.02 32.11
C THR L 10 -6.06 39.45 33.44
N SER L 11 -6.66 40.48 34.03
CA SER L 11 -6.30 40.81 35.41
C SER L 11 -6.68 39.64 36.31
N GLY L 12 -6.05 39.58 37.48
CA GLY L 12 -6.23 38.46 38.35
C GLY L 12 -6.01 38.77 39.82
N PRO L 13 -6.43 37.87 40.68
CA PRO L 13 -6.18 38.04 42.11
C PRO L 13 -4.77 37.59 42.48
N ALA L 14 -4.25 38.20 43.54
CA ALA L 14 -2.96 37.80 44.08
C ALA L 14 -3.16 36.52 44.88
N LEU L 15 -2.47 35.46 44.48
CA LEU L 15 -2.56 34.20 45.22
C LEU L 15 -1.52 34.16 46.32
N ALA L 16 -1.84 33.42 47.38
CA ALA L 16 -0.93 33.20 48.50
C ALA L 16 -0.49 31.75 48.51
N ARG L 17 0.56 31.47 49.29
CA ARG L 17 1.10 30.11 49.33
C ARG L 17 0.05 29.11 49.79
N GLY L 18 -0.79 29.49 50.75
CA GLY L 18 -1.81 28.65 51.34
C GLY L 18 -3.15 28.62 50.64
N ASP L 19 -3.28 29.20 49.45
CA ASP L 19 -4.50 29.03 48.67
C ASP L 19 -4.50 27.63 48.06
N LYS L 20 -5.38 26.76 48.55
CA LYS L 20 -5.50 25.42 47.98
C LYS L 20 -6.12 25.50 46.59
N VAL L 21 -5.48 24.83 45.62
CA VAL L 21 -5.88 24.93 44.21
C VAL L 21 -6.12 23.54 43.66
N ALA L 22 -7.28 23.33 43.05
CA ALA L 22 -7.61 22.09 42.38
C ALA L 22 -7.52 22.27 40.86
N VAL L 23 -6.72 21.42 40.21
CA VAL L 23 -6.68 21.36 38.75
C VAL L 23 -7.64 20.27 38.31
N VAL L 24 -8.68 20.65 37.60
CA VAL L 24 -9.70 19.70 37.14
C VAL L 24 -9.46 19.45 35.67
N SER L 25 -10.29 18.58 35.07
CA SER L 25 -10.11 18.10 33.71
C SER L 25 -9.83 19.21 32.72
N ILE L 26 -8.65 19.16 32.12
CA ILE L 26 -8.28 20.00 30.99
C ILE L 26 -8.69 19.28 29.71
N ALA L 27 -9.57 19.90 28.93
CA ALA L 27 -10.12 19.27 27.74
C ALA L 27 -9.03 19.09 26.67
N ASN L 28 -9.15 18.01 25.91
CA ASN L 28 -8.18 17.68 24.86
C ASN L 28 -8.91 17.82 23.52
N TYR L 29 -8.67 18.92 22.82
CA TYR L 29 -9.28 19.18 21.52
C TYR L 29 -8.33 18.89 20.36
N THR L 30 -7.31 18.10 20.61
CA THR L 30 -6.33 17.70 19.62
C THR L 30 -6.49 16.22 19.34
N GLU L 31 -5.73 15.73 18.37
CA GLU L 31 -5.67 14.32 18.08
C GLU L 31 -4.46 13.64 18.73
N THR L 32 -3.78 14.32 19.66
CA THR L 32 -2.71 13.71 20.43
C THR L 32 -3.34 13.09 21.69
N PRO L 33 -3.37 11.76 21.82
CA PRO L 33 -3.93 11.15 23.03
C PRO L 33 -3.27 11.68 24.28
N ASP L 34 -4.08 11.93 25.31
CA ASP L 34 -3.64 12.31 26.67
C ASP L 34 -3.03 13.70 26.76
N ALA L 35 -3.05 14.50 25.68
CA ALA L 35 -2.46 15.84 25.74
C ALA L 35 -3.06 16.67 26.86
N GLY L 36 -4.36 16.51 27.13
CA GLY L 36 -4.95 17.23 28.24
C GLY L 36 -4.40 16.79 29.58
N HIS L 37 -4.19 15.48 29.76
CA HIS L 37 -3.60 15.00 31.01
C HIS L 37 -2.18 15.49 31.16
N SER L 38 -1.41 15.49 30.06
CA SER L 38 -0.08 16.07 30.11
C SER L 38 -0.15 17.53 30.54
N ALA L 39 -1.08 18.30 29.94
CA ALA L 39 -1.26 19.69 30.36
C ALA L 39 -1.62 19.78 31.82
N GLU L 40 -2.48 18.86 32.28
CA GLU L 40 -2.86 18.83 33.70
C GLU L 40 -1.64 18.67 34.60
N SER L 41 -0.78 17.69 34.28
CA SER L 41 0.38 17.42 35.13
C SER L 41 1.37 18.57 35.10
N ILE L 42 1.63 19.12 33.92
CA ILE L 42 2.56 20.23 33.81
C ILE L 42 2.03 21.44 34.57
N ALA L 43 0.74 21.74 34.42
CA ALA L 43 0.15 22.90 35.08
C ALA L 43 0.26 22.78 36.59
N ALA L 44 0.06 21.57 37.13
CA ALA L 44 0.12 21.39 38.58
C ALA L 44 1.51 21.72 39.11
N ASN L 45 2.55 21.14 38.49
CA ASN L 45 3.91 21.43 38.89
C ASN L 45 4.26 22.90 38.67
N THR L 46 3.69 23.54 37.64
CA THR L 46 3.91 24.97 37.43
C THR L 46 3.38 25.79 38.60
N LEU L 47 2.16 25.50 39.05
CA LEU L 47 1.60 26.27 40.17
C LEU L 47 2.41 26.04 41.43
N ARG L 48 2.77 24.79 41.69
CA ARG L 48 3.59 24.46 42.87
C ARG L 48 4.93 25.18 42.81
N ALA L 49 5.61 25.10 41.67
CA ALA L 49 6.87 25.82 41.50
C ALA L 49 6.66 27.31 41.66
N GLY L 50 5.46 27.82 41.35
CA GLY L 50 5.10 29.21 41.54
C GLY L 50 4.83 29.62 42.99
N GLY L 51 4.93 28.69 43.94
CA GLY L 51 4.80 29.01 45.35
C GLY L 51 3.51 28.55 45.98
N ILE L 52 2.53 28.07 45.20
CA ILE L 52 1.29 27.55 45.78
C ILE L 52 1.59 26.17 46.37
N ALA L 53 1.46 26.06 47.70
CA ALA L 53 1.92 24.87 48.40
C ALA L 53 1.05 23.65 48.06
N ASP L 54 -0.25 23.74 48.28
CA ASP L 54 -1.17 22.62 48.10
C ASP L 54 -1.83 22.72 46.74
N VAL L 55 -1.48 21.79 45.84
CA VAL L 55 -2.07 21.73 44.50
C VAL L 55 -2.37 20.27 44.18
N ARG L 56 -3.65 19.95 43.96
CA ARG L 56 -4.10 18.57 43.70
C ARG L 56 -4.85 18.49 42.38
N ILE L 57 -4.66 17.39 41.65
CA ILE L 57 -5.33 17.13 40.37
C ILE L 57 -6.52 16.22 40.60
N ALA L 58 -7.65 16.46 39.84
CA ALA L 58 -8.82 15.62 40.04
C ALA L 58 -8.76 14.35 39.19
N PRO L 59 -9.37 13.24 39.65
CA PRO L 59 -9.42 11.97 38.91
C PRO L 59 -10.24 12.04 37.62
N MSE L 80 -17.81 19.50 39.14
CA MSE L 80 -18.79 18.64 39.79
C MSE L 80 -18.50 18.51 41.28
O MSE L 80 -17.89 17.53 41.71
CB MSE L 80 -18.80 17.25 39.14
N GLU L 81 -18.94 19.51 42.05
CA GLU L 81 -18.76 19.53 43.50
C GLU L 81 -17.30 19.32 43.87
N TRP L 82 -16.88 18.05 43.92
CA TRP L 82 -15.55 17.57 44.28
C TRP L 82 -14.64 18.59 44.94
N ALA L 83 -14.29 19.67 44.22
CA ALA L 83 -13.45 20.70 44.80
C ALA L 83 -14.07 21.28 46.07
N ARG L 84 -15.42 21.32 46.14
CA ARG L 84 -16.06 21.72 47.38
C ARG L 84 -15.76 20.74 48.49
N SER L 85 -15.72 19.44 48.17
CA SER L 85 -15.28 18.41 49.11
C SER L 85 -13.76 18.26 49.16
N GLN L 86 -13.03 19.32 48.80
CA GLN L 86 -11.59 19.36 48.94
C GLN L 86 -11.08 20.61 49.64
N ASN L 87 -11.98 21.50 50.07
CA ASN L 87 -11.64 22.78 50.68
C ASN L 87 -10.72 23.63 49.79
N ALA L 88 -10.74 23.40 48.48
CA ALA L 88 -9.89 24.17 47.58
C ALA L 88 -10.51 25.54 47.33
N ARG L 89 -9.66 26.57 47.35
CA ARG L 89 -10.16 27.93 47.12
C ARG L 89 -10.39 28.21 45.65
N TYR L 90 -9.53 27.68 44.77
CA TYR L 90 -9.61 27.94 43.35
C TYR L 90 -9.55 26.65 42.56
N VAL L 91 -10.22 26.65 41.42
CA VAL L 91 -10.16 25.56 40.44
C VAL L 91 -9.43 26.08 39.21
N LEU L 92 -8.45 25.33 38.74
CA LEU L 92 -7.76 25.64 37.50
C LEU L 92 -8.26 24.69 36.43
N SER L 93 -8.78 25.25 35.35
CA SER L 93 -9.32 24.46 34.26
C SER L 93 -8.86 25.08 32.96
N GLY L 94 -9.17 24.40 31.86
CA GLY L 94 -8.78 24.88 30.55
C GLY L 94 -8.99 23.82 29.49
N ALA L 95 -8.30 24.02 28.37
CA ALA L 95 -8.41 23.15 27.21
C ALA L 95 -7.14 23.27 26.39
N VAL L 96 -6.71 22.16 25.79
CA VAL L 96 -5.59 22.17 24.85
C VAL L 96 -6.12 22.27 23.42
N GLU L 97 -5.74 23.33 22.71
CA GLU L 97 -6.20 23.48 21.33
C GLU L 97 -5.23 22.88 20.32
N GLU L 98 -3.95 22.78 20.67
CA GLU L 98 -2.96 22.25 19.75
C GLU L 98 -1.82 21.70 20.58
N TRP L 99 -1.33 20.53 20.17
CA TRP L 99 -0.27 19.86 20.91
C TRP L 99 0.34 18.78 20.02
N ARG L 100 1.22 19.17 19.10
CA ARG L 100 1.74 18.21 18.13
C ARG L 100 3.02 18.75 17.51
N TYR L 101 3.70 17.87 16.79
CA TYR L 101 4.66 18.26 15.77
C TYR L 101 3.92 18.46 14.46
N LYS L 102 4.21 19.56 13.77
CA LYS L 102 3.71 19.70 12.42
C LYS L 102 4.27 18.56 11.55
N THR L 103 3.59 18.29 10.45
CA THR L 103 3.86 17.09 9.67
C THR L 103 5.25 17.14 9.03
N GLY L 104 5.87 15.97 8.90
CA GLY L 104 7.10 15.83 8.16
C GLY L 104 8.34 15.75 9.06
N VAL L 105 9.44 15.36 8.43
CA VAL L 105 10.74 15.40 9.07
C VAL L 105 11.06 16.85 9.42
N ASP L 106 11.56 17.08 10.64
CA ASP L 106 11.83 18.43 11.14
C ASP L 106 10.56 19.27 11.30
N GLY L 107 9.38 18.67 11.23
CA GLY L 107 8.17 19.37 11.58
C GLY L 107 8.25 19.94 12.99
N GLU L 108 7.91 21.24 13.15
CA GLU L 108 8.15 21.91 14.41
C GLU L 108 7.04 21.64 15.42
N PRO L 109 7.35 21.70 16.71
CA PRO L 109 6.31 21.54 17.73
C PRO L 109 5.47 22.79 17.86
N VAL L 110 4.16 22.59 18.08
CA VAL L 110 3.21 23.70 18.21
C VAL L 110 2.27 23.38 19.36
N VAL L 111 1.97 24.38 20.18
CA VAL L 111 1.15 24.20 21.37
C VAL L 111 0.16 25.34 21.47
N GLY L 112 -1.08 25.02 21.84
CA GLY L 112 -2.04 26.06 22.14
C GLY L 112 -2.92 25.67 23.30
N VAL L 113 -3.03 26.57 24.30
CA VAL L 113 -3.73 26.27 25.55
C VAL L 113 -4.57 27.47 25.97
N THR L 114 -5.70 27.19 26.61
CA THR L 114 -6.49 28.16 27.34
C THR L 114 -6.65 27.68 28.76
N PHE L 115 -6.57 28.61 29.73
CA PHE L 115 -6.77 28.29 31.13
C PHE L 115 -7.78 29.23 31.75
N GLU L 116 -8.59 28.73 32.67
CA GLU L 116 -9.51 29.54 33.47
C GLU L 116 -9.26 29.25 34.95
N LEU L 117 -9.36 30.28 35.77
CA LEU L 117 -9.26 30.14 37.21
C LEU L 117 -10.63 30.45 37.81
N ILE L 118 -11.19 29.48 38.53
CA ILE L 118 -12.57 29.55 39.00
C ILE L 118 -12.57 29.65 40.51
N ASP L 119 -13.36 30.57 41.04
CA ASP L 119 -13.56 30.68 42.48
C ASP L 119 -14.62 29.70 42.91
N VAL L 120 -14.23 28.75 43.78
CA VAL L 120 -15.17 27.72 44.22
C VAL L 120 -16.25 28.30 45.14
N SER L 121 -16.04 29.49 45.70
CA SER L 121 -17.02 30.05 46.61
C SER L 121 -18.21 30.70 45.90
N ASN L 122 -18.15 30.88 44.58
CA ASN L 122 -19.26 31.48 43.87
C ASN L 122 -19.35 31.01 42.42
N GLY L 123 -18.33 30.29 41.96
CA GLY L 123 -18.31 29.77 40.62
C GLY L 123 -17.80 30.71 39.54
N ALA L 124 -17.41 31.92 39.91
CA ALA L 124 -17.02 32.92 38.91
C ALA L 124 -15.61 32.65 38.38
N VAL L 125 -15.42 32.96 37.11
CA VAL L 125 -14.08 32.99 36.52
C VAL L 125 -13.42 34.28 36.95
N VAL L 126 -12.31 34.16 37.69
CA VAL L 126 -11.62 35.33 38.24
C VAL L 126 -10.35 35.66 37.48
N TRP L 127 -9.91 34.80 36.57
CA TRP L 127 -8.70 34.99 35.79
C TRP L 127 -8.70 33.97 34.67
N SER L 128 -8.23 34.38 33.50
CA SER L 128 -8.12 33.46 32.37
C SER L 128 -6.99 33.91 31.46
N ALA L 129 -6.53 32.99 30.62
CA ALA L 129 -5.42 33.28 29.73
C ALA L 129 -5.40 32.28 28.58
N THR L 130 -4.98 32.77 27.42
CA THR L 130 -4.71 31.95 26.25
C THR L 130 -3.23 32.07 25.91
N GLY L 131 -2.62 30.97 25.48
CA GLY L 131 -1.23 31.01 25.05
C GLY L 131 -0.97 30.09 23.87
N THR L 132 -0.13 30.52 22.92
CA THR L 132 0.26 29.68 21.80
C THR L 132 1.77 29.80 21.60
N ARG L 133 2.38 28.75 21.04
CA ARG L 133 3.82 28.82 20.78
C ARG L 133 4.17 27.84 19.67
N THR L 134 5.10 28.24 18.81
CA THR L 134 5.67 27.43 17.75
C THR L 134 7.18 27.33 17.97
N GLY L 135 7.67 26.12 18.25
CA GLY L 135 9.11 25.93 18.38
C GLY L 135 9.77 25.88 17.03
N TRP L 136 11.10 25.79 17.04
CA TRP L 136 11.71 25.55 15.74
C TRP L 136 11.83 24.05 15.51
N SER L 137 12.37 23.68 14.36
CA SER L 137 12.33 22.30 13.89
C SER L 137 13.04 21.35 14.84
N ARG L 138 14.12 21.80 15.48
CA ARG L 138 14.93 20.92 16.30
C ARG L 138 14.53 20.95 17.78
N SER L 139 13.35 21.47 18.11
CA SER L 139 12.94 21.54 19.51
C SER L 139 11.95 20.42 19.84
N GLY L 140 11.77 20.19 21.14
CA GLY L 140 10.92 19.13 21.63
C GLY L 140 9.56 19.67 22.03
N LEU L 141 8.51 18.91 21.68
CA LEU L 141 7.15 19.33 22.02
C LEU L 141 6.99 19.52 23.53
N SER L 142 7.51 18.59 24.33
CA SER L 142 7.39 18.74 25.77
C SER L 142 8.14 19.97 26.28
N SER L 143 9.32 20.28 25.71
CA SER L 143 10.00 21.52 26.09
C SER L 143 9.14 22.74 25.78
N VAL L 144 8.51 22.77 24.61
CA VAL L 144 7.70 23.95 24.24
C VAL L 144 6.45 24.03 25.11
N ALA L 145 5.76 22.90 25.31
CA ALA L 145 4.58 22.91 26.18
C ALA L 145 4.94 23.37 27.59
N THR L 146 6.04 22.89 28.13
CA THR L 146 6.42 23.23 29.50
C THR L 146 6.77 24.71 29.62
N SER L 147 7.60 25.20 28.72
CA SER L 147 7.96 26.61 28.76
C SER L 147 6.72 27.49 28.60
N LEU L 148 5.82 27.13 27.67
CA LEU L 148 4.65 27.96 27.41
C LEU L 148 3.73 28.00 28.62
N ILE L 149 3.47 26.84 29.22
CA ILE L 149 2.52 26.80 30.32
C ILE L 149 3.05 27.53 31.55
N ALA L 150 4.38 27.48 31.76
CA ALA L 150 4.97 28.27 32.84
C ALA L 150 4.73 29.76 32.61
N LYS L 151 4.88 30.22 31.37
CA LYS L 151 4.66 31.64 31.08
C LYS L 151 3.19 32.02 31.21
N VAL L 152 2.28 31.14 30.78
CA VAL L 152 0.86 31.47 30.81
C VAL L 152 0.35 31.59 32.23
N LEU L 153 0.73 30.65 33.11
CA LEU L 153 0.28 30.66 34.49
C LEU L 153 1.11 31.56 35.39
N SER L 154 2.11 32.27 34.86
CA SER L 154 2.97 33.09 35.71
C SER L 154 2.21 34.12 36.55
N PRO L 155 1.11 34.72 36.10
CA PRO L 155 0.36 35.61 37.01
C PRO L 155 -0.23 34.92 38.23
N LEU L 156 -0.15 33.59 38.33
CA LEU L 156 -0.67 32.86 39.47
C LEU L 156 0.43 32.46 40.45
N GLN L 157 1.64 32.99 40.28
CA GLN L 157 2.70 32.78 41.26
C GLN L 157 2.32 33.39 42.60
N ALA L 158 2.81 32.80 43.68
CA ALA L 158 2.49 33.29 45.01
C ALA L 158 3.25 34.59 45.27
N ARG L 159 2.53 35.66 45.57
CA ARG L 159 3.12 36.98 45.80
C ARG L 159 3.29 37.29 47.28
#